data_7USL
#
_entry.id   7USL
#
_cell.length_a   1.00
_cell.length_b   1.00
_cell.length_c   1.00
_cell.angle_alpha   90.00
_cell.angle_beta   90.00
_cell.angle_gamma   90.00
#
_symmetry.space_group_name_H-M   'P 1'
#
loop_
_entity.id
_entity.type
_entity.pdbx_description
1 polymer 'Integrin alpha-M'
2 polymer 'Integrin beta'
3 polymer 'Bifunctional hemolysin-adenylate cyclase'
4 polymer 'M1F5 fab heavy chain'
5 polymer 'M1F5 fab light chain'
6 branched 2-acetamido-2-deoxy-beta-D-glucopyranose-(1-4)-2-acetamido-2-deoxy-beta-D-glucopyranose
7 branched 2-acetamido-2-deoxy-beta-D-glucopyranose-(1-4)-[alpha-L-fucopyranose-(1-6)]2-acetamido-2-deoxy-beta-D-glucopyranose
8 non-polymer 'CALCIUM ION'
9 non-polymer 2-acetamido-2-deoxy-beta-D-glucopyranose
#
loop_
_entity_poly.entity_id
_entity_poly.type
_entity_poly.pdbx_seq_one_letter_code
_entity_poly.pdbx_strand_id
1 'polypeptide(L)'
;FNLDTENAMTFQENARGFGQSVVQLQGSRVVVGAPQEIVAANQRGSLYQCDYSTGSCEPIRLQVPVEAVNMSLGLSLAAT
TSPPQLLACGPTVHQTCSENTYVKGLCFLFGSNLRQQPQKFPEALRGCPQEDSDIAFLIDGSGSIIPHDFRRMKEFVSTV
MEQLKKSKTLFSLMQYSEEFRIHFTFKEFQNNPNPRSLVKPITQLLGRTHTATGIRKVVRELFNITNGARKNAFKILVVI
TDGEKFGDPLGYEDVIPEADREGVIRYVIGVGDAFRSEKSRQELNTIASKPPRDHVFQVNNFEALKTIQNQLREKIFAIE
GTQTGSSSSFEHEMSQEGFSAAITSNGPLLSTVGSYDWAGGVFLYTSKEKSTFINMTRVDSDMNDAYLGYAAAIILRNRV
QSLVLGAPRYQHIGLVAMFRQNTGMWESNANVKGTQIGAYFGASLCSVDVDSNGSTDLVLIGAPHYYEQTRGGQVSVCPL
PRGRARWQCDAVLYGEQGQPWGRFGAALTVLGDVNGDKLTDVAIGAPGEEDNRGAVYLFHGTSGSGISPSHSQRIAGSKL
SPRLQYFGQSLSGGQDLTMDGLVDLTVGAQGHVLLLRSQPVLRVKAIMEFNPREVARNVFECNDQVVKGKEAGEVRVCLH
VQKSTRDRLREGQIQSVVTYDLALDSGRPHSRAVFNETKNSTRRQTQVLGLTQTCETLKLQLPNCIEDPVSPIVLRLNFS
LVGTPLSAFGNLRPVLAEDAQRLFTALFPFEKNCGNDNICQDDLSITFSFMSLDCLVVGGPREFNVTVTVRNDGEDSYRT
QVTFFFPLDLSYRKVSTLQNQRSQRSWRLACESASSTEVSGALKSTSCSINHPIFPENSEVTFNITFDVDSKASLGNKLL
LKANVTSENNMPRTNKTEFQLELPVKYAVYMVVTSHGVSTKYLNFTASENTSRVMQHQYQVSNLGQRSLPISLVFLVPVR
LNQTVIWDRPQVTFSENLSSTCHTKERLPSHSDFLAELRKAPVVNCSIAVCQRIQCDIPFFGIQEEFNATLKGNLSFDWY
IKTSHNHLLIVSTAEILFNDSVFTLLPGQGAFVRSQTETKVEPFEVPNGCGGLEVLFQGPGENAQCEKELQALEKENAQL
EWELQALEKELAQWSHPQFEKGGGSGGGGSGGSAWSHPQFEK
;
A
2 'polypeptide(L)'
;QECTKFKVSSCRECIESGPGCTWCQKLNFTGPGDPDSIRCDTRPQLLMRGCAADDIMDPTSLAETQEDHNGGQKQLSPQK
VTLYLRPGQAAAFNVTFRRAKGYPIDLYYLMDLSYSMLDDLRNVKKLGGDLLRALNEITESGRIGFGSFVDKTVLPFVNT
HPDKLRNPCPNKEKECQPPFAFRHVLKLTNNSNQFQTEVGKQLISGNLDAPEGGLDAMMQVAACPEEIGWRNVTRLLVFA
TDDGFHFAGDGKLGAILTPNDGRCHLEDNLYKRSNEFDYPSVGQLAHKLAENNIQPIFAVTSRMVKTYEKLTEIIPKSAV
GELSEDSSNVVHLIKNAYNKLSSRVFLDHNALPDTLKVTYDSFCSNGVTHRNQPRGDCDGVQINVPITFQVKVTATECIQ
EQSFVIRALGFTDIVTVQVLPQCECRCRDQSRDRSLCHGKGFLECGICRCDTGYIGKNCECQTQGRSSQELEGSCRKDNN
SIICSGLGDCVCGQCLCHTSDVPGKLIYGQYCECDTINCERYNGQVCGGPGRGLCFCGKCRCHPGFEGSACQCERTTEGC
LNPRRVECSGRGRCRCNVCECHSGYQLPLCQECPGCPSPCGKYISCAECLKFEKGPFGKNCSAACPGLQLSNNPVKGRTC
KERDSEGCWVAYTLEQQDGMDRYLIYVDESRECVAGPDGCGLEVLFQGPGKNAQCKKKLQALKKKNAQLKWKLQALKKKL
AQGGHHHHHH
;
B
3 'polypeptide(L)'
;GPGSANSDGLRKMLADLQAGWNASSVIGVQTTEISKSALELAAITGNADNLKSVDVFVDRFVQGERVAGQPVVLDVAAGG
IDIASRKGERPALTFITPLAAPGEEQRRRTKTGKSEFTTFVEIVGKQDRWRIRDGAADTTIDLAKVVSQLVDANGVLKHS
IKLDVIGGDGDDVVLANASRIHYDGGAGTNTVSYAALGRQDSITVSADGERFNVRKQLNNANVYREGVATQTTAYGKRTE
NVQYRHVELARVGQLVEVDTLEHVQHIIGGAGNDSITGNAHDNFLAGGSGDDRLDGGAGNDTLVGGEGQNTVIGGAGDDV
FLQDLGVWSNQLDGGAGVDTVKYNVHQPSEERLERMGDTGIHADLQKGTVEKWPALNLFSVDHVKNIENLHGSRLNDRIA
GDDQDNELWGHDGNDTIRGRGGDDILRGGLGLDTLYGEDGNDIFLQDDETVSDDIDGGAGLDTVDYSAMIHPGRIVAPHE
YGFGIEADLSREWVRKASALGVDYYDNVRNVENVIGTSMKDVLIGDAQANTLMGQGGDDTVRGGDGDDLLFGGDGNDMLY
GDAGNDTLYGGLGDDTLEGGAGNDWFGQTQAREHDVLRGGDGVDTVDYSQTGAHAGIAAGRIGLGILADLGAGRVDKLGE
AGSSAYDTVSGIENVVGTELADRITGDAQANVLRGAGGADVLAGGEGDDVLLGGDGDDQLSGDAGRDRLYGEAGDDWFFQ
DAANAGNLLDGGDGRDTVDFSGPGRGLDAGAKGVFLSLGKGFASLMDEPETSNVLRNIENAVGSARDDVLIGDAGANVLN
GLAGNDVLSGGAGDDVLLGDEGSDLLSGDAGNDDLFGGQGDDTYLFGVGYGHDTIYESGGGHDTIRINAGADQLWFARQG
NDLEIRILGTDDALTVHDWYRDADHRVEIIHAANQAVDQAGIEKLVEAMAQYPDPGAAAAAPPAARVPDTLMQSLAVNWR
;
C
4 'polypeptide(L)'
;QVQLKQSGPELVKPGASVRMSCKGSGYSFTFHNIHWVKQRPGQGLEWIGWIYPGDGNTKYNEKFKGKTTLTVDKSSNTAY
MLLSSLTSEDSAIYFCAYGNYYFDQWGQGTTLTVSSRSTKGPSVFPLAPSSKSTSGGTAALGCLVKDYFPEPVTVSWNSG
ALTSGVHTFPAVLQSSGLYSLSSVVTVPSSSLGTQTYICNVNHKPSNTKVDKKVEPKSCDKGLEVLFQ
;
H
5 'polypeptide(L)'
;IQMMQSTSSLSASLGDRVTISCSASQGITNYLNWYQQKPDGTVKLLIYYTSSLHSGVPSRFSGSGSGTDYSLTISNLEPE
DIATYYCQQYSNLPWTFGGGTKLEIKRTVAAPSVFIFPPSDEQLKSGTASVVCLLNNFYPREAKVQWKVDNALQSGNSQE
SVTEQDSKDSTYSLSSTLTLSKADYEKHKVYACEVTHQGLSSPVTKSFNRGEC
;
L
#
# COMPACT_ATOMS: atom_id res chain seq x y z
N PHE A 1 12.06 -0.14 -18.75
CA PHE A 1 12.45 0.55 -19.96
C PHE A 1 13.70 1.39 -19.75
N ASN A 2 14.14 1.47 -18.49
CA ASN A 2 15.28 2.30 -18.11
C ASN A 2 16.40 1.48 -17.49
N LEU A 3 16.51 0.21 -17.86
CA LEU A 3 17.62 -0.63 -17.45
C LEU A 3 18.70 -0.59 -18.52
N ASP A 4 19.93 -0.29 -18.11
CA ASP A 4 21.05 -0.17 -19.04
C ASP A 4 21.48 -1.54 -19.56
N THR A 5 21.77 -1.60 -20.85
CA THR A 5 22.22 -2.84 -21.48
C THR A 5 23.49 -2.69 -22.30
N GLU A 6 23.91 -1.48 -22.65
CA GLU A 6 25.10 -1.28 -23.46
C GLU A 6 26.36 -1.08 -22.64
N ASN A 7 26.22 -0.76 -21.35
CA ASN A 7 27.35 -0.48 -20.47
C ASN A 7 27.29 -1.36 -19.24
N ALA A 8 27.04 -2.65 -19.44
CA ALA A 8 26.91 -3.60 -18.34
C ALA A 8 28.27 -4.20 -18.02
N MET A 9 28.70 -4.09 -16.76
CA MET A 9 29.95 -4.69 -16.33
C MET A 9 29.73 -6.16 -15.98
N THR A 10 30.65 -6.99 -16.45
CA THR A 10 30.55 -8.45 -16.31
C THR A 10 31.70 -8.95 -15.45
N PHE A 11 31.37 -9.69 -14.40
CA PHE A 11 32.36 -10.43 -13.62
C PHE A 11 32.48 -11.84 -14.20
N GLN A 12 33.71 -12.27 -14.43
CA GLN A 12 33.98 -13.60 -14.95
C GLN A 12 34.89 -14.35 -13.99
N GLU A 13 34.57 -15.62 -13.76
CA GLU A 13 35.37 -16.48 -12.91
C GLU A 13 35.28 -17.91 -13.42
N ASN A 14 36.41 -18.60 -13.41
CA ASN A 14 36.49 -19.95 -13.94
C ASN A 14 36.05 -21.03 -12.96
N ALA A 15 35.68 -20.65 -11.74
CA ALA A 15 35.21 -21.62 -10.76
C ALA A 15 33.87 -22.23 -11.21
N ARG A 16 33.71 -23.52 -10.97
CA ARG A 16 32.49 -24.20 -11.36
C ARG A 16 31.31 -23.72 -10.53
N GLY A 17 30.16 -23.57 -11.18
CA GLY A 17 28.98 -23.08 -10.51
C GLY A 17 28.94 -21.60 -10.28
N PHE A 18 29.89 -20.85 -10.83
CA PHE A 18 29.94 -19.41 -10.59
C PHE A 18 28.72 -18.73 -11.20
N GLY A 19 28.03 -17.92 -10.39
CA GLY A 19 26.82 -17.26 -10.81
C GLY A 19 25.54 -17.97 -10.42
N GLN A 20 25.63 -19.09 -9.71
CA GLN A 20 24.44 -19.84 -9.34
C GLN A 20 23.63 -19.11 -8.27
N SER A 21 24.30 -18.51 -7.30
CA SER A 21 23.65 -17.72 -6.26
C SER A 21 24.29 -16.35 -6.19
N VAL A 22 23.46 -15.32 -6.06
CA VAL A 22 23.92 -13.94 -6.10
C VAL A 22 23.14 -13.14 -5.05
N VAL A 23 23.82 -12.21 -4.39
CA VAL A 23 23.19 -11.33 -3.41
C VAL A 23 23.99 -10.04 -3.30
N GLN A 24 23.29 -8.92 -3.19
CA GLN A 24 23.91 -7.62 -2.98
C GLN A 24 24.21 -7.41 -1.50
N LEU A 25 25.28 -6.67 -1.22
CA LEU A 25 25.75 -6.49 0.16
C LEU A 25 26.29 -5.07 0.35
N GLN A 26 25.66 -4.33 1.26
CA GLN A 26 26.16 -3.05 1.78
C GLN A 26 26.36 -1.99 0.71
N GLY A 27 25.62 -2.05 -0.38
CA GLY A 27 25.62 -0.96 -1.33
C GLY A 27 26.90 -0.73 -2.09
N SER A 28 27.88 -1.63 -1.97
CA SER A 28 29.12 -1.50 -2.74
C SER A 28 29.63 -2.82 -3.31
N ARG A 29 29.16 -3.97 -2.86
CA ARG A 29 29.71 -5.25 -3.28
C ARG A 29 28.58 -6.25 -3.49
N VAL A 30 28.89 -7.29 -4.25
CA VAL A 30 27.95 -8.36 -4.55
C VAL A 30 28.64 -9.69 -4.29
N VAL A 31 27.94 -10.60 -3.63
CA VAL A 31 28.48 -11.90 -3.25
C VAL A 31 27.94 -12.96 -4.20
N VAL A 32 28.84 -13.79 -4.72
CA VAL A 32 28.50 -14.82 -5.68
C VAL A 32 29.02 -16.17 -5.18
N GLY A 33 28.18 -17.19 -5.24
CA GLY A 33 28.56 -18.52 -4.82
C GLY A 33 28.94 -19.42 -5.98
N ALA A 34 29.83 -20.37 -5.71
CA ALA A 34 30.30 -21.34 -6.69
C ALA A 34 30.16 -22.74 -6.07
N PRO A 35 28.94 -23.28 -6.05
CA PRO A 35 28.68 -24.49 -5.25
C PRO A 35 29.49 -25.72 -5.62
N GLN A 36 29.82 -25.91 -6.90
CA GLN A 36 30.44 -27.16 -7.34
C GLN A 36 31.94 -27.07 -7.52
N GLU A 37 32.57 -25.96 -7.18
CA GLU A 37 34.01 -25.82 -7.32
C GLU A 37 34.72 -26.56 -6.19
N ILE A 38 35.76 -27.32 -6.55
CA ILE A 38 36.50 -28.14 -5.59
C ILE A 38 37.65 -27.29 -5.06
N VAL A 39 37.51 -26.81 -3.82
CA VAL A 39 38.55 -26.00 -3.20
C VAL A 39 39.77 -26.88 -2.87
N ALA A 40 39.52 -28.03 -2.27
CA ALA A 40 40.58 -28.93 -1.84
C ALA A 40 40.00 -30.34 -1.75
N ALA A 41 40.74 -31.24 -1.10
CA ALA A 41 40.26 -32.60 -0.93
C ALA A 41 39.08 -32.63 0.04
N ASN A 42 38.00 -33.30 -0.37
CA ASN A 42 36.78 -33.42 0.43
C ASN A 42 36.19 -32.05 0.78
N GLN A 43 36.35 -31.09 -0.13
CA GLN A 43 35.76 -29.76 0.03
C GLN A 43 35.11 -29.36 -1.29
N ARG A 44 33.90 -28.82 -1.22
CA ARG A 44 33.16 -28.41 -2.41
C ARG A 44 32.36 -27.16 -2.07
N GLY A 45 32.52 -26.13 -2.89
CA GLY A 45 31.79 -24.89 -2.69
C GLY A 45 32.72 -23.77 -2.28
N SER A 46 32.44 -22.56 -2.79
CA SER A 46 33.27 -21.41 -2.51
C SER A 46 32.45 -20.14 -2.70
N LEU A 47 32.89 -19.08 -2.05
CA LEU A 47 32.21 -17.78 -2.10
C LEU A 47 33.15 -16.72 -2.65
N TYR A 48 32.58 -15.75 -3.34
CA TYR A 48 33.34 -14.66 -3.94
C TYR A 48 32.68 -13.33 -3.60
N GLN A 49 33.52 -12.29 -3.46
CA GLN A 49 33.08 -10.95 -3.10
C GLN A 49 33.51 -10.01 -4.21
N CYS A 50 32.58 -9.63 -5.09
CA CYS A 50 32.91 -8.89 -6.30
C CYS A 50 32.48 -7.43 -6.17
N ASP A 51 33.40 -6.54 -6.50
CA ASP A 51 33.26 -5.10 -6.27
C ASP A 51 33.11 -4.37 -7.59
N TYR A 52 32.25 -3.35 -7.60
CA TYR A 52 32.07 -2.54 -8.80
C TYR A 52 33.19 -1.55 -9.01
N SER A 53 33.83 -1.08 -7.91
CA SER A 53 34.87 -0.07 -8.04
C SER A 53 36.07 -0.62 -8.81
N THR A 54 36.48 -1.84 -8.52
CA THR A 54 37.66 -2.43 -9.15
C THR A 54 37.32 -3.31 -10.35
N GLY A 55 36.17 -3.99 -10.34
CA GLY A 55 35.76 -4.82 -11.44
C GLY A 55 36.23 -6.26 -11.39
N SER A 56 36.99 -6.64 -10.37
CA SER A 56 37.45 -8.01 -10.20
C SER A 56 37.11 -8.47 -8.79
N CYS A 57 37.34 -9.74 -8.51
CA CYS A 57 37.03 -10.25 -7.18
C CYS A 57 37.83 -11.49 -6.84
N GLU A 58 37.91 -11.74 -5.52
CA GLU A 58 38.74 -12.74 -4.88
C GLU A 58 37.90 -13.50 -3.85
N PRO A 59 38.26 -14.74 -3.57
CA PRO A 59 37.44 -15.55 -2.65
C PRO A 59 37.45 -15.01 -1.24
N ILE A 60 36.34 -15.22 -0.54
CA ILE A 60 36.24 -14.86 0.87
C ILE A 60 36.82 -16.00 1.69
N ARG A 61 37.81 -15.69 2.51
CA ARG A 61 38.45 -16.72 3.34
C ARG A 61 37.47 -17.22 4.38
N LEU A 62 37.39 -18.55 4.51
CA LEU A 62 36.46 -19.16 5.46
C LEU A 62 37.02 -20.50 5.88
N GLN A 63 37.11 -20.72 7.19
CA GLN A 63 37.65 -21.96 7.73
C GLN A 63 36.53 -22.99 7.80
N VAL A 64 36.55 -23.94 6.90
CA VAL A 64 35.51 -24.97 6.84
C VAL A 64 35.83 -26.05 7.88
N PRO A 65 34.87 -26.42 8.72
CA PRO A 65 35.11 -27.53 9.66
C PRO A 65 35.35 -28.83 8.92
N VAL A 66 36.14 -29.71 9.54
CA VAL A 66 36.55 -30.95 8.88
C VAL A 66 35.35 -31.86 8.66
N GLU A 67 34.31 -31.77 9.50
CA GLU A 67 33.14 -32.60 9.34
C GLU A 67 32.28 -32.19 8.15
N ALA A 68 32.49 -30.99 7.61
CA ALA A 68 31.67 -30.47 6.52
C ALA A 68 32.27 -30.84 5.16
N VAL A 69 32.25 -32.14 4.87
CA VAL A 69 32.80 -32.63 3.61
C VAL A 69 31.79 -32.42 2.49
N ASN A 70 32.26 -31.84 1.38
CA ASN A 70 31.45 -31.65 0.17
C ASN A 70 30.16 -30.87 0.46
N MET A 71 30.26 -29.88 1.35
CA MET A 71 29.08 -29.20 1.86
C MET A 71 28.34 -28.39 0.80
N SER A 72 28.98 -28.10 -0.34
CA SER A 72 28.39 -27.29 -1.40
C SER A 72 28.04 -25.88 -0.89
N LEU A 73 29.03 -25.23 -0.30
CA LEU A 73 28.85 -23.87 0.20
C LEU A 73 28.52 -22.93 -0.94
N GLY A 74 27.55 -22.05 -0.71
CA GLY A 74 27.14 -21.07 -1.70
C GLY A 74 25.89 -21.42 -2.48
N LEU A 75 25.24 -22.54 -2.17
CA LEU A 75 24.02 -22.90 -2.90
C LEU A 75 22.86 -21.98 -2.53
N SER A 76 22.85 -21.44 -1.32
CA SER A 76 21.83 -20.49 -0.90
C SER A 76 22.49 -19.34 -0.17
N LEU A 77 21.96 -18.13 -0.38
CA LEU A 77 22.48 -16.93 0.23
C LEU A 77 21.33 -16.06 0.72
N ALA A 78 21.62 -15.22 1.71
CA ALA A 78 20.67 -14.21 2.18
C ALA A 78 21.45 -13.05 2.77
N ALA A 79 20.78 -11.90 2.85
CA ALA A 79 21.42 -10.70 3.37
C ALA A 79 20.36 -9.76 3.95
N THR A 80 20.81 -8.85 4.82
CA THR A 80 19.98 -7.81 5.40
C THR A 80 20.61 -6.46 5.10
N THR A 81 19.79 -5.50 4.67
CA THR A 81 20.31 -4.20 4.27
C THR A 81 20.78 -3.39 5.48
N SER A 82 20.04 -3.45 6.59
CA SER A 82 20.39 -2.68 7.78
C SER A 82 19.83 -3.35 9.03
N PRO A 83 20.68 -3.84 9.94
CA PRO A 83 22.15 -3.82 9.86
C PRO A 83 22.70 -4.79 8.83
N PRO A 84 23.88 -4.49 8.29
CA PRO A 84 24.49 -5.38 7.30
C PRO A 84 24.78 -6.75 7.88
N GLN A 85 24.21 -7.77 7.25
CA GLN A 85 24.47 -9.17 7.60
C GLN A 85 24.49 -10.00 6.33
N LEU A 86 25.19 -11.13 6.40
CA LEU A 86 25.29 -12.06 5.28
C LEU A 86 25.15 -13.47 5.81
N LEU A 87 24.31 -14.27 5.16
CA LEU A 87 24.11 -15.67 5.51
C LEU A 87 24.43 -16.54 4.31
N ALA A 88 25.34 -17.48 4.49
CA ALA A 88 25.74 -18.42 3.45
C ALA A 88 25.60 -19.84 3.98
N CYS A 89 25.06 -20.72 3.15
CA CYS A 89 24.71 -22.07 3.59
C CYS A 89 25.24 -23.10 2.61
N GLY A 90 25.58 -24.27 3.13
CA GLY A 90 25.85 -25.43 2.33
C GLY A 90 25.00 -26.59 2.80
N PRO A 91 24.03 -27.00 1.97
CA PRO A 91 23.05 -27.99 2.42
C PRO A 91 23.40 -29.44 2.11
N THR A 92 24.64 -29.72 1.72
CA THR A 92 24.99 -31.04 1.23
C THR A 92 26.20 -31.58 2.01
N VAL A 93 26.12 -31.53 3.33
CA VAL A 93 27.17 -32.07 4.18
C VAL A 93 27.03 -33.58 4.24
N HIS A 94 28.08 -34.30 3.84
CA HIS A 94 28.03 -35.76 3.76
C HIS A 94 28.55 -36.39 5.05
N GLN A 95 27.68 -36.41 6.04
CA GLN A 95 28.01 -37.06 7.31
C GLN A 95 28.04 -38.57 7.10
N THR A 96 29.22 -39.16 7.21
CA THR A 96 29.43 -40.57 6.92
C THR A 96 29.48 -41.36 8.23
N CYS A 97 28.63 -42.37 8.34
CA CYS A 97 28.52 -43.20 9.53
C CYS A 97 29.05 -44.59 9.21
N SER A 98 28.90 -45.50 10.19
CA SER A 98 29.42 -46.85 10.03
C SER A 98 28.70 -47.60 8.92
N GLU A 99 27.39 -47.43 8.82
CA GLU A 99 26.60 -48.15 7.83
C GLU A 99 25.85 -47.25 6.86
N ASN A 100 25.64 -45.98 7.19
CA ASN A 100 24.86 -45.08 6.36
C ASN A 100 25.64 -43.80 6.10
N THR A 101 25.13 -42.99 5.19
CA THR A 101 25.65 -41.67 4.91
C THR A 101 24.47 -40.70 4.82
N TYR A 102 24.56 -39.59 5.52
CA TYR A 102 23.46 -38.64 5.65
C TYR A 102 23.84 -37.31 5.04
N VAL A 103 22.83 -36.54 4.64
CA VAL A 103 23.02 -35.24 4.00
C VAL A 103 22.41 -34.19 4.93
N LYS A 104 23.26 -33.57 5.74
CA LYS A 104 22.87 -32.50 6.63
C LYS A 104 23.34 -31.17 6.06
N GLY A 105 23.20 -30.09 6.82
CA GLY A 105 23.54 -28.77 6.33
C GLY A 105 24.16 -27.90 7.40
N LEU A 106 24.93 -26.92 6.93
CA LEU A 106 25.55 -25.92 7.79
C LEU A 106 25.33 -24.54 7.19
N CYS A 107 25.30 -23.53 8.06
CA CYS A 107 25.16 -22.15 7.65
C CYS A 107 26.08 -21.26 8.45
N PHE A 108 26.56 -20.20 7.81
CA PHE A 108 27.52 -19.26 8.40
C PHE A 108 26.95 -17.86 8.31
N LEU A 109 26.89 -17.18 9.46
CA LEU A 109 26.40 -15.82 9.53
C LEU A 109 27.55 -14.85 9.62
N PHE A 110 27.52 -13.81 8.80
CA PHE A 110 28.57 -12.79 8.77
C PHE A 110 27.99 -11.46 9.22
N GLY A 111 28.81 -10.69 9.93
CA GLY A 111 28.45 -9.33 10.32
C GLY A 111 28.87 -8.33 9.27
N SER A 112 29.27 -7.15 9.74
CA SER A 112 29.71 -6.10 8.82
C SER A 112 31.03 -6.45 8.14
N ASN A 113 31.92 -7.15 8.85
CA ASN A 113 33.21 -7.54 8.30
C ASN A 113 33.22 -9.05 8.06
N LEU A 114 33.82 -9.46 6.94
CA LEU A 114 33.77 -10.84 6.49
C LEU A 114 34.98 -11.63 7.00
N ARG A 115 35.12 -11.66 8.32
CA ARG A 115 36.27 -12.30 8.95
C ARG A 115 35.90 -13.35 10.01
N GLN A 116 34.87 -13.11 10.81
CA GLN A 116 34.43 -14.06 11.83
C GLN A 116 32.98 -14.46 11.55
N GLN A 117 32.71 -15.76 11.61
CA GLN A 117 31.37 -16.25 11.29
C GLN A 117 30.93 -17.33 12.27
N PRO A 118 29.81 -17.12 12.96
CA PRO A 118 29.23 -18.22 13.75
C PRO A 118 28.68 -19.32 12.87
N GLN A 119 28.71 -20.53 13.40
CA GLN A 119 28.23 -21.73 12.70
C GLN A 119 26.89 -22.13 13.31
N LYS A 120 25.87 -22.26 12.47
CA LYS A 120 24.54 -22.63 12.94
C LYS A 120 24.28 -24.13 12.75
N PHE A 330 14.68 -40.54 8.24
CA PHE A 330 13.27 -40.66 8.58
C PHE A 330 12.77 -39.45 9.36
N GLU A 331 13.49 -39.09 10.44
CA GLU A 331 13.12 -37.94 11.27
C GLU A 331 14.38 -37.13 11.55
N HIS A 332 14.54 -36.04 10.80
CA HIS A 332 15.62 -35.07 10.96
C HIS A 332 17.01 -35.63 10.66
N GLU A 333 17.10 -36.78 10.02
CA GLU A 333 18.41 -37.31 9.63
C GLU A 333 18.87 -36.71 8.30
N MET A 334 18.04 -36.81 7.26
CA MET A 334 18.36 -36.26 5.95
C MET A 334 17.74 -34.88 5.85
N SER A 335 18.17 -33.99 6.74
CA SER A 335 17.53 -32.69 6.88
C SER A 335 17.83 -31.74 5.74
N GLN A 336 19.07 -31.74 5.23
CA GLN A 336 19.51 -30.77 4.24
C GLN A 336 19.23 -29.34 4.71
N GLU A 337 19.51 -29.10 6.00
CA GLU A 337 19.21 -27.82 6.59
C GLU A 337 19.96 -26.70 5.89
N GLY A 338 19.26 -25.59 5.63
CA GLY A 338 19.84 -24.48 4.91
C GLY A 338 19.63 -24.50 3.41
N PHE A 339 18.73 -25.35 2.91
CA PHE A 339 18.49 -25.41 1.47
C PHE A 339 18.01 -24.07 0.94
N SER A 340 17.08 -23.44 1.64
CA SER A 340 16.75 -22.04 1.45
C SER A 340 16.71 -21.37 2.82
N ALA A 341 17.19 -20.13 2.88
CA ALA A 341 17.35 -19.48 4.17
C ALA A 341 17.01 -18.00 4.08
N ALA A 342 16.56 -17.44 5.20
CA ALA A 342 16.24 -16.03 5.32
C ALA A 342 16.68 -15.56 6.69
N ILE A 343 16.79 -14.24 6.84
CA ILE A 343 17.24 -13.62 8.07
C ILE A 343 16.07 -12.86 8.67
N THR A 344 15.58 -13.32 9.82
CA THR A 344 14.59 -12.59 10.58
C THR A 344 15.28 -11.63 11.55
N SER A 345 14.49 -10.73 12.13
CA SER A 345 15.05 -9.82 13.13
C SER A 345 15.45 -10.58 14.39
N ASN A 346 14.79 -11.69 14.69
CA ASN A 346 15.18 -12.51 15.82
C ASN A 346 16.42 -13.35 15.53
N GLY A 347 16.55 -13.84 14.30
CA GLY A 347 17.69 -14.64 13.93
C GLY A 347 17.52 -15.35 12.60
N PRO A 348 18.47 -16.22 12.26
CA PRO A 348 18.41 -16.93 10.98
C PRO A 348 17.23 -17.88 10.90
N LEU A 349 16.75 -18.09 9.68
CA LEU A 349 15.63 -18.99 9.38
C LEU A 349 16.09 -19.99 8.34
N LEU A 350 16.26 -21.25 8.76
CA LEU A 350 16.83 -22.29 7.93
C LEU A 350 15.77 -23.34 7.64
N SER A 351 15.58 -23.68 6.37
CA SER A 351 14.57 -24.65 5.98
C SER A 351 15.19 -26.04 5.80
N THR A 352 14.39 -27.06 6.07
CA THR A 352 14.82 -28.46 5.97
C THR A 352 13.82 -29.18 5.06
N VAL A 353 14.19 -29.37 3.80
CA VAL A 353 13.30 -30.01 2.84
C VAL A 353 13.17 -31.51 3.07
N GLY A 354 14.06 -32.10 3.85
CA GLY A 354 14.08 -33.53 4.04
C GLY A 354 13.48 -34.06 5.34
N SER A 355 12.94 -33.19 6.19
CA SER A 355 12.43 -33.64 7.47
C SER A 355 11.17 -34.48 7.30
N TYR A 356 11.11 -35.59 8.05
CA TYR A 356 9.92 -36.43 8.16
C TYR A 356 9.47 -36.94 6.79
N ASP A 357 10.35 -37.75 6.19
CA ASP A 357 10.12 -38.36 4.88
C ASP A 357 9.87 -37.29 3.81
N TRP A 358 10.72 -36.27 3.83
CA TRP A 358 10.70 -35.18 2.85
C TRP A 358 9.36 -34.44 2.85
N ALA A 359 8.75 -34.33 4.02
CA ALA A 359 7.56 -33.48 4.15
C ALA A 359 7.93 -32.01 4.20
N GLY A 360 9.05 -31.67 4.83
CA GLY A 360 9.52 -30.30 4.87
C GLY A 360 9.42 -29.70 6.26
N GLY A 361 9.76 -28.42 6.32
CA GLY A 361 9.75 -27.69 7.57
C GLY A 361 10.67 -26.50 7.48
N VAL A 362 10.88 -25.86 8.63
CA VAL A 362 11.79 -24.74 8.73
C VAL A 362 12.23 -24.61 10.19
N PHE A 363 13.48 -24.19 10.38
CA PHE A 363 14.03 -23.92 11.71
C PHE A 363 14.20 -22.42 11.88
N LEU A 364 13.61 -21.88 12.96
CA LEU A 364 13.73 -20.46 13.29
C LEU A 364 14.57 -20.33 14.54
N TYR A 365 15.75 -19.72 14.40
CA TYR A 365 16.67 -19.56 15.51
C TYR A 365 16.45 -18.21 16.17
N THR A 366 16.07 -18.22 17.45
CA THR A 366 15.99 -17.01 18.24
C THR A 366 17.31 -16.67 18.92
N SER A 367 18.19 -17.65 19.06
CA SER A 367 19.52 -17.44 19.60
C SER A 367 20.46 -18.42 18.92
N LYS A 368 21.73 -18.43 19.36
CA LYS A 368 22.70 -19.33 18.76
C LYS A 368 22.40 -20.78 19.09
N GLU A 369 21.74 -21.04 20.22
CA GLU A 369 21.46 -22.40 20.67
C GLU A 369 19.99 -22.67 20.92
N LYS A 370 19.10 -21.77 20.50
CA LYS A 370 17.66 -21.94 20.68
C LYS A 370 16.98 -21.86 19.31
N SER A 371 16.12 -22.84 19.03
CA SER A 371 15.43 -22.89 17.75
C SER A 371 14.07 -23.54 17.95
N THR A 372 13.15 -23.23 17.02
CA THR A 372 11.82 -23.81 17.01
C THR A 372 11.55 -24.39 15.63
N PHE A 373 10.82 -25.50 15.60
CA PHE A 373 10.51 -26.20 14.36
C PHE A 373 9.08 -25.86 13.93
N ILE A 374 8.92 -25.40 12.69
CA ILE A 374 7.64 -24.99 12.14
C ILE A 374 7.34 -25.85 10.93
N ASN A 375 6.16 -26.45 10.90
CA ASN A 375 5.77 -27.32 9.80
C ASN A 375 4.25 -27.49 9.81
N MET A 376 3.75 -28.42 9.00
CA MET A 376 2.33 -28.73 8.92
C MET A 376 1.91 -29.66 10.04
N THR A 377 0.66 -30.12 9.97
CA THR A 377 0.12 -31.11 10.88
C THR A 377 -0.09 -32.42 10.12
N ARG A 378 0.39 -33.52 10.70
CA ARG A 378 0.34 -34.81 10.01
C ARG A 378 -0.98 -35.50 10.34
N VAL A 379 -2.02 -35.10 9.62
CA VAL A 379 -3.30 -35.80 9.69
C VAL A 379 -3.31 -37.02 8.78
N ASP A 380 -2.42 -37.07 7.80
CA ASP A 380 -2.32 -38.18 6.87
C ASP A 380 -0.97 -38.08 6.18
N SER A 381 -0.68 -39.04 5.30
CA SER A 381 0.57 -39.07 4.56
C SER A 381 0.50 -38.26 3.27
N ASP A 382 -0.44 -37.34 3.14
CA ASP A 382 -0.56 -36.55 1.93
C ASP A 382 0.57 -35.54 1.77
N MET A 383 1.23 -35.16 2.86
CA MET A 383 2.32 -34.18 2.79
C MET A 383 3.68 -34.81 2.62
N ASN A 384 3.77 -36.13 2.53
CA ASN A 384 5.05 -36.78 2.24
C ASN A 384 5.55 -36.38 0.86
N ASP A 385 6.86 -36.18 0.75
CA ASP A 385 7.52 -35.90 -0.52
C ASP A 385 7.03 -34.58 -1.12
N ALA A 386 6.79 -33.59 -0.26
CA ALA A 386 6.31 -32.29 -0.69
C ALA A 386 7.43 -31.26 -0.84
N TYR A 387 8.55 -31.45 -0.14
CA TYR A 387 9.69 -30.51 -0.17
C TYR A 387 9.27 -29.13 0.32
N LEU A 388 8.57 -29.08 1.44
CA LEU A 388 8.23 -27.79 2.05
C LEU A 388 9.50 -27.10 2.53
N GLY A 389 9.59 -25.81 2.26
CA GLY A 389 10.80 -25.06 2.53
C GLY A 389 11.77 -24.97 1.37
N TYR A 390 11.37 -25.47 0.19
CA TYR A 390 12.17 -25.26 -1.01
C TYR A 390 12.36 -23.77 -1.29
N ALA A 391 11.36 -22.96 -0.96
CA ALA A 391 11.45 -21.51 -1.02
C ALA A 391 10.85 -20.93 0.25
N ALA A 392 11.28 -19.71 0.59
CA ALA A 392 10.82 -19.08 1.82
C ALA A 392 10.80 -17.57 1.64
N ALA A 393 9.94 -16.92 2.43
CA ALA A 393 9.82 -15.47 2.40
C ALA A 393 9.26 -15.00 3.74
N ILE A 394 9.40 -13.70 4.00
CA ILE A 394 8.93 -13.09 5.24
C ILE A 394 7.96 -11.96 4.87
N ILE A 395 6.79 -11.97 5.48
CA ILE A 395 5.79 -10.93 5.28
C ILE A 395 5.75 -10.04 6.51
N LEU A 396 5.50 -8.75 6.28
CA LEU A 396 5.48 -7.74 7.32
C LEU A 396 4.13 -7.04 7.36
N ARG A 397 3.60 -6.87 8.57
CA ARG A 397 2.41 -6.04 8.78
C ARG A 397 2.38 -5.62 10.24
N ASN A 398 2.26 -4.32 10.48
CA ASN A 398 2.29 -3.74 11.83
C ASN A 398 3.58 -4.12 12.57
N ARG A 399 4.68 -4.19 11.83
CA ARG A 399 6.01 -4.44 12.38
C ARG A 399 6.08 -5.75 13.15
N VAL A 400 5.37 -6.77 12.66
CA VAL A 400 5.52 -8.14 13.16
C VAL A 400 5.67 -9.06 11.96
N GLN A 401 6.58 -10.02 12.06
CA GLN A 401 6.95 -10.85 10.92
C GLN A 401 6.15 -12.15 10.89
N SER A 402 6.00 -12.69 9.69
CA SER A 402 5.32 -13.95 9.45
C SER A 402 5.94 -14.61 8.23
N LEU A 403 5.76 -15.91 8.11
CA LEU A 403 6.50 -16.72 7.14
C LEU A 403 5.60 -17.26 6.04
N VAL A 404 6.17 -17.38 4.84
CA VAL A 404 5.55 -18.04 3.71
C VAL A 404 6.51 -19.11 3.20
N LEU A 405 6.01 -20.35 3.09
CA LEU A 405 6.82 -21.49 2.69
C LEU A 405 6.21 -22.17 1.48
N GLY A 406 7.06 -22.58 0.54
CA GLY A 406 6.62 -23.20 -0.71
C GLY A 406 7.00 -24.67 -0.77
N ALA A 407 6.05 -25.51 -1.19
CA ALA A 407 6.25 -26.94 -1.38
C ALA A 407 5.89 -27.28 -2.82
N PRO A 408 6.88 -27.36 -3.72
CA PRO A 408 6.58 -27.52 -5.14
C PRO A 408 6.23 -28.93 -5.58
N ARG A 409 6.25 -29.91 -4.68
CA ARG A 409 5.98 -31.29 -5.04
C ARG A 409 4.77 -31.87 -4.33
N TYR A 410 3.93 -31.04 -3.73
CA TYR A 410 2.80 -31.55 -2.95
C TYR A 410 1.76 -32.14 -3.89
N GLN A 411 1.57 -33.45 -3.80
CA GLN A 411 0.67 -34.19 -4.70
C GLN A 411 1.02 -33.95 -6.16
N HIS A 412 2.29 -33.71 -6.45
CA HIS A 412 2.84 -33.43 -7.78
C HIS A 412 2.32 -32.13 -8.39
N ILE A 413 1.55 -31.34 -7.65
CA ILE A 413 0.96 -30.14 -8.23
C ILE A 413 1.48 -28.88 -7.55
N GLY A 414 1.83 -28.97 -6.28
CA GLY A 414 2.40 -27.85 -5.57
C GLY A 414 1.47 -27.31 -4.49
N LEU A 415 2.03 -26.43 -3.66
CA LEU A 415 1.36 -25.85 -2.51
C LEU A 415 2.22 -24.72 -1.96
N VAL A 416 1.56 -23.65 -1.48
CA VAL A 416 2.22 -22.53 -0.83
C VAL A 416 1.50 -22.25 0.48
N ALA A 417 2.26 -22.07 1.56
CA ALA A 417 1.72 -22.01 2.90
C ALA A 417 1.91 -20.63 3.52
N MET A 418 1.12 -20.37 4.56
CA MET A 418 1.19 -19.15 5.35
C MET A 418 1.24 -19.52 6.83
N PHE A 419 2.06 -18.82 7.60
CA PHE A 419 2.25 -19.13 9.01
C PHE A 419 2.18 -17.86 9.84
N ARG A 420 1.46 -17.92 10.96
CA ARG A 420 1.36 -16.82 11.90
C ARG A 420 1.59 -17.35 13.31
N GLN A 421 2.10 -16.47 14.18
CA GLN A 421 2.38 -16.82 15.57
C GLN A 421 1.17 -16.41 16.41
N ASN A 422 0.33 -17.39 16.74
CA ASN A 422 -0.87 -17.16 17.54
C ASN A 422 -0.58 -17.54 18.99
N THR A 423 -0.54 -16.53 19.86
CA THR A 423 -0.26 -16.71 21.28
C THR A 423 1.08 -17.43 21.49
N GLY A 424 2.10 -17.00 20.74
CA GLY A 424 3.44 -17.51 20.91
C GLY A 424 3.75 -18.78 20.16
N MET A 425 2.77 -19.41 19.52
CA MET A 425 2.98 -20.64 18.76
C MET A 425 2.68 -20.40 17.29
N TRP A 426 3.55 -20.94 16.43
CA TRP A 426 3.38 -20.82 14.99
C TRP A 426 2.33 -21.81 14.50
N GLU A 427 1.38 -21.33 13.70
CA GLU A 427 0.36 -22.17 13.11
C GLU A 427 0.10 -21.72 11.68
N SER A 428 -0.38 -22.64 10.85
CA SER A 428 -0.71 -22.34 9.47
C SER A 428 -2.15 -21.83 9.39
N ASN A 429 -2.33 -20.67 8.77
CA ASN A 429 -3.65 -20.05 8.68
C ASN A 429 -4.24 -20.07 7.28
N ALA A 430 -3.44 -20.25 6.24
CA ALA A 430 -3.96 -20.29 4.87
C ALA A 430 -2.97 -21.03 4.00
N ASN A 431 -3.47 -21.50 2.85
CA ASN A 431 -2.61 -22.07 1.83
C ASN A 431 -3.33 -22.03 0.49
N VAL A 432 -2.54 -22.00 -0.58
CA VAL A 432 -3.04 -22.11 -1.95
C VAL A 432 -2.44 -23.34 -2.58
N LYS A 433 -2.95 -23.71 -3.75
CA LYS A 433 -2.55 -24.94 -4.41
C LYS A 433 -2.36 -24.69 -5.89
N GLY A 434 -1.70 -25.64 -6.55
CA GLY A 434 -1.48 -25.57 -7.98
C GLY A 434 -2.52 -26.36 -8.77
N THR A 435 -2.41 -26.26 -10.09
CA THR A 435 -3.36 -26.88 -10.99
C THR A 435 -2.74 -27.95 -11.87
N GLN A 436 -1.68 -27.64 -12.60
CA GLN A 436 -1.09 -28.55 -13.57
C GLN A 436 -0.02 -29.40 -12.91
N ILE A 437 0.00 -30.69 -13.24
CA ILE A 437 0.96 -31.61 -12.66
C ILE A 437 2.34 -31.34 -13.22
N GLY A 438 3.34 -31.30 -12.35
CA GLY A 438 4.71 -31.11 -12.77
C GLY A 438 5.09 -29.69 -13.10
N ALA A 439 4.35 -28.70 -12.61
CA ALA A 439 4.65 -27.31 -12.91
C ALA A 439 5.53 -26.63 -11.86
N TYR A 440 5.82 -27.28 -10.73
CA TYR A 440 6.51 -26.64 -9.61
C TYR A 440 5.85 -25.32 -9.21
N PHE A 441 4.63 -25.46 -8.69
CA PHE A 441 3.98 -24.35 -8.02
C PHE A 441 4.57 -24.18 -6.63
N GLY A 442 5.17 -23.03 -6.36
CA GLY A 442 5.83 -22.77 -5.10
C GLY A 442 7.32 -22.92 -5.09
N ALA A 443 7.96 -23.01 -6.26
CA ALA A 443 9.41 -23.16 -6.33
C ALA A 443 10.16 -21.85 -6.17
N SER A 444 9.47 -20.72 -6.26
CA SER A 444 10.09 -19.42 -6.02
C SER A 444 9.03 -18.50 -5.41
N LEU A 445 9.43 -17.73 -4.41
CA LEU A 445 8.51 -16.86 -3.68
C LEU A 445 9.10 -15.47 -3.58
N CYS A 446 8.21 -14.47 -3.49
CA CYS A 446 8.62 -13.08 -3.42
C CYS A 446 7.52 -12.28 -2.73
N SER A 447 7.89 -11.50 -1.73
CA SER A 447 6.97 -10.62 -1.03
C SER A 447 7.12 -9.20 -1.56
N VAL A 448 6.00 -8.58 -1.93
CA VAL A 448 6.01 -7.27 -2.56
C VAL A 448 5.17 -6.31 -1.73
N ASP A 449 5.72 -5.13 -1.47
CA ASP A 449 5.01 -4.02 -0.82
C ASP A 449 4.96 -2.87 -1.82
N VAL A 450 3.84 -2.76 -2.53
CA VAL A 450 3.78 -1.87 -3.69
C VAL A 450 3.82 -0.41 -3.27
N ASP A 451 3.04 -0.05 -2.24
CA ASP A 451 2.98 1.36 -1.82
C ASP A 451 4.13 1.74 -0.90
N SER A 452 4.95 0.78 -0.45
CA SER A 452 6.08 1.03 0.43
C SER A 452 5.66 1.73 1.72
N ASN A 453 4.56 1.25 2.31
CA ASN A 453 4.06 1.79 3.56
C ASN A 453 4.41 0.93 4.77
N GLY A 454 5.01 -0.24 4.56
CA GLY A 454 5.45 -1.09 5.66
C GLY A 454 4.63 -2.34 5.86
N SER A 455 3.63 -2.61 5.02
CA SER A 455 2.80 -3.80 5.15
C SER A 455 2.79 -4.53 3.81
N THR A 456 3.12 -5.81 3.83
CA THR A 456 3.15 -6.61 2.61
C THR A 456 1.76 -6.71 2.00
N ASP A 457 1.70 -6.53 0.68
CA ASP A 457 0.44 -6.54 -0.06
C ASP A 457 0.16 -7.87 -0.74
N LEU A 458 1.15 -8.45 -1.42
CA LEU A 458 0.91 -9.63 -2.23
C LEU A 458 2.16 -10.51 -2.22
N VAL A 459 1.96 -11.74 -2.67
CA VAL A 459 3.04 -12.73 -2.79
C VAL A 459 3.04 -13.27 -4.21
N LEU A 460 4.21 -13.22 -4.86
CA LEU A 460 4.37 -13.76 -6.20
C LEU A 460 4.86 -15.20 -6.12
N ILE A 461 4.15 -16.10 -6.79
CA ILE A 461 4.49 -17.52 -6.82
C ILE A 461 4.79 -17.92 -8.25
N GLY A 462 5.93 -18.57 -8.46
CA GLY A 462 6.36 -18.97 -9.79
C GLY A 462 6.15 -20.46 -10.03
N ALA A 463 5.79 -20.80 -11.26
CA ALA A 463 5.65 -22.18 -11.72
C ALA A 463 6.48 -22.32 -12.99
N PRO A 464 7.80 -22.48 -12.85
CA PRO A 464 8.66 -22.41 -14.03
C PRO A 464 8.44 -23.52 -15.05
N HIS A 465 7.82 -24.63 -14.68
CA HIS A 465 7.65 -25.76 -15.57
C HIS A 465 6.20 -25.95 -16.02
N TYR A 466 5.44 -24.86 -16.08
CA TYR A 466 4.10 -24.91 -16.66
C TYR A 466 4.22 -25.12 -18.17
N TYR A 467 3.39 -26.00 -18.71
CA TYR A 467 3.49 -26.41 -20.10
C TYR A 467 2.30 -25.89 -20.89
N GLU A 468 2.58 -25.14 -21.94
CA GLU A 468 1.63 -24.81 -22.98
C GLU A 468 2.31 -25.06 -24.33
N GLN A 469 1.49 -25.20 -25.37
CA GLN A 469 2.05 -25.53 -26.68
C GLN A 469 3.00 -24.47 -27.20
N THR A 470 2.91 -23.24 -26.69
CA THR A 470 3.77 -22.15 -27.16
C THR A 470 4.49 -21.39 -26.06
N ARG A 471 4.15 -21.58 -24.79
CA ARG A 471 4.80 -20.87 -23.70
C ARG A 471 5.19 -21.83 -22.59
N GLY A 472 6.29 -21.52 -21.93
CA GLY A 472 6.75 -22.27 -20.77
C GLY A 472 7.06 -21.38 -19.59
N GLY A 473 6.43 -21.62 -18.46
CA GLY A 473 6.62 -20.79 -17.30
C GLY A 473 5.38 -19.97 -16.99
N GLN A 474 5.17 -19.74 -15.70
CA GLN A 474 3.98 -19.04 -15.24
C GLN A 474 4.22 -18.51 -13.84
N VAL A 475 3.74 -17.29 -13.58
CA VAL A 475 3.87 -16.63 -12.28
C VAL A 475 2.49 -16.16 -11.85
N SER A 476 2.13 -16.45 -10.60
CA SER A 476 0.81 -16.11 -10.07
C SER A 476 0.91 -15.02 -9.02
N VAL A 477 -0.01 -14.06 -9.10
CA VAL A 477 -0.10 -12.95 -8.14
C VAL A 477 -1.15 -13.32 -7.10
N CYS A 478 -0.77 -13.29 -5.82
CA CYS A 478 -1.66 -13.68 -4.73
C CYS A 478 -1.73 -12.58 -3.68
N PRO A 479 -2.78 -11.77 -3.67
CA PRO A 479 -2.96 -10.82 -2.57
C PRO A 479 -3.18 -11.54 -1.25
N LEU A 480 -2.74 -10.91 -0.17
CA LEU A 480 -2.80 -11.55 1.14
C LEU A 480 -4.24 -11.62 1.64
N PRO A 481 -4.59 -12.68 2.36
CA PRO A 481 -5.96 -12.81 2.87
C PRO A 481 -6.25 -11.78 3.95
N ARG A 482 -7.53 -11.41 4.06
CA ARG A 482 -8.00 -10.44 5.03
C ARG A 482 -8.66 -11.19 6.18
N GLY A 483 -8.02 -11.17 7.34
CA GLY A 483 -8.58 -11.87 8.48
C GLY A 483 -8.57 -13.36 8.28
N ARG A 484 -9.74 -13.98 8.34
CA ARG A 484 -9.88 -15.42 8.18
C ARG A 484 -10.39 -15.81 6.79
N ALA A 485 -10.40 -14.88 5.84
CA ALA A 485 -10.83 -15.18 4.49
C ALA A 485 -9.83 -16.10 3.79
N ARG A 486 -10.31 -16.81 2.78
CA ARG A 486 -9.47 -17.76 2.06
C ARG A 486 -8.51 -17.05 1.13
N TRP A 487 -7.37 -17.68 0.89
CA TRP A 487 -6.31 -17.15 0.05
C TRP A 487 -6.57 -17.55 -1.41
N GLN A 488 -6.57 -16.57 -2.31
CA GLN A 488 -6.93 -16.81 -3.70
C GLN A 488 -5.93 -16.13 -4.62
N CYS A 489 -5.82 -16.67 -5.84
CA CYS A 489 -5.06 -16.06 -6.91
C CYS A 489 -5.97 -15.14 -7.72
N ASP A 490 -5.42 -14.02 -8.18
CA ASP A 490 -6.20 -13.08 -8.97
C ASP A 490 -5.66 -12.87 -10.38
N ALA A 491 -4.36 -12.83 -10.57
CA ALA A 491 -3.77 -12.56 -11.87
C ALA A 491 -2.61 -13.51 -12.12
N VAL A 492 -2.31 -13.72 -13.41
CA VAL A 492 -1.23 -14.60 -13.83
C VAL A 492 -0.39 -13.85 -14.85
N LEU A 493 0.93 -13.86 -14.65
CA LEU A 493 1.88 -13.23 -15.55
C LEU A 493 2.52 -14.28 -16.44
N TYR A 494 2.80 -13.89 -17.69
CA TYR A 494 3.30 -14.81 -18.70
C TYR A 494 4.50 -14.21 -19.41
N GLY A 495 5.33 -15.11 -19.96
CA GLY A 495 6.43 -14.71 -20.81
C GLY A 495 6.00 -14.54 -22.25
N GLU A 496 7.00 -14.40 -23.12
CA GLU A 496 6.73 -14.17 -24.53
C GLU A 496 6.23 -15.44 -25.21
N GLN A 497 5.64 -15.25 -26.39
CA GLN A 497 5.12 -16.37 -27.15
C GLN A 497 6.22 -17.07 -27.93
N GLY A 498 6.03 -18.36 -28.16
CA GLY A 498 6.98 -19.14 -28.94
C GLY A 498 8.25 -19.50 -28.21
N GLN A 499 8.23 -19.60 -26.89
CA GLN A 499 9.40 -19.92 -26.09
C GLN A 499 9.06 -21.07 -25.14
N PRO A 500 8.85 -22.27 -25.67
CA PRO A 500 8.58 -23.41 -24.79
C PRO A 500 9.81 -23.79 -23.99
N TRP A 501 9.57 -24.27 -22.77
CA TRP A 501 10.64 -24.64 -21.84
C TRP A 501 11.57 -23.46 -21.56
N GLY A 502 11.04 -22.24 -21.58
CA GLY A 502 11.81 -21.07 -21.23
C GLY A 502 12.01 -20.86 -19.74
N ARG A 503 11.32 -21.64 -18.91
CA ARG A 503 11.46 -21.58 -17.45
C ARG A 503 11.24 -20.15 -16.93
N PHE A 504 10.14 -19.55 -17.37
CA PHE A 504 9.74 -18.25 -16.84
C PHE A 504 9.27 -18.40 -15.40
N GLY A 505 9.86 -17.63 -14.50
CA GLY A 505 9.57 -17.74 -13.09
C GLY A 505 10.53 -18.59 -12.29
N ALA A 506 11.74 -18.84 -12.80
CA ALA A 506 12.71 -19.62 -12.04
C ALA A 506 13.31 -18.80 -10.90
N ALA A 507 13.49 -17.50 -11.11
CA ALA A 507 14.01 -16.60 -10.10
C ALA A 507 13.34 -15.25 -10.26
N LEU A 508 12.91 -14.67 -9.14
CA LEU A 508 12.28 -13.36 -9.17
C LEU A 508 12.54 -12.63 -7.85
N THR A 509 12.85 -11.33 -7.95
CA THR A 509 13.20 -10.52 -6.80
C THR A 509 12.53 -9.15 -6.92
N VAL A 510 12.61 -8.38 -5.84
CA VAL A 510 12.08 -7.02 -5.79
C VAL A 510 13.17 -6.05 -6.20
N LEU A 511 12.83 -5.13 -7.12
CA LEU A 511 13.77 -4.13 -7.60
C LEU A 511 13.59 -2.77 -6.96
N GLY A 512 12.52 -2.57 -6.19
CA GLY A 512 12.19 -1.24 -5.74
C GLY A 512 11.59 -0.42 -6.85
N ASP A 513 11.40 0.86 -6.57
CA ASP A 513 10.85 1.79 -7.54
C ASP A 513 11.93 2.16 -8.54
N VAL A 514 11.72 1.80 -9.81
CA VAL A 514 12.70 2.04 -10.86
C VAL A 514 12.32 3.22 -11.74
N ASN A 515 11.03 3.37 -12.05
CA ASN A 515 10.57 4.42 -12.95
C ASN A 515 10.15 5.69 -12.21
N GLY A 516 10.16 5.69 -10.88
CA GLY A 516 9.90 6.89 -10.12
C GLY A 516 8.45 7.22 -9.88
N ASP A 517 7.55 6.24 -9.91
CA ASP A 517 6.13 6.47 -9.66
C ASP A 517 5.71 6.07 -8.25
N LYS A 518 6.67 5.83 -7.36
CA LYS A 518 6.44 5.48 -5.96
C LYS A 518 5.77 4.11 -5.79
N LEU A 519 5.85 3.26 -6.82
CA LEU A 519 5.28 1.92 -6.76
C LEU A 519 6.37 0.89 -7.03
N THR A 520 6.36 -0.18 -6.24
CA THR A 520 7.41 -1.19 -6.31
C THR A 520 7.32 -1.99 -7.60
N ASP A 521 8.48 -2.32 -8.17
CA ASP A 521 8.58 -3.08 -9.41
C ASP A 521 9.40 -4.35 -9.19
N VAL A 522 9.15 -5.35 -10.04
CA VAL A 522 9.76 -6.66 -9.90
C VAL A 522 10.43 -7.06 -11.21
N ALA A 523 11.36 -8.02 -11.09
CA ALA A 523 12.03 -8.63 -12.23
C ALA A 523 11.91 -10.13 -12.13
N ILE A 524 11.64 -10.80 -13.26
CA ILE A 524 11.43 -12.24 -13.31
C ILE A 524 12.37 -12.82 -14.36
N GLY A 525 12.96 -13.97 -14.05
CA GLY A 525 13.96 -14.59 -14.89
C GLY A 525 13.45 -15.75 -15.71
N ALA A 526 13.99 -15.89 -16.93
CA ALA A 526 13.63 -16.97 -17.85
C ALA A 526 14.92 -17.56 -18.42
N PRO A 527 15.61 -18.38 -17.64
CA PRO A 527 16.92 -18.88 -18.09
C PRO A 527 16.87 -19.79 -19.31
N GLY A 528 15.74 -20.41 -19.61
CA GLY A 528 15.66 -21.38 -20.68
C GLY A 528 15.28 -20.84 -22.04
N GLU A 529 15.22 -19.53 -22.21
CA GLU A 529 14.76 -18.96 -23.47
C GLU A 529 15.89 -18.90 -24.50
N GLU A 530 15.48 -18.88 -25.77
CA GLU A 530 16.41 -18.80 -26.91
C GLU A 530 17.48 -19.88 -26.84
N ASP A 531 17.03 -21.11 -26.60
CA ASP A 531 17.91 -22.27 -26.47
C ASP A 531 18.90 -22.08 -25.32
N ASN A 532 18.33 -21.89 -24.13
CA ASN A 532 19.08 -21.79 -22.87
C ASN A 532 20.00 -20.58 -22.82
N ARG A 533 19.75 -19.56 -23.65
CA ARG A 533 20.53 -18.33 -23.55
C ARG A 533 19.99 -17.42 -22.47
N GLY A 534 18.68 -17.36 -22.32
CA GLY A 534 18.05 -16.72 -21.18
C GLY A 534 17.59 -15.30 -21.46
N ALA A 535 16.68 -14.83 -20.61
CA ALA A 535 16.14 -13.49 -20.71
C ALA A 535 15.65 -13.05 -19.33
N VAL A 536 15.51 -11.73 -19.16
CA VAL A 536 15.04 -11.14 -17.92
C VAL A 536 13.90 -10.17 -18.25
N TYR A 537 12.78 -10.32 -17.56
CA TYR A 537 11.60 -9.51 -17.78
C TYR A 537 11.42 -8.53 -16.64
N LEU A 538 10.83 -7.37 -16.94
CA LEU A 538 10.58 -6.32 -15.96
C LEU A 538 9.10 -5.95 -15.97
N PHE A 539 8.49 -5.92 -14.79
CA PHE A 539 7.09 -5.59 -14.63
C PHE A 539 6.95 -4.41 -13.67
N HIS A 540 6.11 -3.45 -14.03
CA HIS A 540 5.86 -2.28 -13.19
C HIS A 540 4.73 -2.55 -12.21
N GLY A 541 4.82 -1.91 -11.04
CA GLY A 541 3.75 -1.98 -10.08
C GLY A 541 2.65 -0.97 -10.38
N THR A 542 1.44 -1.30 -9.97
CA THR A 542 0.27 -0.47 -10.25
C THR A 542 -0.50 -0.20 -8.98
N SER A 543 -1.25 0.90 -8.99
CA SER A 543 -2.11 1.24 -7.86
C SER A 543 -3.18 0.18 -7.68
N GLY A 544 -3.37 -0.24 -6.43
CA GLY A 544 -4.31 -1.28 -6.11
C GLY A 544 -3.71 -2.57 -5.61
N SER A 545 -2.44 -2.55 -5.19
CA SER A 545 -1.73 -3.75 -4.75
C SER A 545 -1.76 -4.85 -5.81
N GLY A 546 -1.30 -4.49 -7.01
CA GLY A 546 -1.27 -5.42 -8.11
C GLY A 546 -0.07 -5.20 -9.00
N ILE A 547 0.15 -6.15 -9.90
CA ILE A 547 1.24 -6.12 -10.86
C ILE A 547 0.64 -5.96 -12.25
N SER A 548 1.27 -5.12 -13.07
CA SER A 548 0.79 -4.92 -14.44
C SER A 548 0.89 -6.23 -15.21
N PRO A 549 -0.11 -6.54 -16.06
CA PRO A 549 -0.11 -7.86 -16.71
C PRO A 549 0.89 -7.99 -17.85
N SER A 550 1.44 -6.90 -18.36
CA SER A 550 2.40 -6.95 -19.45
C SER A 550 3.73 -6.37 -18.99
N HIS A 551 4.82 -6.90 -19.56
CA HIS A 551 6.14 -6.48 -19.16
C HIS A 551 6.51 -5.15 -19.81
N SER A 552 7.49 -4.47 -19.20
CA SER A 552 7.97 -3.19 -19.71
C SER A 552 9.32 -3.30 -20.41
N GLN A 553 10.09 -4.35 -20.14
CA GLN A 553 11.39 -4.53 -20.79
C GLN A 553 11.73 -6.02 -20.79
N ARG A 554 12.50 -6.43 -21.79
CA ARG A 554 13.04 -7.78 -21.89
C ARG A 554 14.50 -7.69 -22.29
N ILE A 555 15.39 -8.07 -21.39
CA ILE A 555 16.82 -8.12 -21.67
C ILE A 555 17.17 -9.55 -22.03
N ALA A 556 17.74 -9.73 -23.22
CA ALA A 556 18.11 -11.05 -23.72
C ALA A 556 19.62 -11.25 -23.62
N GLY A 557 20.02 -12.45 -23.21
CA GLY A 557 21.44 -12.76 -23.13
C GLY A 557 22.13 -12.74 -24.47
N SER A 558 21.41 -13.13 -25.54
CA SER A 558 21.99 -13.10 -26.87
C SER A 558 22.28 -11.69 -27.36
N LYS A 559 21.61 -10.68 -26.81
CA LYS A 559 21.87 -9.30 -27.16
C LYS A 559 22.96 -8.66 -26.33
N LEU A 560 23.54 -9.40 -25.39
CA LEU A 560 24.62 -8.90 -24.54
C LEU A 560 25.97 -9.49 -24.94
N SER A 561 26.06 -10.83 -24.98
CA SER A 561 27.30 -11.50 -25.39
C SER A 561 26.97 -12.92 -25.79
N PRO A 562 27.60 -13.46 -26.84
CA PRO A 562 27.27 -14.83 -27.28
C PRO A 562 27.65 -15.91 -26.29
N ARG A 563 28.54 -15.63 -25.34
CA ARG A 563 28.98 -16.65 -24.40
C ARG A 563 28.00 -16.87 -23.25
N LEU A 564 26.97 -16.04 -23.14
CA LEU A 564 26.06 -16.14 -22.00
C LEU A 564 25.13 -17.33 -22.14
N GLN A 565 25.00 -18.11 -21.06
CA GLN A 565 24.07 -19.22 -20.98
C GLN A 565 23.34 -19.15 -19.64
N TYR A 566 22.07 -19.56 -19.65
CA TYR A 566 21.23 -19.55 -18.47
C TYR A 566 21.14 -18.17 -17.85
N PHE A 567 21.06 -17.15 -18.69
CA PHE A 567 21.02 -15.77 -18.22
C PHE A 567 19.69 -15.50 -17.53
N GLY A 568 19.74 -15.21 -16.23
CA GLY A 568 18.55 -15.02 -15.44
C GLY A 568 18.24 -16.11 -14.44
N GLN A 569 19.17 -17.05 -14.23
CA GLN A 569 18.93 -18.13 -13.27
C GLN A 569 19.00 -17.65 -11.83
N SER A 570 19.58 -16.48 -11.58
CA SER A 570 19.66 -15.90 -10.24
C SER A 570 19.54 -14.39 -10.34
N LEU A 571 18.84 -13.80 -9.38
CA LEU A 571 18.58 -12.36 -9.38
C LEU A 571 18.74 -11.81 -7.99
N SER A 572 19.05 -10.52 -7.91
CA SER A 572 19.15 -9.81 -6.65
C SER A 572 19.10 -8.31 -6.93
N GLY A 573 18.25 -7.59 -6.21
CA GLY A 573 18.09 -6.17 -6.45
C GLY A 573 17.56 -5.46 -5.23
N GLY A 574 17.44 -4.15 -5.35
CA GLY A 574 16.95 -3.31 -4.27
C GLY A 574 17.99 -2.38 -3.67
N GLN A 575 19.20 -2.35 -4.19
CA GLN A 575 20.25 -1.49 -3.67
C GLN A 575 20.93 -0.75 -4.82
N ASP A 576 21.75 0.25 -4.45
CA ASP A 576 22.57 0.98 -5.38
C ASP A 576 24.03 0.62 -5.17
N LEU A 577 24.71 0.23 -6.24
CA LEU A 577 26.12 -0.11 -6.19
C LEU A 577 27.00 0.85 -6.99
N THR A 578 26.40 1.71 -7.80
CA THR A 578 27.14 2.69 -8.60
C THR A 578 27.30 4.03 -7.89
N MET A 579 26.74 4.17 -6.69
CA MET A 579 26.84 5.38 -5.87
C MET A 579 26.23 6.61 -6.52
N ASP A 580 25.29 6.43 -7.45
CA ASP A 580 24.59 7.55 -8.07
C ASP A 580 23.14 7.65 -7.59
N GLY A 581 22.75 6.87 -6.58
CA GLY A 581 21.42 6.97 -6.02
C GLY A 581 20.32 6.28 -6.78
N LEU A 582 20.66 5.39 -7.71
CA LEU A 582 19.68 4.66 -8.50
C LEU A 582 19.86 3.16 -8.27
N VAL A 583 18.74 2.45 -8.09
CA VAL A 583 18.80 1.02 -7.80
C VAL A 583 19.44 0.28 -8.97
N ASP A 584 20.03 -0.87 -8.67
CA ASP A 584 20.74 -1.68 -9.66
C ASP A 584 20.31 -3.13 -9.52
N LEU A 585 20.44 -3.88 -10.60
CA LEU A 585 20.01 -5.27 -10.67
C LEU A 585 21.19 -6.15 -11.04
N THR A 586 21.43 -7.19 -10.26
CA THR A 586 22.48 -8.17 -10.52
C THR A 586 21.84 -9.44 -11.07
N VAL A 587 22.33 -9.89 -12.21
CA VAL A 587 21.84 -11.10 -12.87
C VAL A 587 22.99 -12.10 -12.93
N GLY A 588 22.74 -13.33 -12.51
CA GLY A 588 23.74 -14.38 -12.52
C GLY A 588 23.52 -15.35 -13.66
N ALA A 589 24.61 -15.67 -14.36
CA ALA A 589 24.60 -16.62 -15.46
C ALA A 589 25.70 -17.65 -15.24
N GLN A 590 25.80 -18.60 -16.16
CA GLN A 590 26.80 -19.67 -16.05
C GLN A 590 28.19 -19.09 -16.32
N GLY A 591 28.96 -18.90 -15.26
CA GLY A 591 30.31 -18.38 -15.37
C GLY A 591 30.43 -16.88 -15.41
N HIS A 592 29.32 -16.15 -15.42
CA HIS A 592 29.35 -14.69 -15.47
C HIS A 592 28.32 -14.14 -14.49
N VAL A 593 28.60 -12.93 -14.00
CA VAL A 593 27.65 -12.16 -13.19
C VAL A 593 27.63 -10.75 -13.75
N LEU A 594 26.44 -10.26 -14.08
CA LEU A 594 26.29 -8.97 -14.75
C LEU A 594 25.61 -7.97 -13.83
N LEU A 595 25.92 -6.70 -14.05
CA LEU A 595 25.36 -5.60 -13.29
C LEU A 595 24.64 -4.66 -14.23
N LEU A 596 23.31 -4.71 -14.23
CA LEU A 596 22.48 -3.78 -14.97
C LEU A 596 22.12 -2.60 -14.08
N ARG A 597 22.14 -1.41 -14.64
CA ARG A 597 21.96 -0.19 -13.87
C ARG A 597 20.76 0.60 -14.38
N SER A 598 19.98 1.13 -13.45
CA SER A 598 18.87 2.00 -13.80
C SER A 598 19.39 3.34 -14.31
N GLN A 599 18.53 4.04 -15.04
CA GLN A 599 18.90 5.30 -15.67
C GLN A 599 17.94 6.41 -15.27
N PRO A 600 18.39 7.66 -15.29
CA PRO A 600 17.48 8.78 -15.00
C PRO A 600 16.33 8.83 -16.00
N VAL A 601 15.16 9.25 -15.49
CA VAL A 601 13.93 9.33 -16.29
C VAL A 601 13.57 10.80 -16.45
N LEU A 602 13.25 11.18 -17.68
CA LEU A 602 13.03 12.59 -18.03
C LEU A 602 11.66 12.78 -18.65
N ARG A 603 11.09 13.96 -18.43
CA ARG A 603 9.85 14.38 -19.05
C ARG A 603 10.01 15.79 -19.61
N VAL A 604 9.21 16.11 -20.61
CA VAL A 604 9.27 17.41 -21.29
C VAL A 604 7.87 18.00 -21.33
N LYS A 605 7.76 19.27 -20.95
CA LYS A 605 6.52 20.02 -21.04
C LYS A 605 6.71 21.24 -21.94
N ALA A 606 5.76 21.47 -22.83
CA ALA A 606 5.88 22.52 -23.84
C ALA A 606 4.65 23.42 -23.80
N ILE A 607 4.87 24.70 -24.09
CA ILE A 607 3.82 25.71 -24.03
C ILE A 607 3.97 26.62 -25.26
N MET A 608 2.85 26.98 -25.87
CA MET A 608 2.84 27.87 -27.02
C MET A 608 1.89 29.03 -26.77
N GLU A 609 2.35 30.25 -27.07
CA GLU A 609 1.53 31.45 -26.99
C GLU A 609 1.65 32.21 -28.30
N PHE A 610 0.58 32.90 -28.68
CA PHE A 610 0.56 33.74 -29.86
C PHE A 610 0.46 35.21 -29.45
N ASN A 611 0.93 36.09 -30.33
CA ASN A 611 0.88 37.53 -30.07
C ASN A 611 0.77 38.24 -31.42
N PRO A 612 -0.38 38.84 -31.73
CA PRO A 612 -1.58 38.94 -30.88
C PRO A 612 -2.34 37.62 -30.78
N ARG A 613 -3.23 37.51 -29.79
CA ARG A 613 -3.92 36.25 -29.55
C ARG A 613 -4.79 35.83 -30.72
N GLU A 614 -5.27 36.80 -31.51
CA GLU A 614 -6.14 36.51 -32.65
C GLU A 614 -5.69 37.33 -33.85
N VAL A 615 -6.00 36.81 -35.03
CA VAL A 615 -5.65 37.48 -36.27
C VAL A 615 -6.54 38.72 -36.44
N ALA A 616 -5.92 39.84 -36.78
CA ALA A 616 -6.66 41.08 -36.94
C ALA A 616 -7.50 41.04 -38.22
N ARG A 617 -8.56 41.87 -38.23
CA ARG A 617 -9.50 41.89 -39.35
C ARG A 617 -8.82 42.38 -40.63
N ASN A 618 -8.01 43.44 -40.52
CA ASN A 618 -7.37 44.00 -41.70
C ASN A 618 -6.32 43.08 -42.30
N VAL A 619 -5.90 42.05 -41.56
CA VAL A 619 -4.87 41.15 -42.07
C VAL A 619 -5.40 40.29 -43.21
N PHE A 620 -6.60 39.73 -43.05
CA PHE A 620 -7.13 38.76 -44.00
C PHE A 620 -8.30 39.29 -44.82
N GLU A 621 -8.71 40.53 -44.62
CA GLU A 621 -9.77 41.09 -45.45
C GLU A 621 -9.29 41.29 -46.88
N CYS A 622 -10.21 41.12 -47.84
CA CYS A 622 -9.87 41.29 -49.23
C CYS A 622 -9.66 42.77 -49.56
N ASN A 623 -8.53 43.08 -50.19
CA ASN A 623 -8.21 44.45 -50.56
C ASN A 623 -7.38 44.42 -51.84
N ASP A 624 -7.55 45.46 -52.66
CA ASP A 624 -6.87 45.53 -53.95
C ASP A 624 -5.68 46.48 -53.97
N GLN A 625 -5.66 47.48 -53.07
CA GLN A 625 -4.58 48.46 -53.03
C GLN A 625 -3.55 48.14 -51.95
N VAL A 626 -3.32 46.87 -51.67
CA VAL A 626 -2.35 46.44 -50.67
C VAL A 626 -1.43 45.40 -51.28
N VAL A 627 -0.28 45.21 -50.64
CA VAL A 627 0.71 44.24 -51.09
C VAL A 627 0.29 42.86 -50.60
N LYS A 628 0.14 41.92 -51.54
CA LYS A 628 -0.28 40.57 -51.19
C LYS A 628 0.86 39.79 -50.55
N GLY A 629 0.54 39.02 -49.51
CA GLY A 629 1.51 38.19 -48.84
C GLY A 629 2.35 38.88 -47.79
N LYS A 630 2.04 40.13 -47.45
CA LYS A 630 2.82 40.90 -46.47
C LYS A 630 2.16 40.89 -45.09
N GLU A 631 1.41 39.84 -44.76
CA GLU A 631 0.77 39.77 -43.46
C GLU A 631 1.77 39.38 -42.39
N ALA A 632 1.36 39.55 -41.13
CA ALA A 632 2.28 39.42 -40.01
C ALA A 632 1.67 38.58 -38.90
N GLY A 633 2.48 38.32 -37.88
CA GLY A 633 2.08 37.53 -36.74
C GLY A 633 3.29 37.14 -35.93
N GLU A 634 3.02 36.40 -34.86
CA GLU A 634 4.11 35.91 -34.00
C GLU A 634 3.59 34.75 -33.15
N VAL A 635 4.47 33.79 -32.90
CA VAL A 635 4.18 32.67 -32.02
C VAL A 635 5.39 32.42 -31.13
N ARG A 636 5.16 32.22 -29.84
CA ARG A 636 6.22 32.00 -28.86
C ARG A 636 6.19 30.56 -28.41
N VAL A 637 7.33 29.89 -28.49
CA VAL A 637 7.45 28.47 -28.17
C VAL A 637 8.48 28.33 -27.06
N CYS A 638 8.10 27.63 -26.00
CA CYS A 638 8.97 27.42 -24.85
C CYS A 638 8.96 25.94 -24.47
N LEU A 639 10.14 25.42 -24.17
CA LEU A 639 10.30 24.02 -23.80
C LEU A 639 10.96 23.92 -22.43
N HIS A 640 10.55 22.92 -21.66
CA HIS A 640 11.10 22.70 -20.33
C HIS A 640 11.30 21.20 -20.13
N VAL A 641 12.49 20.82 -19.68
CA VAL A 641 12.84 19.42 -19.44
C VAL A 641 13.01 19.23 -17.94
N GLN A 642 12.28 18.26 -17.38
CA GLN A 642 12.30 18.01 -15.95
C GLN A 642 12.57 16.54 -15.69
N LYS A 643 13.06 16.27 -14.48
CA LYS A 643 13.47 14.93 -14.06
C LYS A 643 12.51 14.41 -13.00
N SER A 644 12.25 13.11 -13.04
CA SER A 644 11.28 12.48 -12.14
C SER A 644 11.93 11.71 -11.00
N THR A 645 12.97 10.92 -11.29
CA THR A 645 13.60 10.10 -10.27
C THR A 645 14.48 10.96 -9.37
N ARG A 646 14.61 10.52 -8.11
CA ARG A 646 15.48 11.17 -7.13
C ARG A 646 16.77 10.38 -7.00
N ASP A 647 17.89 11.08 -7.04
CA ASP A 647 19.19 10.43 -7.00
C ASP A 647 20.25 11.43 -6.55
N ARG A 648 21.50 10.98 -6.51
CA ARG A 648 22.59 11.72 -5.90
C ARG A 648 23.51 12.39 -6.90
N LEU A 649 23.13 12.46 -8.18
CA LEU A 649 23.95 13.17 -9.13
C LEU A 649 23.72 14.67 -9.01
N ARG A 650 24.79 15.44 -9.28
CA ARG A 650 24.76 16.88 -9.11
C ARG A 650 23.99 17.55 -10.24
N GLU A 651 23.56 18.79 -9.97
CA GLU A 651 22.80 19.54 -10.96
C GLU A 651 23.71 20.02 -12.08
N GLY A 652 23.14 20.10 -13.29
CA GLY A 652 23.85 20.58 -14.45
C GLY A 652 24.60 19.53 -15.22
N GLN A 653 24.73 18.32 -14.69
CA GLN A 653 25.39 17.25 -15.43
C GLN A 653 24.52 16.69 -16.54
N ILE A 654 23.20 16.72 -16.37
CA ILE A 654 22.29 16.10 -17.32
C ILE A 654 22.00 17.08 -18.45
N GLN A 655 22.34 16.68 -19.68
CA GLN A 655 22.04 17.45 -20.88
C GLN A 655 21.46 16.53 -21.93
N SER A 656 20.56 17.07 -22.75
CA SER A 656 19.90 16.29 -23.77
C SER A 656 19.79 17.10 -25.05
N VAL A 657 19.75 16.39 -26.18
CA VAL A 657 19.58 17.00 -27.50
C VAL A 657 18.15 16.75 -27.95
N VAL A 658 17.39 17.82 -28.16
CA VAL A 658 15.97 17.75 -28.47
C VAL A 658 15.72 18.35 -29.84
N THR A 659 15.10 17.58 -30.72
CA THR A 659 14.63 18.05 -32.01
C THR A 659 13.12 17.90 -32.08
N TYR A 660 12.48 18.75 -32.88
CA TYR A 660 11.02 18.77 -32.89
C TYR A 660 10.51 19.36 -34.20
N ASP A 661 9.23 19.11 -34.46
CA ASP A 661 8.54 19.57 -35.66
C ASP A 661 7.51 20.63 -35.30
N LEU A 662 7.40 21.65 -36.14
CA LEU A 662 6.31 22.60 -36.10
C LEU A 662 5.52 22.48 -37.40
N ALA A 663 4.21 22.29 -37.29
CA ALA A 663 3.34 22.09 -38.45
C ALA A 663 2.17 23.05 -38.35
N LEU A 664 2.14 24.03 -39.24
CA LEU A 664 1.02 24.96 -39.30
C LEU A 664 -0.09 24.39 -40.17
N ASP A 665 -1.32 24.40 -39.64
CA ASP A 665 -2.49 23.82 -40.30
C ASP A 665 -2.22 22.36 -40.69
N SER A 666 -1.76 21.59 -39.71
CA SER A 666 -1.59 20.15 -39.92
C SER A 666 -2.95 19.51 -40.17
N GLY A 667 -2.98 18.56 -41.11
CA GLY A 667 -4.23 17.95 -41.51
C GLY A 667 -4.99 18.70 -42.59
N ARG A 668 -4.40 19.74 -43.17
CA ARG A 668 -4.98 20.52 -44.25
C ARG A 668 -4.11 20.44 -45.49
N PRO A 669 -4.70 20.20 -46.67
CA PRO A 669 -3.89 20.15 -47.89
C PRO A 669 -3.07 21.41 -48.12
N HIS A 670 -3.62 22.58 -47.84
CA HIS A 670 -2.92 23.85 -48.03
C HIS A 670 -3.07 24.68 -46.76
N SER A 671 -1.95 25.03 -46.14
CA SER A 671 -1.98 25.82 -44.92
C SER A 671 -2.27 27.29 -45.23
N ARG A 672 -3.05 27.91 -44.36
CA ARG A 672 -3.37 29.32 -44.51
C ARG A 672 -2.21 30.23 -44.12
N ALA A 673 -1.33 29.78 -43.24
CA ALA A 673 -0.22 30.59 -42.75
C ALA A 673 1.08 29.81 -42.86
N VAL A 674 2.17 30.54 -43.13
CA VAL A 674 3.47 29.94 -43.32
C VAL A 674 4.50 30.67 -42.46
N PHE A 675 5.55 29.95 -42.10
CA PHE A 675 6.66 30.56 -41.37
C PHE A 675 7.41 31.53 -42.27
N ASN A 676 7.97 32.58 -41.67
CA ASN A 676 8.65 33.60 -42.45
C ASN A 676 10.01 33.11 -42.96
N GLU A 677 10.74 32.34 -42.15
CA GLU A 677 12.10 31.96 -42.51
C GLU A 677 12.14 30.81 -43.51
N THR A 678 11.20 29.88 -43.45
CA THR A 678 11.20 28.72 -44.34
C THR A 678 10.23 28.86 -45.50
N LYS A 679 9.20 29.70 -45.37
CA LYS A 679 8.18 29.90 -46.39
C LYS A 679 7.39 28.63 -46.70
N ASN A 680 7.36 27.67 -45.77
CA ASN A 680 6.45 26.53 -45.88
C ASN A 680 5.98 26.14 -44.49
N SER A 681 5.00 25.24 -44.45
CA SER A 681 4.29 24.94 -43.22
C SER A 681 5.11 24.12 -42.22
N THR A 682 6.26 23.58 -42.60
CA THR A 682 7.04 22.72 -41.74
C THR A 682 8.36 23.38 -41.37
N ARG A 683 8.88 23.02 -40.20
CA ARG A 683 10.15 23.53 -39.72
C ARG A 683 10.81 22.50 -38.82
N ARG A 684 12.11 22.30 -39.00
CA ARG A 684 12.90 21.39 -38.18
C ARG A 684 13.97 22.17 -37.44
N GLN A 685 14.16 21.84 -36.15
CA GLN A 685 15.16 22.48 -35.34
C GLN A 685 15.61 21.52 -34.25
N THR A 686 16.91 21.49 -34.00
CA THR A 686 17.50 20.69 -32.93
C THR A 686 18.37 21.58 -32.06
N GLN A 687 18.35 21.32 -30.75
CA GLN A 687 19.14 22.11 -29.81
C GLN A 687 19.32 21.29 -28.54
N VAL A 688 20.29 21.71 -27.74
CA VAL A 688 20.67 21.00 -26.52
C VAL A 688 19.99 21.67 -25.33
N LEU A 689 19.35 20.87 -24.48
CA LEU A 689 18.62 21.36 -23.32
C LEU A 689 19.24 20.85 -22.04
N GLY A 690 19.23 21.69 -21.01
CA GLY A 690 19.45 21.26 -19.65
C GLY A 690 18.14 21.06 -18.92
N LEU A 691 18.20 21.10 -17.60
CA LEU A 691 16.99 21.07 -16.78
C LEU A 691 16.49 22.48 -16.48
N THR A 692 16.34 23.28 -17.53
CA THR A 692 15.93 24.68 -17.40
C THR A 692 15.14 25.08 -18.62
N GLN A 693 14.09 25.87 -18.42
CA GLN A 693 13.22 26.28 -19.50
C GLN A 693 13.96 27.19 -20.47
N THR A 694 13.74 26.96 -21.77
CA THR A 694 14.27 27.82 -22.81
C THR A 694 13.13 28.22 -23.74
N CYS A 695 13.24 29.42 -24.29
CA CYS A 695 12.18 29.99 -25.11
C CYS A 695 12.71 30.47 -26.44
N GLU A 696 11.84 30.46 -27.44
CA GLU A 696 12.19 30.84 -28.80
C GLU A 696 10.95 31.41 -29.48
N THR A 697 11.14 32.43 -30.31
CA THR A 697 10.05 33.09 -31.01
C THR A 697 10.35 33.13 -32.49
N LEU A 698 9.29 33.11 -33.30
CA LEU A 698 9.45 33.11 -34.75
C LEU A 698 8.19 33.64 -35.40
N LYS A 699 8.39 34.42 -36.47
CA LYS A 699 7.31 35.14 -37.12
C LYS A 699 6.43 34.21 -37.95
N LEU A 700 5.16 34.57 -38.07
CA LEU A 700 4.21 33.88 -38.93
C LEU A 700 3.72 34.83 -40.01
N GLN A 701 3.62 34.33 -41.22
CA GLN A 701 3.24 35.14 -42.38
C GLN A 701 2.13 34.43 -43.15
N LEU A 702 1.22 35.22 -43.72
CA LEU A 702 0.09 34.69 -44.47
C LEU A 702 0.18 35.16 -45.92
N PRO A 703 0.16 34.26 -46.90
CA PRO A 703 0.35 34.68 -48.29
C PRO A 703 -0.91 35.22 -48.96
N ASN A 704 -2.07 34.74 -48.53
CA ASN A 704 -3.32 35.09 -49.18
C ASN A 704 -4.42 35.25 -48.14
N CYS A 705 -5.51 35.89 -48.55
CA CYS A 705 -6.66 36.08 -47.69
C CYS A 705 -7.31 34.73 -47.37
N ILE A 706 -7.91 34.66 -46.18
CA ILE A 706 -8.59 33.46 -45.71
C ILE A 706 -10.08 33.65 -45.98
N GLU A 707 -10.64 32.85 -46.86
CA GLU A 707 -12.05 32.94 -47.22
C GLU A 707 -12.94 32.06 -46.35
N ASP A 708 -12.37 31.32 -45.41
CA ASP A 708 -13.13 30.54 -44.44
C ASP A 708 -12.59 30.84 -43.04
N PRO A 709 -12.82 32.05 -42.53
CA PRO A 709 -12.29 32.42 -41.22
C PRO A 709 -12.93 31.70 -40.05
N VAL A 710 -13.87 30.78 -40.30
CA VAL A 710 -14.54 30.08 -39.22
C VAL A 710 -13.65 29.01 -38.58
N SER A 711 -12.55 28.65 -39.23
CA SER A 711 -11.64 27.64 -38.71
C SER A 711 -10.35 28.30 -38.22
N PRO A 712 -10.00 28.14 -36.94
CA PRO A 712 -8.74 28.73 -36.45
C PRO A 712 -7.54 28.02 -37.06
N ILE A 713 -6.43 28.76 -37.12
CA ILE A 713 -5.16 28.16 -37.50
C ILE A 713 -4.64 27.30 -36.35
N VAL A 714 -4.17 26.10 -36.68
CA VAL A 714 -3.76 25.11 -35.68
C VAL A 714 -2.26 24.86 -35.82
N LEU A 715 -1.57 24.83 -34.69
CA LEU A 715 -0.13 24.60 -34.63
C LEU A 715 0.13 23.30 -33.89
N ARG A 716 0.99 22.45 -34.44
CA ARG A 716 1.31 21.15 -33.87
C ARG A 716 2.80 21.06 -33.57
N LEU A 717 3.14 20.39 -32.47
CA LEU A 717 4.52 20.20 -32.05
C LEU A 717 4.71 18.77 -31.59
N ASN A 718 5.78 18.13 -32.05
CA ASN A 718 6.16 16.81 -31.55
C ASN A 718 7.66 16.65 -31.68
N PHE A 719 8.25 15.92 -30.73
CA PHE A 719 9.69 15.93 -30.53
C PHE A 719 10.23 14.53 -30.29
N SER A 720 11.56 14.44 -30.35
CA SER A 720 12.30 13.24 -29.97
C SER A 720 13.52 13.68 -29.17
N LEU A 721 13.82 12.95 -28.10
CA LEU A 721 14.85 13.34 -27.15
C LEU A 721 15.93 12.27 -27.06
N VAL A 722 17.19 12.71 -27.07
CA VAL A 722 18.35 11.83 -26.93
C VAL A 722 19.19 12.35 -25.79
N GLY A 723 19.54 11.47 -24.84
CA GLY A 723 20.29 11.86 -23.67
C GLY A 723 21.77 11.64 -23.83
N THR A 724 22.56 12.68 -23.55
CA THR A 724 24.02 12.61 -23.62
C THR A 724 24.57 11.81 -22.44
N PRO A 725 25.62 11.02 -22.65
CA PRO A 725 26.15 10.19 -21.57
C PRO A 725 26.81 11.01 -20.47
N LEU A 726 26.84 10.44 -19.28
CA LEU A 726 27.48 11.05 -18.11
C LEU A 726 28.86 10.42 -17.94
N SER A 727 29.91 11.21 -18.18
CA SER A 727 31.26 10.68 -18.12
C SER A 727 31.68 10.32 -16.70
N ALA A 728 31.16 11.03 -15.70
CA ALA A 728 31.57 10.78 -14.32
C ALA A 728 30.93 9.55 -13.72
N PHE A 729 29.88 9.01 -14.33
CA PHE A 729 29.16 7.86 -13.79
C PHE A 729 29.06 6.75 -14.84
N GLY A 730 30.16 6.48 -15.52
CA GLY A 730 30.23 5.34 -16.41
C GLY A 730 29.35 5.41 -17.64
N ASN A 731 29.29 6.57 -18.30
CA ASN A 731 28.59 6.74 -19.57
C ASN A 731 27.09 6.44 -19.46
N LEU A 732 26.49 6.73 -18.31
CA LEU A 732 25.05 6.58 -18.17
C LEU A 732 24.31 7.62 -19.00
N ARG A 733 23.23 7.20 -19.65
CA ARG A 733 22.42 8.12 -20.43
C ARG A 733 20.99 8.16 -19.89
N PRO A 734 20.46 9.35 -19.64
CA PRO A 734 19.04 9.45 -19.28
C PRO A 734 18.15 9.15 -20.46
N VAL A 735 16.91 8.77 -20.16
CA VAL A 735 15.95 8.39 -21.18
C VAL A 735 14.62 9.12 -20.93
N LEU A 736 13.83 9.20 -22.00
CA LEU A 736 12.49 9.78 -21.91
C LEU A 736 11.53 8.78 -21.29
N ALA A 737 10.55 9.29 -20.57
CA ALA A 737 9.53 8.45 -19.99
C ALA A 737 8.74 7.72 -21.08
N GLU A 738 8.47 6.43 -20.84
CA GLU A 738 7.78 5.63 -21.84
C GLU A 738 6.32 6.04 -22.03
N ASP A 739 5.76 6.80 -21.08
CA ASP A 739 4.40 7.31 -21.19
C ASP A 739 4.35 8.81 -21.36
N ALA A 740 5.46 9.45 -21.68
CA ALA A 740 5.50 10.90 -21.77
C ALA A 740 4.70 11.38 -22.98
N GLN A 741 4.00 12.50 -22.79
CA GLN A 741 3.26 13.10 -23.89
C GLN A 741 4.24 13.67 -24.90
N ARG A 742 4.06 13.30 -26.17
CA ARG A 742 5.00 13.69 -27.23
C ARG A 742 4.36 14.57 -28.29
N LEU A 743 3.13 15.03 -28.09
CA LEU A 743 2.48 15.91 -29.07
C LEU A 743 1.72 16.99 -28.32
N PHE A 744 1.87 18.23 -28.75
CA PHE A 744 1.23 19.38 -28.14
C PHE A 744 0.62 20.25 -29.23
N THR A 745 -0.48 20.93 -28.87
CA THR A 745 -1.24 21.70 -29.85
C THR A 745 -1.77 22.97 -29.20
N ALA A 746 -1.76 24.06 -29.95
CA ALA A 746 -2.38 25.31 -29.56
C ALA A 746 -3.21 25.84 -30.72
N LEU A 747 -4.14 26.74 -30.41
CA LEU A 747 -5.07 27.27 -31.39
C LEU A 747 -4.83 28.75 -31.62
N PHE A 748 -5.12 29.20 -32.84
CA PHE A 748 -4.91 30.59 -33.24
C PHE A 748 -6.19 31.10 -33.91
N PRO A 749 -7.17 31.52 -33.12
CA PRO A 749 -8.46 31.89 -33.69
C PRO A 749 -8.41 33.22 -34.45
N PHE A 750 -9.44 33.43 -35.26
CA PHE A 750 -9.61 34.66 -36.02
C PHE A 750 -10.55 35.62 -35.29
N GLU A 751 -10.44 36.90 -35.66
CA GLU A 751 -11.28 37.92 -35.07
C GLU A 751 -12.71 37.83 -35.63
N LYS A 752 -13.68 38.10 -34.77
CA LYS A 752 -15.09 38.06 -35.15
C LYS A 752 -15.59 39.47 -35.47
N ASN A 753 -16.52 39.55 -36.40
CA ASN A 753 -17.16 40.78 -36.84
C ASN A 753 -18.67 40.59 -36.90
N CYS A 754 -19.23 40.07 -35.81
CA CYS A 754 -20.62 39.63 -35.81
C CYS A 754 -21.60 40.75 -36.16
N GLY A 755 -21.29 41.99 -35.78
CA GLY A 755 -22.17 43.10 -36.10
C GLY A 755 -21.56 44.47 -35.89
N ASN A 756 -21.68 45.34 -36.88
CA ASN A 756 -21.14 46.71 -36.87
C ASN A 756 -19.75 46.77 -36.25
N ASP A 757 -18.91 45.78 -36.54
CA ASP A 757 -17.52 45.72 -36.07
C ASP A 757 -17.43 45.75 -34.54
N ASN A 758 -18.46 45.27 -33.85
CA ASN A 758 -18.39 45.22 -32.40
C ASN A 758 -17.67 43.96 -31.94
N ILE A 759 -17.48 43.85 -30.63
CA ILE A 759 -17.14 42.57 -30.04
C ILE A 759 -18.39 41.69 -30.03
N CYS A 760 -18.22 40.42 -30.39
CA CYS A 760 -19.35 39.53 -30.57
C CYS A 760 -19.98 39.25 -29.20
N GLN A 761 -21.11 39.89 -28.93
CA GLN A 761 -21.75 39.85 -27.61
C GLN A 761 -22.87 38.81 -27.62
N ASP A 762 -22.58 37.64 -27.06
CA ASP A 762 -23.60 36.62 -26.90
C ASP A 762 -24.19 36.67 -25.50
N ASP A 763 -25.34 36.01 -25.34
CA ASP A 763 -25.99 35.86 -24.05
C ASP A 763 -26.45 34.42 -23.92
N LEU A 764 -25.89 33.71 -22.94
CA LEU A 764 -26.09 32.28 -22.80
C LEU A 764 -26.73 31.96 -21.46
N SER A 765 -27.67 31.02 -21.47
CA SER A 765 -28.38 30.61 -20.27
C SER A 765 -28.55 29.10 -20.27
N ILE A 766 -28.36 28.50 -19.09
CA ILE A 766 -28.49 27.05 -18.93
C ILE A 766 -29.43 26.77 -17.76
N THR A 767 -30.43 25.92 -18.00
CA THR A 767 -31.30 25.42 -16.95
C THR A 767 -31.57 23.94 -17.21
N PHE A 768 -31.81 23.19 -16.14
CA PHE A 768 -32.18 21.79 -16.27
C PHE A 768 -33.05 21.39 -15.09
N SER A 769 -33.79 20.29 -15.27
CA SER A 769 -34.69 19.82 -14.23
C SER A 769 -34.84 18.30 -14.36
N PHE A 770 -34.92 17.64 -13.21
CA PHE A 770 -35.22 16.21 -13.14
C PHE A 770 -36.73 16.07 -13.27
N MET A 771 -37.19 16.06 -14.53
CA MET A 771 -38.62 16.12 -14.81
C MET A 771 -39.34 14.89 -14.27
N SER A 772 -40.37 15.13 -13.46
CA SER A 772 -41.27 14.08 -12.97
C SER A 772 -40.52 13.00 -12.20
N LEU A 773 -39.43 13.37 -11.52
CA LEU A 773 -38.70 12.46 -10.66
C LEU A 773 -38.45 13.14 -9.32
N ASP A 774 -38.88 12.49 -8.24
CA ASP A 774 -38.80 13.07 -6.90
C ASP A 774 -37.57 12.63 -6.13
N CYS A 775 -37.29 11.32 -6.11
CA CYS A 775 -36.15 10.79 -5.39
C CYS A 775 -35.37 9.86 -6.30
N LEU A 776 -34.05 9.87 -6.13
CA LEU A 776 -33.16 9.00 -6.88
C LEU A 776 -32.92 7.74 -6.07
N VAL A 777 -33.53 6.64 -6.48
CA VAL A 777 -33.44 5.38 -5.77
C VAL A 777 -32.21 4.64 -6.26
N VAL A 778 -31.20 4.51 -5.41
CA VAL A 778 -30.02 3.75 -5.73
C VAL A 778 -30.33 2.27 -5.55
N GLY A 779 -30.08 1.47 -6.59
CA GLY A 779 -30.38 0.06 -6.57
C GLY A 779 -31.63 -0.33 -7.35
N GLY A 780 -32.44 0.63 -7.75
CA GLY A 780 -33.60 0.37 -8.56
C GLY A 780 -33.30 0.55 -10.03
N PRO A 781 -33.91 1.56 -10.66
CA PRO A 781 -33.55 1.88 -12.05
C PRO A 781 -32.08 2.26 -12.15
N ARG A 782 -31.45 1.82 -13.24
CA ARG A 782 -30.02 2.02 -13.40
C ARG A 782 -29.66 3.31 -14.13
N GLU A 783 -30.65 4.06 -14.63
CA GLU A 783 -30.38 5.27 -15.39
C GLU A 783 -31.46 6.30 -15.10
N PHE A 784 -31.10 7.57 -15.31
CA PHE A 784 -32.06 8.65 -15.16
C PHE A 784 -31.67 9.79 -16.10
N ASN A 785 -32.67 10.56 -16.52
CA ASN A 785 -32.49 11.65 -17.46
C ASN A 785 -32.30 12.98 -16.73
N VAL A 786 -31.71 13.93 -17.43
CA VAL A 786 -31.68 15.32 -17.01
C VAL A 786 -31.94 16.18 -18.24
N THR A 787 -33.16 16.69 -18.36
CA THR A 787 -33.53 17.52 -19.50
C THR A 787 -32.93 18.92 -19.31
N VAL A 788 -32.01 19.30 -20.17
CA VAL A 788 -31.30 20.56 -20.07
C VAL A 788 -31.50 21.36 -21.35
N THR A 789 -31.72 22.66 -21.21
CA THR A 789 -31.94 23.56 -22.34
C THR A 789 -30.96 24.72 -22.27
N VAL A 790 -30.46 25.13 -23.43
CA VAL A 790 -29.48 26.19 -23.54
C VAL A 790 -29.98 27.20 -24.55
N ARG A 791 -29.98 28.48 -24.18
CA ARG A 791 -30.48 29.55 -25.03
C ARG A 791 -29.36 30.53 -25.35
N ASN A 792 -29.42 31.10 -26.55
CA ASN A 792 -28.48 32.12 -27.00
C ASN A 792 -29.28 33.34 -27.41
N ASP A 793 -29.48 34.27 -26.47
CA ASP A 793 -30.25 35.47 -26.76
C ASP A 793 -29.44 36.49 -27.55
N GLY A 794 -28.13 36.56 -27.33
CA GLY A 794 -27.28 37.50 -28.03
C GLY A 794 -26.93 37.04 -29.42
N GLU A 795 -25.95 37.72 -30.01
CA GLU A 795 -25.54 37.40 -31.37
C GLU A 795 -24.76 36.09 -31.39
N ASP A 796 -24.19 35.78 -32.56
CA ASP A 796 -23.67 34.45 -32.85
C ASP A 796 -22.66 34.00 -31.80
N SER A 797 -22.79 32.76 -31.36
CA SER A 797 -21.88 32.16 -30.39
C SER A 797 -20.98 31.16 -31.11
N TYR A 798 -19.67 31.27 -30.87
CA TYR A 798 -18.69 30.38 -31.48
C TYR A 798 -18.11 29.44 -30.44
N ARG A 799 -17.99 28.17 -30.81
CA ARG A 799 -17.35 27.16 -29.98
C ARG A 799 -18.05 27.00 -28.64
N THR A 800 -19.38 26.91 -28.68
CA THR A 800 -20.15 26.76 -27.45
C THR A 800 -19.85 25.43 -26.79
N GLN A 801 -19.70 25.46 -25.47
CA GLN A 801 -19.25 24.29 -24.72
C GLN A 801 -19.96 24.27 -23.39
N VAL A 802 -20.55 23.11 -23.04
CA VAL A 802 -21.25 22.92 -21.79
C VAL A 802 -20.53 21.85 -20.99
N THR A 803 -20.21 22.17 -19.74
CA THR A 803 -19.44 21.28 -18.88
C THR A 803 -20.28 20.89 -17.67
N PHE A 804 -20.34 19.61 -17.37
CA PHE A 804 -21.10 19.07 -16.25
C PHE A 804 -20.15 18.58 -15.17
N PHE A 805 -20.65 18.57 -13.93
CA PHE A 805 -19.88 18.12 -12.78
C PHE A 805 -20.77 17.27 -11.89
N PHE A 806 -20.37 16.03 -11.66
CA PHE A 806 -21.16 15.07 -10.91
C PHE A 806 -20.25 14.23 -10.02
N PRO A 807 -20.80 13.61 -8.97
CA PRO A 807 -19.98 12.77 -8.09
C PRO A 807 -19.37 11.56 -8.77
N LEU A 808 -18.58 10.79 -8.01
CA LEU A 808 -17.76 9.74 -8.60
C LEU A 808 -18.57 8.50 -8.99
N ASP A 809 -19.83 8.40 -8.56
CA ASP A 809 -20.63 7.22 -8.80
C ASP A 809 -21.58 7.39 -9.98
N LEU A 810 -21.38 8.41 -10.81
CA LEU A 810 -22.19 8.63 -12.00
C LEU A 810 -21.31 8.59 -13.24
N SER A 811 -21.79 7.93 -14.28
CA SER A 811 -21.06 7.80 -15.53
C SER A 811 -21.94 8.26 -16.69
N TYR A 812 -21.34 8.99 -17.62
CA TYR A 812 -22.05 9.53 -18.78
C TYR A 812 -22.29 8.42 -19.79
N ARG A 813 -23.54 8.27 -20.22
CA ARG A 813 -23.92 7.19 -21.13
C ARG A 813 -24.21 7.68 -22.55
N LYS A 814 -25.13 8.64 -22.70
CA LYS A 814 -25.49 9.11 -24.04
C LYS A 814 -26.09 10.51 -23.93
N VAL A 815 -26.23 11.14 -25.08
CA VAL A 815 -26.92 12.43 -25.22
C VAL A 815 -27.89 12.31 -26.38
N SER A 816 -29.16 12.61 -26.14
CA SER A 816 -30.18 12.58 -27.18
C SER A 816 -30.90 13.92 -27.22
N THR A 817 -31.24 14.35 -28.43
CA THR A 817 -31.92 15.61 -28.64
C THR A 817 -33.43 15.40 -28.81
N TRP A 827 -28.78 21.75 -32.95
CA TRP A 827 -28.90 20.50 -33.69
C TRP A 827 -27.88 19.46 -33.25
N ARG A 828 -26.67 19.54 -33.80
CA ARG A 828 -25.64 18.56 -33.50
C ARG A 828 -25.17 18.68 -32.06
N LEU A 829 -24.83 17.54 -31.46
CA LEU A 829 -24.47 17.49 -30.04
C LEU A 829 -23.43 16.39 -29.86
N ALA A 830 -22.16 16.78 -29.72
CA ALA A 830 -21.07 15.85 -29.47
C ALA A 830 -20.55 16.09 -28.06
N CYS A 831 -20.58 15.05 -27.23
CA CYS A 831 -20.18 15.18 -25.83
C CYS A 831 -19.17 14.10 -25.48
N GLU A 832 -18.15 14.49 -24.71
CA GLU A 832 -17.09 13.59 -24.32
C GLU A 832 -16.69 13.90 -22.88
N SER A 833 -16.12 12.90 -22.21
CA SER A 833 -15.70 13.05 -20.83
C SER A 833 -14.33 13.72 -20.75
N LEU A 843 -14.52 15.31 -8.18
CA LEU A 843 -15.74 14.95 -8.91
C LEU A 843 -15.49 14.99 -10.42
N LYS A 844 -16.07 14.02 -11.13
CA LYS A 844 -15.81 13.86 -12.55
C LYS A 844 -16.44 15.00 -13.35
N SER A 845 -16.25 14.96 -14.67
CA SER A 845 -16.73 16.01 -15.54
C SER A 845 -16.89 15.48 -16.96
N THR A 846 -17.87 16.04 -17.67
CA THR A 846 -18.05 15.80 -19.09
C THR A 846 -18.26 17.13 -19.80
N SER A 847 -17.83 17.18 -21.05
CA SER A 847 -17.93 18.38 -21.86
C SER A 847 -18.68 18.06 -23.14
N CYS A 848 -19.75 18.80 -23.39
CA CYS A 848 -20.57 18.59 -24.58
C CYS A 848 -20.45 19.80 -25.51
N SER A 849 -20.46 19.52 -26.80
CA SER A 849 -20.35 20.55 -27.83
C SER A 849 -21.73 20.93 -28.34
N ILE A 850 -21.97 22.23 -28.49
CA ILE A 850 -23.28 22.73 -28.89
C ILE A 850 -23.21 23.28 -30.30
N ASN A 851 -23.44 22.41 -31.29
CA ASN A 851 -23.60 22.80 -32.70
C ASN A 851 -22.41 23.63 -33.19
N HIS A 852 -21.26 22.97 -33.21
CA HIS A 852 -20.08 23.60 -33.79
C HIS A 852 -20.24 23.70 -35.31
N PRO A 853 -19.65 24.73 -35.94
CA PRO A 853 -18.90 25.84 -35.33
C PRO A 853 -19.74 26.90 -34.63
N ILE A 854 -20.92 27.22 -35.16
CA ILE A 854 -21.68 28.38 -34.71
C ILE A 854 -23.01 27.93 -34.12
N PHE A 855 -23.38 28.55 -33.00
CA PHE A 855 -24.71 28.40 -32.40
C PHE A 855 -25.45 29.70 -32.61
N PRO A 856 -26.44 29.76 -33.50
CA PRO A 856 -26.89 31.05 -34.06
C PRO A 856 -27.60 31.98 -33.09
N GLU A 857 -28.05 33.11 -33.64
CA GLU A 857 -28.73 34.16 -32.90
C GLU A 857 -30.22 33.85 -32.77
N ASN A 858 -30.76 34.04 -31.57
CA ASN A 858 -32.07 33.52 -31.18
C ASN A 858 -32.20 32.04 -31.52
N SER A 859 -31.39 31.25 -30.84
CA SER A 859 -31.41 29.81 -30.96
C SER A 859 -31.67 29.18 -29.60
N GLU A 860 -32.16 27.93 -29.63
CA GLU A 860 -32.45 27.19 -28.42
C GLU A 860 -32.31 25.70 -28.72
N VAL A 861 -31.68 24.98 -27.79
CA VAL A 861 -31.50 23.54 -27.91
C VAL A 861 -31.95 22.89 -26.62
N THR A 862 -32.67 21.77 -26.74
CA THR A 862 -33.13 20.98 -25.61
C THR A 862 -32.69 19.55 -25.82
N PHE A 863 -32.14 18.93 -24.79
CA PHE A 863 -31.65 17.57 -24.93
C PHE A 863 -31.61 16.90 -23.56
N ASN A 864 -31.56 15.58 -23.59
CA ASN A 864 -31.48 14.75 -22.40
C ASN A 864 -30.12 14.09 -22.32
N ILE A 865 -29.52 14.10 -21.14
CA ILE A 865 -28.24 13.45 -20.89
C ILE A 865 -28.48 12.29 -19.94
N THR A 866 -28.09 11.10 -20.34
CA THR A 866 -28.33 9.90 -19.56
C THR A 866 -27.12 9.57 -18.70
N PHE A 867 -27.38 9.15 -17.46
CA PHE A 867 -26.35 8.76 -16.52
C PHE A 867 -26.58 7.32 -16.08
N ASP A 868 -25.51 6.66 -15.67
CA ASP A 868 -25.57 5.32 -15.11
C ASP A 868 -25.19 5.38 -13.64
N VAL A 869 -26.04 4.84 -12.77
CA VAL A 869 -25.84 4.89 -11.33
C VAL A 869 -25.36 3.52 -10.88
N ASP A 870 -24.21 3.48 -10.22
CA ASP A 870 -23.67 2.22 -9.73
C ASP A 870 -24.57 1.64 -8.65
N SER A 871 -24.66 0.31 -8.60
CA SER A 871 -25.52 -0.35 -7.63
C SER A 871 -24.95 -0.30 -6.22
N LYS A 872 -23.66 -0.03 -6.06
CA LYS A 872 -22.99 0.06 -4.77
C LYS A 872 -22.56 1.51 -4.56
N ALA A 873 -23.38 2.44 -5.03
CA ALA A 873 -23.04 3.85 -4.95
C ALA A 873 -23.16 4.35 -3.51
N SER A 874 -22.38 5.39 -3.20
CA SER A 874 -22.39 6.04 -1.90
C SER A 874 -22.44 7.54 -2.15
N LEU A 875 -23.66 8.08 -2.20
CA LEU A 875 -23.88 9.50 -2.49
C LEU A 875 -24.50 10.23 -1.31
N GLY A 876 -24.54 9.62 -0.14
CA GLY A 876 -25.25 10.22 0.96
C GLY A 876 -26.75 10.17 0.71
N ASN A 877 -27.46 11.11 1.33
CA ASN A 877 -28.89 11.26 1.14
C ASN A 877 -29.25 12.45 0.26
N LYS A 878 -28.27 13.03 -0.43
CA LYS A 878 -28.48 14.31 -1.09
C LYS A 878 -27.37 14.48 -2.12
N LEU A 879 -27.70 14.42 -3.41
CA LEU A 879 -26.71 14.52 -4.47
C LEU A 879 -26.94 15.77 -5.29
N LEU A 880 -25.84 16.41 -5.71
CA LEU A 880 -25.88 17.69 -6.36
C LEU A 880 -25.23 17.60 -7.75
N LEU A 881 -25.83 18.29 -8.72
CA LEU A 881 -25.29 18.37 -10.06
C LEU A 881 -25.02 19.83 -10.42
N LYS A 882 -23.93 20.06 -11.12
CA LYS A 882 -23.46 21.40 -11.43
C LYS A 882 -23.14 21.48 -12.92
N ALA A 883 -23.56 22.56 -13.57
CA ALA A 883 -23.32 22.72 -14.99
C ALA A 883 -23.22 24.20 -15.33
N ASN A 884 -22.25 24.54 -16.17
CA ASN A 884 -22.13 25.90 -16.66
C ASN A 884 -21.69 25.87 -18.12
N VAL A 885 -22.01 26.95 -18.83
CA VAL A 885 -21.81 27.05 -20.27
C VAL A 885 -20.63 27.97 -20.54
N THR A 886 -19.99 27.77 -21.69
CA THR A 886 -18.79 28.52 -22.05
C THR A 886 -18.77 28.73 -23.56
N SER A 887 -18.05 29.76 -24.00
CA SER A 887 -17.93 30.04 -25.42
C SER A 887 -16.59 30.72 -25.68
N GLU A 888 -16.20 30.74 -26.95
CA GLU A 888 -14.90 31.29 -27.34
C GLU A 888 -14.81 32.80 -27.11
N ASN A 889 -15.95 33.50 -27.10
CA ASN A 889 -15.92 34.96 -26.93
C ASN A 889 -15.36 35.38 -25.58
N ASN A 890 -15.36 34.49 -24.59
CA ASN A 890 -14.69 34.71 -23.30
C ASN A 890 -15.22 35.97 -22.61
N MET A 891 -16.49 35.92 -22.23
CA MET A 891 -17.12 37.04 -21.57
C MET A 891 -17.43 36.73 -20.11
N PRO A 892 -17.57 37.76 -19.27
CA PRO A 892 -17.66 37.53 -17.82
C PRO A 892 -18.84 36.64 -17.44
N ARG A 893 -18.61 35.83 -16.39
CA ARG A 893 -19.61 34.89 -15.92
C ARG A 893 -20.81 35.62 -15.34
N THR A 894 -21.98 35.00 -15.48
CA THR A 894 -23.25 35.60 -15.08
C THR A 894 -24.12 34.50 -14.47
N ASN A 895 -25.12 34.92 -13.69
CA ASN A 895 -26.02 33.96 -13.06
C ASN A 895 -26.72 33.07 -14.09
N LYS A 896 -26.94 33.57 -15.30
CA LYS A 896 -27.51 32.74 -16.36
C LYS A 896 -26.56 31.63 -16.77
N THR A 897 -25.25 31.86 -16.65
CA THR A 897 -24.26 30.89 -17.08
C THR A 897 -24.18 29.67 -16.16
N GLU A 898 -24.48 29.83 -14.88
CA GLU A 898 -24.31 28.78 -13.90
C GLU A 898 -25.67 28.29 -13.41
N PHE A 899 -25.77 26.99 -13.15
CA PHE A 899 -26.99 26.39 -12.64
C PHE A 899 -26.65 25.13 -11.87
N GLN A 900 -27.32 24.93 -10.75
CA GLN A 900 -27.17 23.71 -9.96
C GLN A 900 -28.47 23.43 -9.24
N LEU A 901 -28.84 22.16 -9.14
CA LEU A 901 -30.08 21.75 -8.53
C LEU A 901 -29.83 20.48 -7.72
N GLU A 902 -30.63 20.28 -6.68
CA GLU A 902 -30.37 19.28 -5.66
C GLU A 902 -31.50 18.26 -5.66
N LEU A 903 -31.14 16.98 -5.54
CA LEU A 903 -32.13 15.92 -5.62
C LEU A 903 -31.98 14.94 -4.46
N PRO A 904 -33.09 14.55 -3.83
CA PRO A 904 -33.01 13.58 -2.74
C PRO A 904 -32.59 12.20 -3.24
N VAL A 905 -32.04 11.41 -2.31
CA VAL A 905 -31.53 10.08 -2.61
C VAL A 905 -32.13 9.09 -1.64
N LYS A 906 -32.45 7.90 -2.13
CA LYS A 906 -32.87 6.78 -1.29
C LYS A 906 -32.13 5.54 -1.75
N TYR A 907 -32.01 4.57 -0.86
CA TYR A 907 -31.26 3.35 -1.11
C TYR A 907 -32.21 2.17 -1.11
N ALA A 908 -32.09 1.31 -2.12
CA ALA A 908 -32.96 0.15 -2.23
C ALA A 908 -32.56 -0.91 -1.21
N VAL A 909 -33.55 -1.42 -0.48
CA VAL A 909 -33.34 -2.44 0.54
C VAL A 909 -34.40 -3.51 0.37
N TYR A 910 -34.01 -4.77 0.52
CA TYR A 910 -34.93 -5.89 0.38
C TYR A 910 -34.70 -6.85 1.52
N MET A 911 -35.71 -7.05 2.35
CA MET A 911 -35.62 -7.93 3.50
C MET A 911 -37.00 -8.45 3.83
N VAL A 912 -37.08 -9.72 4.22
CA VAL A 912 -38.34 -10.42 4.38
C VAL A 912 -38.44 -10.99 5.79
N VAL A 913 -39.67 -11.11 6.27
CA VAL A 913 -39.96 -11.73 7.56
C VAL A 913 -41.02 -12.80 7.33
N THR A 914 -40.77 -14.00 7.86
CA THR A 914 -41.68 -15.12 7.63
C THR A 914 -41.87 -15.89 8.92
N SER A 915 -43.08 -16.42 9.12
CA SER A 915 -43.28 -17.42 10.15
C SER A 915 -42.51 -18.67 9.80
N HIS A 916 -42.19 -19.47 10.81
CA HIS A 916 -41.40 -20.66 10.60
C HIS A 916 -42.15 -21.86 11.16
N GLY A 917 -41.81 -23.05 10.65
CA GLY A 917 -42.64 -24.22 10.87
C GLY A 917 -42.77 -24.62 12.32
N VAL A 918 -41.68 -24.52 13.10
CA VAL A 918 -41.71 -24.94 14.49
C VAL A 918 -42.65 -24.11 15.35
N SER A 919 -43.12 -22.98 14.84
CA SER A 919 -44.11 -22.21 15.57
C SER A 919 -45.35 -23.05 15.82
N THR A 920 -45.92 -22.92 17.01
CA THR A 920 -47.03 -23.78 17.42
C THR A 920 -48.22 -23.61 16.48
N LYS A 921 -48.77 -24.73 16.04
CA LYS A 921 -49.88 -24.75 15.10
C LYS A 921 -51.21 -25.10 15.74
N TYR A 922 -51.20 -25.82 16.85
CA TYR A 922 -52.45 -26.34 17.39
C TYR A 922 -52.32 -26.55 18.89
N LEU A 923 -53.38 -26.21 19.62
CA LEU A 923 -53.48 -26.45 21.05
C LEU A 923 -54.93 -26.76 21.38
N ASN A 924 -55.15 -27.66 22.33
CA ASN A 924 -56.49 -27.98 22.76
C ASN A 924 -56.52 -28.13 24.28
N PHE A 925 -57.71 -27.95 24.84
CA PHE A 925 -57.86 -27.89 26.29
C PHE A 925 -59.23 -28.44 26.69
N THR A 926 -59.33 -28.83 27.95
CA THR A 926 -60.59 -29.25 28.56
C THR A 926 -60.98 -28.25 29.64
N ALA A 927 -62.20 -27.73 29.56
CA ALA A 927 -62.64 -26.72 30.51
C ALA A 927 -62.71 -27.26 31.92
N SER A 928 -62.90 -28.57 32.07
CA SER A 928 -62.91 -29.18 33.40
C SER A 928 -61.54 -29.26 34.03
N GLU A 929 -60.48 -28.98 33.28
CA GLU A 929 -59.11 -29.03 33.78
C GLU A 929 -58.45 -27.67 33.61
N ASN A 930 -57.57 -27.34 34.55
CA ASN A 930 -56.92 -26.03 34.58
C ASN A 930 -55.42 -26.11 34.29
N THR A 931 -55.03 -26.96 33.35
CA THR A 931 -53.62 -27.07 32.98
C THR A 931 -53.26 -26.03 31.93
N SER A 932 -52.07 -25.48 32.04
CA SER A 932 -51.56 -24.46 31.15
C SER A 932 -50.68 -25.09 30.06
N ARG A 933 -50.31 -24.27 29.09
CA ARG A 933 -49.52 -24.75 27.97
C ARG A 933 -48.62 -23.64 27.45
N VAL A 934 -47.55 -24.03 26.76
CA VAL A 934 -46.53 -23.12 26.27
C VAL A 934 -46.72 -22.90 24.78
N MET A 935 -46.61 -21.64 24.36
CA MET A 935 -46.83 -21.25 22.98
C MET A 935 -45.64 -20.44 22.51
N GLN A 936 -45.15 -20.74 21.32
CA GLN A 936 -44.06 -19.98 20.72
C GLN A 936 -44.38 -19.68 19.26
N HIS A 937 -44.18 -18.43 18.87
CA HIS A 937 -44.33 -18.00 17.50
C HIS A 937 -42.94 -17.57 17.00
N GLN A 938 -42.35 -18.38 16.14
CA GLN A 938 -40.99 -18.15 15.67
C GLN A 938 -41.00 -17.50 14.30
N TYR A 939 -40.33 -16.36 14.18
CA TYR A 939 -40.19 -15.64 12.93
C TYR A 939 -38.74 -15.67 12.48
N GLN A 940 -38.54 -15.64 11.17
CA GLN A 940 -37.21 -15.68 10.56
C GLN A 940 -37.03 -14.41 9.74
N VAL A 941 -35.95 -13.68 10.00
CA VAL A 941 -35.69 -12.39 9.37
C VAL A 941 -34.39 -12.50 8.59
N SER A 942 -34.42 -12.07 7.33
CA SER A 942 -33.27 -12.17 6.45
C SER A 942 -33.07 -10.86 5.69
N ASN A 943 -31.80 -10.50 5.51
CA ASN A 943 -31.42 -9.34 4.69
C ASN A 943 -30.91 -9.85 3.35
N LEU A 944 -31.84 -10.10 2.44
CA LEU A 944 -31.48 -10.64 1.13
C LEU A 944 -30.96 -9.57 0.19
N GLY A 945 -31.08 -8.30 0.56
CA GLY A 945 -30.60 -7.22 -0.28
C GLY A 945 -29.10 -7.08 -0.22
N GLN A 946 -28.61 -6.08 -0.93
CA GLN A 946 -27.18 -5.78 -1.01
C GLN A 946 -26.78 -4.65 -0.05
N ARG A 947 -27.58 -4.39 0.98
CA ARG A 947 -27.30 -3.30 1.90
C ARG A 947 -27.55 -3.75 3.32
N SER A 948 -26.85 -3.11 4.26
CA SER A 948 -27.00 -3.37 5.69
C SER A 948 -27.50 -2.10 6.36
N LEU A 949 -28.54 -2.24 7.18
CA LEU A 949 -29.25 -1.09 7.71
C LEU A 949 -29.72 -1.41 9.12
N PRO A 950 -29.96 -0.39 9.95
CA PRO A 950 -30.64 -0.62 11.22
C PRO A 950 -32.14 -0.80 11.02
N ILE A 951 -32.71 -1.76 11.74
CA ILE A 951 -34.11 -2.12 11.60
C ILE A 951 -34.75 -2.26 12.98
N SER A 952 -36.07 -2.28 12.99
CA SER A 952 -36.85 -2.45 14.22
C SER A 952 -37.92 -3.51 13.99
N LEU A 953 -38.06 -4.42 14.94
CA LEU A 953 -39.05 -5.48 14.90
C LEU A 953 -40.15 -5.19 15.91
N VAL A 954 -41.40 -5.28 15.47
CA VAL A 954 -42.55 -5.02 16.32
C VAL A 954 -43.43 -6.26 16.35
N PHE A 955 -43.71 -6.76 17.55
CA PHE A 955 -44.59 -7.91 17.75
C PHE A 955 -45.84 -7.43 18.48
N LEU A 956 -46.99 -7.69 17.89
CA LEU A 956 -48.28 -7.42 18.53
C LEU A 956 -48.77 -8.72 19.15
N VAL A 957 -48.99 -8.69 20.46
CA VAL A 957 -49.30 -9.90 21.22
C VAL A 957 -50.63 -9.76 21.94
N PRO A 958 -51.64 -10.56 21.61
CA PRO A 958 -52.91 -10.51 22.35
C PRO A 958 -52.73 -11.02 23.77
N VAL A 959 -53.11 -10.21 24.74
CA VAL A 959 -52.82 -10.43 26.15
C VAL A 959 -54.10 -10.68 26.96
N ARG A 960 -55.11 -9.82 26.80
CA ARG A 960 -56.35 -9.96 27.54
C ARG A 960 -57.54 -9.80 26.61
N LEU A 961 -58.66 -10.42 27.00
CA LEU A 961 -59.91 -10.33 26.27
C LEU A 961 -61.03 -10.27 27.28
N ASN A 962 -61.76 -9.15 27.32
CA ASN A 962 -62.82 -8.94 28.29
C ASN A 962 -62.30 -9.12 29.72
N GLN A 963 -61.12 -8.57 29.97
CA GLN A 963 -60.49 -8.59 31.29
C GLN A 963 -60.20 -10.02 31.76
N THR A 964 -59.46 -10.76 30.94
CA THR A 964 -58.97 -12.08 31.32
C THR A 964 -57.69 -12.35 30.54
N VAL A 965 -56.64 -12.78 31.25
CA VAL A 965 -55.31 -12.89 30.65
C VAL A 965 -55.28 -14.07 29.68
N ILE A 966 -54.72 -13.83 28.49
CA ILE A 966 -54.56 -14.88 27.50
C ILE A 966 -53.13 -15.40 27.53
N TRP A 967 -52.19 -14.55 27.16
CA TRP A 967 -50.78 -14.92 27.01
C TRP A 967 -49.98 -14.06 27.99
N ASP A 968 -49.62 -14.64 29.14
CA ASP A 968 -49.03 -13.87 30.21
C ASP A 968 -47.55 -13.60 29.98
N ARG A 969 -47.13 -12.38 30.28
CA ARG A 969 -45.74 -11.91 30.24
C ARG A 969 -44.93 -12.47 29.06
N PRO A 970 -45.37 -12.24 27.83
CA PRO A 970 -44.63 -12.77 26.68
C PRO A 970 -43.24 -12.17 26.60
N GLN A 971 -42.28 -12.99 26.14
CA GLN A 971 -40.89 -12.60 26.06
C GLN A 971 -40.36 -12.85 24.65
N VAL A 972 -39.42 -12.02 24.22
CA VAL A 972 -38.77 -12.16 22.93
C VAL A 972 -37.29 -12.43 23.16
N THR A 973 -36.77 -13.48 22.52
CA THR A 973 -35.36 -13.82 22.57
C THR A 973 -34.85 -14.09 21.16
N PHE A 974 -33.58 -13.77 20.95
CA PHE A 974 -32.97 -13.84 19.63
C PHE A 974 -31.93 -14.95 19.60
N SER A 975 -31.84 -15.65 18.46
CA SER A 975 -30.97 -16.81 18.34
C SER A 975 -29.53 -16.44 18.03
N GLU A 976 -29.29 -15.31 17.38
CA GLU A 976 -27.95 -14.92 16.95
C GLU A 976 -27.18 -14.15 18.01
N ASN A 977 -27.76 -13.94 19.19
CA ASN A 977 -27.16 -13.17 20.29
C ASN A 977 -26.58 -11.84 19.82
N LEU A 978 -27.15 -11.29 18.75
CA LEU A 978 -26.77 -9.96 18.29
C LEU A 978 -27.33 -8.91 19.23
N SER A 979 -26.73 -7.72 19.17
CA SER A 979 -27.13 -6.64 20.06
C SER A 979 -28.58 -6.23 19.79
N SER A 980 -29.36 -6.11 20.86
CA SER A 980 -30.77 -5.78 20.73
C SER A 980 -31.29 -5.21 22.04
N THR A 981 -32.23 -4.28 21.95
CA THR A 981 -32.93 -3.73 23.10
C THR A 981 -34.42 -3.67 22.78
N CYS A 982 -35.25 -4.00 23.76
CA CYS A 982 -36.69 -4.10 23.56
C CYS A 982 -37.43 -3.32 24.63
N HIS A 983 -38.59 -2.77 24.25
CA HIS A 983 -39.46 -2.05 25.16
C HIS A 983 -40.91 -2.35 24.81
N THR A 984 -41.74 -2.52 25.83
CA THR A 984 -43.10 -3.04 25.68
C THR A 984 -44.13 -1.96 26.00
N LYS A 985 -45.20 -1.94 25.22
CA LYS A 985 -46.26 -0.96 25.36
C LYS A 985 -47.58 -1.62 25.01
N GLU A 986 -48.67 -1.14 25.62
CA GLU A 986 -49.99 -1.71 25.42
C GLU A 986 -50.87 -0.77 24.60
N ARG A 987 -51.69 -1.35 23.74
CA ARG A 987 -52.64 -0.61 22.92
C ARG A 987 -54.02 -1.24 23.07
N LEU A 988 -55.06 -0.39 22.97
CA LEU A 988 -56.40 -0.82 23.32
C LEU A 988 -57.17 -1.30 22.10
N PRO A 989 -58.11 -2.23 22.29
CA PRO A 989 -58.91 -2.72 21.16
C PRO A 989 -59.81 -1.63 20.58
N SER A 990 -60.15 -1.80 19.31
CA SER A 990 -61.00 -0.85 18.61
C SER A 990 -62.47 -1.20 18.67
N HIS A 991 -62.81 -2.48 18.84
CA HIS A 991 -64.18 -2.95 18.83
C HIS A 991 -64.56 -3.43 20.22
N SER A 992 -65.56 -2.78 20.83
CA SER A 992 -65.97 -3.15 22.18
C SER A 992 -66.78 -4.43 22.20
N ASP A 993 -67.66 -4.63 21.21
CA ASP A 993 -68.52 -5.81 21.16
C ASP A 993 -67.70 -6.97 20.59
N PHE A 994 -67.01 -7.65 21.50
CA PHE A 994 -66.17 -8.77 21.07
C PHE A 994 -67.00 -9.99 20.69
N LEU A 995 -68.19 -10.13 21.27
CA LEU A 995 -69.00 -11.32 21.03
C LEU A 995 -69.48 -11.35 19.58
N ALA A 996 -70.00 -10.24 19.08
CA ALA A 996 -70.46 -10.19 17.70
C ALA A 996 -69.30 -10.40 16.73
N GLU A 997 -68.16 -9.76 17.01
CA GLU A 997 -67.00 -9.91 16.13
C GLU A 997 -66.54 -11.35 16.07
N LEU A 998 -66.53 -12.05 17.20
CA LEU A 998 -66.25 -13.47 17.17
C LEU A 998 -67.32 -14.23 16.41
N ARG A 999 -68.57 -13.76 16.47
CA ARG A 999 -69.65 -14.43 15.75
C ARG A 999 -69.43 -14.38 14.24
N LYS A 1000 -69.01 -13.24 13.69
CA LYS A 1000 -68.64 -13.22 12.28
C LYS A 1000 -67.44 -14.12 12.02
N ALA A 1001 -66.28 -13.76 12.56
CA ALA A 1001 -65.05 -14.49 12.29
C ALA A 1001 -64.40 -14.93 13.59
N PRO A 1002 -63.87 -16.16 13.65
CA PRO A 1002 -63.27 -16.67 14.88
C PRO A 1002 -61.78 -16.33 14.99
N VAL A 1003 -61.47 -15.03 14.96
CA VAL A 1003 -60.11 -14.56 15.05
C VAL A 1003 -59.97 -13.72 16.31
N VAL A 1004 -59.07 -14.11 17.20
CA VAL A 1004 -58.77 -13.35 18.41
C VAL A 1004 -57.46 -12.63 18.15
N ASN A 1005 -57.56 -11.39 17.70
CA ASN A 1005 -56.40 -10.59 17.36
C ASN A 1005 -56.60 -9.20 17.95
N CYS A 1006 -55.78 -8.24 17.51
CA CYS A 1006 -55.76 -6.93 18.11
C CYS A 1006 -57.05 -6.15 17.93
N SER A 1007 -57.94 -6.61 17.04
CA SER A 1007 -59.22 -5.93 16.86
C SER A 1007 -60.12 -6.08 18.09
N ILE A 1008 -60.09 -7.25 18.73
CA ILE A 1008 -61.02 -7.54 19.82
C ILE A 1008 -60.28 -7.90 21.11
N ALA A 1009 -59.01 -7.54 21.23
CA ALA A 1009 -58.25 -7.89 22.41
C ALA A 1009 -57.18 -6.84 22.69
N VAL A 1010 -56.72 -6.81 23.93
CA VAL A 1010 -55.65 -5.91 24.34
C VAL A 1010 -54.32 -6.49 23.91
N CYS A 1011 -53.50 -5.68 23.26
CA CYS A 1011 -52.25 -6.14 22.66
C CYS A 1011 -51.07 -5.43 23.28
N GLN A 1012 -50.05 -6.20 23.68
CA GLN A 1012 -48.75 -5.63 23.99
C GLN A 1012 -47.94 -5.48 22.71
N ARG A 1013 -47.33 -4.33 22.53
CA ARG A 1013 -46.52 -4.02 21.36
C ARG A 1013 -45.06 -4.06 21.79
N ILE A 1014 -44.40 -5.18 21.50
CA ILE A 1014 -42.98 -5.33 21.82
C ILE A 1014 -42.18 -4.82 20.63
N GLN A 1015 -41.37 -3.78 20.86
CA GLN A 1015 -40.53 -3.21 19.83
C GLN A 1015 -39.07 -3.44 20.19
N CYS A 1016 -38.33 -4.09 19.29
CA CYS A 1016 -36.93 -4.41 19.49
C CYS A 1016 -36.10 -3.72 18.42
N ASP A 1017 -35.04 -3.03 18.84
CA ASP A 1017 -34.21 -2.24 17.95
C ASP A 1017 -32.86 -2.89 17.76
N ILE A 1018 -32.50 -3.14 16.51
CA ILE A 1018 -31.22 -3.74 16.13
C ILE A 1018 -30.38 -2.68 15.44
N PRO A 1019 -29.20 -2.32 15.98
CA PRO A 1019 -28.43 -1.23 15.38
C PRO A 1019 -27.68 -1.62 14.12
N PHE A 1020 -27.46 -2.91 13.87
CA PHE A 1020 -26.72 -3.34 12.69
C PHE A 1020 -27.28 -4.67 12.21
N PHE A 1021 -28.00 -4.64 11.10
CA PHE A 1021 -28.55 -5.84 10.47
C PHE A 1021 -27.72 -6.11 9.23
N GLY A 1022 -26.88 -7.14 9.29
CA GLY A 1022 -25.83 -7.32 8.30
C GLY A 1022 -26.33 -7.81 6.95
N ILE A 1023 -25.41 -7.80 6.00
CA ILE A 1023 -25.72 -8.18 4.63
C ILE A 1023 -25.71 -9.69 4.49
N GLN A 1024 -26.76 -10.23 3.87
CA GLN A 1024 -26.88 -11.66 3.60
C GLN A 1024 -26.68 -12.49 4.87
N GLU A 1025 -27.28 -12.05 5.97
CA GLU A 1025 -27.28 -12.80 7.21
C GLU A 1025 -28.67 -12.77 7.81
N GLU A 1026 -28.98 -13.79 8.61
CA GLU A 1026 -30.33 -14.02 9.07
C GLU A 1026 -30.31 -14.54 10.50
N PHE A 1027 -31.46 -14.42 11.16
CA PHE A 1027 -31.62 -14.89 12.52
C PHE A 1027 -33.07 -15.24 12.77
N ASN A 1028 -33.30 -15.99 13.84
CA ASN A 1028 -34.64 -16.32 14.30
C ASN A 1028 -35.01 -15.46 15.51
N ALA A 1029 -36.30 -15.17 15.63
CA ALA A 1029 -36.83 -14.36 16.73
C ALA A 1029 -38.05 -15.06 17.30
N THR A 1030 -37.87 -15.86 18.34
CA THR A 1030 -38.95 -16.60 18.97
C THR A 1030 -39.64 -15.73 20.02
N LEU A 1031 -40.95 -15.95 20.17
CA LEU A 1031 -41.80 -15.20 21.07
C LEU A 1031 -42.53 -16.21 21.94
N LYS A 1032 -42.05 -16.40 23.17
CA LYS A 1032 -42.47 -17.52 23.99
C LYS A 1032 -43.16 -17.02 25.26
N GLY A 1033 -44.17 -17.78 25.68
CA GLY A 1033 -44.87 -17.52 26.92
C GLY A 1033 -45.86 -18.63 27.17
N ASN A 1034 -46.37 -18.67 28.39
CA ASN A 1034 -47.32 -19.71 28.77
C ASN A 1034 -48.76 -19.20 28.62
N LEU A 1035 -49.68 -20.14 28.54
CA LEU A 1035 -51.07 -19.86 28.21
C LEU A 1035 -52.01 -20.30 29.31
N SER A 1036 -53.26 -19.89 29.17
CA SER A 1036 -54.38 -20.41 29.94
C SER A 1036 -55.63 -20.25 29.10
N PHE A 1037 -56.66 -21.02 29.43
CA PHE A 1037 -57.84 -21.12 28.58
C PHE A 1037 -59.10 -20.71 29.32
N ASP A 1038 -59.02 -19.65 30.11
CA ASP A 1038 -60.19 -19.12 30.79
C ASP A 1038 -60.83 -17.97 30.04
N TRP A 1039 -60.27 -17.58 28.91
CA TRP A 1039 -60.82 -16.52 28.06
C TRP A 1039 -61.65 -17.06 26.91
N TYR A 1040 -61.85 -18.38 26.84
CA TYR A 1040 -62.44 -18.98 25.66
C TYR A 1040 -63.93 -18.68 25.58
N ILE A 1041 -64.38 -18.27 24.40
CA ILE A 1041 -65.78 -17.96 24.12
C ILE A 1041 -66.38 -19.12 23.35
N LYS A 1042 -67.52 -19.63 23.84
CA LYS A 1042 -68.17 -20.78 23.22
C LYS A 1042 -69.00 -20.29 22.03
N THR A 1043 -68.32 -20.03 20.93
CA THR A 1043 -68.99 -19.54 19.73
C THR A 1043 -69.51 -20.72 18.91
N SER A 1044 -70.15 -20.41 17.78
CA SER A 1044 -70.68 -21.46 16.91
C SER A 1044 -69.56 -22.32 16.35
N HIS A 1045 -68.48 -21.71 15.87
CA HIS A 1045 -67.34 -22.46 15.41
C HIS A 1045 -66.66 -23.15 16.59
N ASN A 1046 -66.07 -24.30 16.32
CA ASN A 1046 -65.45 -25.07 17.38
C ASN A 1046 -64.02 -24.65 17.66
N HIS A 1047 -63.60 -23.48 17.18
CA HIS A 1047 -62.22 -23.05 17.35
C HIS A 1047 -62.11 -21.54 17.34
N LEU A 1048 -61.07 -21.05 18.00
CA LEU A 1048 -60.66 -19.65 17.96
C LEU A 1048 -59.21 -19.58 17.53
N LEU A 1049 -58.87 -18.55 16.76
CA LEU A 1049 -57.52 -18.34 16.26
C LEU A 1049 -56.84 -17.24 17.06
N ILE A 1050 -55.60 -17.48 17.48
CA ILE A 1050 -54.78 -16.48 18.15
C ILE A 1050 -53.70 -16.05 17.17
N VAL A 1051 -53.77 -14.80 16.72
CA VAL A 1051 -52.90 -14.30 15.66
C VAL A 1051 -51.95 -13.27 16.25
N SER A 1052 -50.66 -13.41 15.94
CA SER A 1052 -49.62 -12.47 16.34
C SER A 1052 -48.86 -12.03 15.11
N THR A 1053 -48.64 -10.73 14.98
CA THR A 1053 -48.08 -10.13 13.77
C THR A 1053 -46.72 -9.52 14.07
N ALA A 1054 -45.75 -9.81 13.20
CA ALA A 1054 -44.41 -9.25 13.29
C ALA A 1054 -44.11 -8.53 11.99
N GLU A 1055 -43.78 -7.25 12.08
CA GLU A 1055 -43.49 -6.44 10.91
C GLU A 1055 -42.29 -5.55 11.15
N ILE A 1056 -41.48 -5.37 10.10
CA ILE A 1056 -40.18 -4.72 10.18
C ILE A 1056 -40.34 -3.26 9.78
N LEU A 1057 -39.79 -2.36 10.58
CA LEU A 1057 -39.78 -0.94 10.27
C LEU A 1057 -38.36 -0.48 9.96
N PHE A 1058 -38.28 0.67 9.30
CA PHE A 1058 -37.01 1.31 8.99
C PHE A 1058 -37.28 2.77 8.69
N ASN A 1059 -36.20 3.55 8.62
CA ASN A 1059 -36.32 4.98 8.35
C ASN A 1059 -36.66 5.15 6.88
N ASP A 1060 -37.93 5.44 6.60
CA ASP A 1060 -38.40 5.55 5.22
C ASP A 1060 -37.84 6.76 4.49
N SER A 1061 -37.27 7.73 5.22
CA SER A 1061 -36.70 8.90 4.57
C SER A 1061 -35.36 8.59 3.91
N VAL A 1062 -34.78 7.43 4.16
CA VAL A 1062 -33.51 7.04 3.57
C VAL A 1062 -33.63 5.72 2.80
N PHE A 1063 -34.29 4.72 3.37
CA PHE A 1063 -34.42 3.41 2.76
C PHE A 1063 -35.80 3.25 2.15
N THR A 1064 -35.87 2.45 1.08
CA THR A 1064 -37.11 2.22 0.36
C THR A 1064 -37.17 0.79 -0.14
N LEU A 1065 -38.38 0.27 -0.24
CA LEU A 1065 -38.62 -1.05 -0.82
C LEU A 1065 -38.99 -0.90 -2.30
N LEU A 1066 -38.58 -1.88 -3.08
CA LEU A 1066 -38.89 -1.87 -4.50
C LEU A 1066 -40.39 -2.10 -4.70
N PRO A 1067 -40.96 -1.60 -5.80
CA PRO A 1067 -42.39 -1.79 -6.04
C PRO A 1067 -42.73 -3.28 -6.13
N GLY A 1068 -43.83 -3.65 -5.49
CA GLY A 1068 -44.28 -5.03 -5.45
C GLY A 1068 -43.56 -5.92 -4.47
N GLN A 1069 -42.61 -5.38 -3.69
CA GLN A 1069 -41.84 -6.17 -2.75
C GLN A 1069 -42.17 -5.86 -1.30
N GLY A 1070 -43.10 -4.95 -1.04
CA GLY A 1070 -43.45 -4.57 0.31
C GLY A 1070 -44.41 -5.49 1.03
N ALA A 1071 -44.84 -6.58 0.39
CA ALA A 1071 -45.77 -7.50 1.02
C ALA A 1071 -45.10 -8.48 1.95
N PHE A 1072 -43.78 -8.59 1.91
CA PHE A 1072 -43.05 -9.58 2.68
C PHE A 1072 -42.36 -9.01 3.91
N VAL A 1073 -42.59 -7.73 4.21
CA VAL A 1073 -42.02 -7.10 5.40
C VAL A 1073 -43.01 -7.23 6.56
N ARG A 1074 -44.05 -8.04 6.35
CA ARG A 1074 -45.07 -8.25 7.36
C ARG A 1074 -45.44 -9.73 7.37
N SER A 1075 -45.81 -10.22 8.56
CA SER A 1075 -46.18 -11.62 8.71
C SER A 1075 -47.13 -11.75 9.87
N GLN A 1076 -47.82 -12.88 9.91
CA GLN A 1076 -48.71 -13.21 11.01
C GLN A 1076 -48.69 -14.71 11.23
N THR A 1077 -48.86 -15.11 12.48
CA THR A 1077 -48.84 -16.52 12.84
C THR A 1077 -50.09 -16.84 13.62
N GLU A 1078 -50.70 -17.98 13.29
CA GLU A 1078 -51.98 -18.37 13.85
C GLU A 1078 -51.85 -19.66 14.65
N THR A 1079 -52.50 -19.72 15.80
CA THR A 1079 -52.53 -20.91 16.63
C THR A 1079 -53.99 -21.23 16.92
N LYS A 1080 -54.42 -22.41 16.47
CA LYS A 1080 -55.82 -22.82 16.59
C LYS A 1080 -56.05 -23.48 17.94
N VAL A 1081 -57.15 -23.10 18.59
CA VAL A 1081 -57.52 -23.63 19.90
C VAL A 1081 -58.93 -24.21 19.79
N GLU A 1082 -59.09 -25.47 20.17
CA GLU A 1082 -60.40 -26.07 20.29
C GLU A 1082 -60.50 -26.81 21.62
N PRO A 1083 -61.70 -26.96 22.18
CA PRO A 1083 -61.84 -27.83 23.34
C PRO A 1083 -61.67 -29.31 22.99
N GLU B 2 -24.38 -5.96 -42.00
CA GLU B 2 -24.42 -5.31 -43.30
C GLU B 2 -23.08 -4.64 -43.64
N CYS B 3 -23.09 -3.77 -44.64
CA CYS B 3 -21.87 -3.20 -45.20
C CYS B 3 -21.55 -1.89 -44.49
N THR B 4 -20.78 -2.00 -43.39
CA THR B 4 -20.18 -0.83 -42.75
C THR B 4 -18.90 -0.52 -43.48
N LYS B 5 -18.88 0.58 -44.23
CA LYS B 5 -17.85 0.78 -45.25
C LYS B 5 -16.87 1.91 -44.97
N PHE B 6 -17.20 2.85 -44.09
CA PHE B 6 -16.38 4.04 -43.89
C PHE B 6 -16.12 4.72 -45.23
N LYS B 7 -14.86 4.81 -45.63
CA LYS B 7 -14.47 5.37 -46.92
C LYS B 7 -14.04 4.26 -47.86
N VAL B 8 -14.68 4.19 -49.03
CA VAL B 8 -14.39 3.18 -50.03
C VAL B 8 -14.28 3.86 -51.38
N SER B 9 -13.28 3.44 -52.17
CA SER B 9 -13.06 4.03 -53.49
C SER B 9 -12.68 3.01 -54.56
N SER B 10 -12.71 1.72 -54.24
CA SER B 10 -12.33 0.70 -55.20
C SER B 10 -12.99 -0.61 -54.80
N CYS B 11 -13.04 -1.55 -55.76
CA CYS B 11 -13.67 -2.84 -55.49
C CYS B 11 -12.92 -3.60 -54.40
N ARG B 12 -11.59 -3.62 -54.48
CA ARG B 12 -10.80 -4.27 -53.44
C ARG B 12 -10.97 -3.56 -52.11
N GLU B 13 -11.00 -2.23 -52.13
CA GLU B 13 -11.22 -1.47 -50.90
C GLU B 13 -12.59 -1.74 -50.33
N CYS B 14 -13.60 -1.90 -51.19
CA CYS B 14 -14.95 -2.20 -50.73
C CYS B 14 -15.02 -3.59 -50.08
N ILE B 15 -14.44 -4.59 -50.74
CA ILE B 15 -14.54 -5.96 -50.21
C ILE B 15 -13.71 -6.10 -48.93
N GLU B 16 -12.62 -5.35 -48.82
CA GLU B 16 -11.78 -5.41 -47.63
C GLU B 16 -12.45 -4.79 -46.41
N SER B 17 -13.56 -4.09 -46.58
CA SER B 17 -14.23 -3.41 -45.48
C SER B 17 -15.27 -4.28 -44.78
N GLY B 18 -15.41 -5.54 -45.19
CA GLY B 18 -16.37 -6.42 -44.57
C GLY B 18 -16.77 -7.56 -45.47
N PRO B 19 -17.29 -8.64 -44.88
CA PRO B 19 -17.66 -9.82 -45.66
C PRO B 19 -18.96 -9.68 -46.46
N GLY B 20 -19.78 -8.70 -46.15
CA GLY B 20 -21.07 -8.58 -46.80
C GLY B 20 -21.13 -7.55 -47.92
N CYS B 21 -20.04 -6.81 -48.12
CA CYS B 21 -20.04 -5.74 -49.09
C CYS B 21 -19.86 -6.27 -50.51
N THR B 22 -20.61 -5.71 -51.44
CA THR B 22 -20.57 -6.09 -52.85
C THR B 22 -20.39 -4.84 -53.68
N TRP B 23 -20.16 -5.02 -54.98
CA TRP B 23 -19.82 -3.93 -55.89
C TRP B 23 -20.60 -4.06 -57.20
N CYS B 24 -21.68 -3.30 -57.32
CA CYS B 24 -22.42 -3.23 -58.58
C CYS B 24 -21.61 -2.47 -59.61
N GLN B 25 -21.31 -3.12 -60.73
CA GLN B 25 -20.39 -2.56 -61.73
C GLN B 25 -21.10 -1.89 -62.90
N LYS B 26 -22.41 -2.00 -63.00
CA LYS B 26 -23.09 -1.61 -64.23
C LYS B 26 -22.95 -0.12 -64.48
N LEU B 27 -22.73 0.24 -65.75
CA LEU B 27 -22.56 1.63 -66.13
C LEU B 27 -23.89 2.37 -66.05
N ASN B 28 -23.80 3.70 -66.07
CA ASN B 28 -24.97 4.57 -65.98
C ASN B 28 -25.79 4.27 -64.72
N PHE B 29 -25.12 3.95 -63.63
CA PHE B 29 -25.76 3.60 -62.37
C PHE B 29 -25.75 4.75 -61.37
N THR B 30 -24.65 5.49 -61.29
CA THR B 30 -24.52 6.58 -60.33
C THR B 30 -24.92 7.89 -60.97
N GLY B 31 -25.85 8.60 -60.34
CA GLY B 31 -26.31 9.88 -60.83
C GLY B 31 -25.24 10.94 -60.72
N PRO B 32 -25.44 12.07 -61.43
CA PRO B 32 -24.46 13.15 -61.35
C PRO B 32 -24.25 13.69 -59.95
N GLY B 33 -25.30 13.72 -59.14
CA GLY B 33 -25.21 14.18 -57.77
C GLY B 33 -24.82 13.14 -56.74
N ASP B 34 -24.53 11.91 -57.16
CA ASP B 34 -24.18 10.85 -56.24
C ASP B 34 -22.71 10.49 -56.35
N PRO B 35 -22.08 10.06 -55.25
CA PRO B 35 -20.66 9.69 -55.30
C PRO B 35 -20.45 8.25 -55.71
N ASP B 36 -19.19 7.83 -55.83
CA ASP B 36 -18.88 6.46 -56.22
C ASP B 36 -19.03 5.48 -55.07
N SER B 37 -19.16 5.95 -53.83
CA SER B 37 -19.29 5.06 -52.69
C SER B 37 -20.66 4.39 -52.62
N ILE B 38 -21.62 4.80 -53.45
CA ILE B 38 -22.94 4.19 -53.44
C ILE B 38 -22.93 2.77 -54.00
N ARG B 39 -21.85 2.37 -54.67
CA ARG B 39 -21.76 1.02 -55.22
C ARG B 39 -21.51 -0.02 -54.15
N CYS B 40 -20.85 0.37 -53.05
CA CYS B 40 -20.42 -0.58 -52.02
C CYS B 40 -21.55 -0.75 -51.00
N ASP B 41 -22.57 -1.50 -51.39
CA ASP B 41 -23.70 -1.80 -50.53
C ASP B 41 -23.88 -3.31 -50.45
N THR B 42 -24.81 -3.74 -49.61
CA THR B 42 -25.09 -5.16 -49.47
C THR B 42 -25.84 -5.68 -50.70
N ARG B 43 -25.82 -7.01 -50.86
CA ARG B 43 -26.40 -7.62 -52.05
C ARG B 43 -27.90 -7.36 -52.20
N PRO B 44 -28.76 -7.66 -51.22
CA PRO B 44 -30.19 -7.43 -51.44
C PRO B 44 -30.55 -5.99 -51.71
N GLN B 45 -29.87 -5.04 -51.07
CA GLN B 45 -30.16 -3.63 -51.31
C GLN B 45 -29.82 -3.24 -52.74
N LEU B 46 -28.66 -3.69 -53.24
CA LEU B 46 -28.30 -3.39 -54.62
C LEU B 46 -29.25 -4.06 -55.60
N LEU B 47 -29.62 -5.32 -55.35
CA LEU B 47 -30.57 -5.99 -56.21
C LEU B 47 -31.94 -5.33 -56.17
N MET B 48 -32.28 -4.66 -55.07
CA MET B 48 -33.54 -3.93 -54.99
C MET B 48 -33.53 -2.68 -55.85
N ARG B 49 -32.41 -1.95 -55.87
CA ARG B 49 -32.33 -0.68 -56.57
C ARG B 49 -31.99 -0.83 -58.05
N GLY B 50 -32.11 -2.03 -58.62
CA GLY B 50 -31.97 -2.23 -60.04
C GLY B 50 -30.76 -3.04 -60.47
N CYS B 51 -29.77 -3.25 -59.61
CA CYS B 51 -28.64 -4.08 -60.00
C CYS B 51 -29.07 -5.54 -60.15
N ALA B 52 -28.36 -6.26 -61.01
CA ALA B 52 -28.70 -7.62 -61.35
C ALA B 52 -27.78 -8.60 -60.62
N ALA B 53 -28.12 -9.88 -60.69
CA ALA B 53 -27.29 -10.91 -60.07
C ALA B 53 -26.03 -11.21 -60.86
N ASP B 54 -25.99 -10.84 -62.14
CA ASP B 54 -24.86 -11.18 -63.00
C ASP B 54 -23.93 -10.00 -63.24
N ASP B 55 -24.15 -8.87 -62.57
CA ASP B 55 -23.25 -7.72 -62.66
C ASP B 55 -22.74 -7.23 -61.32
N ILE B 56 -23.04 -7.92 -60.23
CA ILE B 56 -22.34 -7.69 -58.96
C ILE B 56 -21.07 -8.52 -58.95
N MET B 57 -20.04 -8.01 -58.27
CA MET B 57 -18.77 -8.73 -58.22
C MET B 57 -18.79 -9.82 -57.13
N ASP B 58 -18.89 -9.39 -55.87
CA ASP B 58 -19.01 -10.22 -54.69
C ASP B 58 -17.97 -11.35 -54.75
N PRO B 59 -16.69 -11.05 -54.50
CA PRO B 59 -15.72 -12.13 -54.30
C PRO B 59 -16.11 -12.98 -53.10
N THR B 60 -15.97 -14.29 -53.23
CA THR B 60 -16.45 -15.23 -52.23
C THR B 60 -15.38 -16.29 -51.95
N SER B 61 -15.17 -16.56 -50.67
CA SER B 61 -14.19 -17.57 -50.28
C SER B 61 -14.71 -18.97 -50.58
N LEU B 62 -13.86 -19.78 -51.21
CA LEU B 62 -14.26 -21.12 -51.61
C LEU B 62 -13.09 -22.07 -51.47
N ALA B 63 -13.39 -23.35 -51.31
CA ALA B 63 -12.41 -24.39 -51.11
C ALA B 63 -12.61 -25.51 -52.12
N GLU B 64 -11.50 -25.99 -52.68
CA GLU B 64 -11.51 -27.12 -53.60
C GLU B 64 -10.44 -28.11 -53.19
N THR B 65 -10.78 -29.40 -53.21
CA THR B 65 -9.92 -30.45 -52.71
C THR B 65 -9.32 -31.26 -53.85
N GLN B 66 -8.16 -31.87 -53.57
CA GLN B 66 -7.49 -32.77 -54.49
C GLN B 66 -7.13 -34.05 -53.76
N GLU B 67 -7.31 -35.18 -54.43
CA GLU B 67 -7.07 -36.49 -53.84
C GLU B 67 -6.11 -37.29 -54.72
N ASP B 68 -5.34 -38.16 -54.07
CA ASP B 68 -4.37 -39.02 -54.77
C ASP B 68 -5.08 -40.28 -55.22
N HIS B 69 -5.34 -40.39 -56.52
CA HIS B 69 -6.03 -41.56 -57.05
C HIS B 69 -5.13 -42.80 -57.02
N ASN B 70 -3.82 -42.62 -57.24
CA ASN B 70 -2.91 -43.76 -57.26
C ASN B 70 -2.64 -44.30 -55.86
N GLY B 71 -2.89 -43.52 -54.82
CA GLY B 71 -2.64 -43.96 -53.46
C GLY B 71 -3.75 -44.80 -52.89
N GLY B 72 -3.45 -46.08 -52.59
CA GLY B 72 -4.44 -46.97 -52.02
C GLY B 72 -4.44 -46.95 -50.50
N GLN B 73 -5.40 -47.69 -49.94
CA GLN B 73 -5.59 -47.87 -48.50
C GLN B 73 -5.42 -46.57 -47.71
N LYS B 74 -5.90 -45.46 -48.25
CA LYS B 74 -5.78 -44.18 -47.58
C LYS B 74 -6.63 -44.16 -46.31
N GLN B 75 -6.03 -43.73 -45.21
CA GLN B 75 -6.70 -43.69 -43.92
C GLN B 75 -7.25 -42.32 -43.57
N LEU B 76 -6.64 -41.25 -44.09
CA LEU B 76 -7.10 -39.89 -43.86
C LEU B 76 -7.13 -39.15 -45.18
N SER B 77 -8.32 -38.76 -45.63
CA SER B 77 -8.54 -38.14 -46.92
C SER B 77 -9.41 -36.90 -46.74
N PRO B 78 -9.24 -35.88 -47.60
CA PRO B 78 -8.31 -35.71 -48.72
C PRO B 78 -6.88 -35.40 -48.29
N GLN B 79 -5.95 -35.40 -49.24
CA GLN B 79 -4.55 -35.12 -48.94
C GLN B 79 -4.22 -33.64 -49.05
N LYS B 80 -4.51 -33.01 -50.18
CA LYS B 80 -4.16 -31.62 -50.41
C LYS B 80 -5.42 -30.81 -50.67
N VAL B 81 -5.51 -29.65 -50.04
CA VAL B 81 -6.63 -28.72 -50.21
C VAL B 81 -6.04 -27.33 -50.37
N THR B 82 -6.63 -26.54 -51.27
CA THR B 82 -6.24 -25.15 -51.47
C THR B 82 -7.46 -24.24 -51.31
N LEU B 83 -7.25 -23.09 -50.67
CA LEU B 83 -8.32 -22.20 -50.28
C LEU B 83 -8.11 -20.83 -50.89
N TYR B 84 -9.21 -20.16 -51.25
CA TYR B 84 -9.20 -18.78 -51.72
C TYR B 84 -9.94 -17.94 -50.69
N LEU B 85 -9.21 -17.48 -49.67
CA LEU B 85 -9.82 -16.88 -48.49
C LEU B 85 -10.05 -15.38 -48.68
N ARG B 86 -11.29 -14.95 -48.43
CA ARG B 86 -11.63 -13.55 -48.26
C ARG B 86 -11.77 -13.23 -46.78
N PRO B 87 -11.24 -12.12 -46.29
CA PRO B 87 -11.33 -11.82 -44.86
C PRO B 87 -12.77 -11.72 -44.39
N GLY B 88 -13.02 -12.23 -43.19
CA GLY B 88 -14.34 -12.16 -42.59
C GLY B 88 -15.32 -13.22 -43.03
N GLN B 89 -14.92 -14.14 -43.90
CA GLN B 89 -15.80 -15.17 -44.42
C GLN B 89 -15.08 -16.50 -44.31
N ALA B 90 -15.73 -17.48 -43.68
CA ALA B 90 -15.07 -18.74 -43.39
C ALA B 90 -15.24 -19.74 -44.53
N ALA B 91 -14.12 -20.32 -44.97
CA ALA B 91 -14.15 -21.46 -45.87
C ALA B 91 -14.17 -22.76 -45.08
N ALA B 92 -15.00 -23.69 -45.53
CA ALA B 92 -15.17 -24.95 -44.82
C ALA B 92 -15.03 -26.11 -45.78
N PHE B 93 -14.46 -27.20 -45.28
CA PHE B 93 -14.33 -28.44 -46.04
C PHE B 93 -14.36 -29.60 -45.07
N ASN B 94 -14.64 -30.79 -45.61
CA ASN B 94 -14.75 -32.00 -44.81
C ASN B 94 -13.47 -32.83 -44.93
N VAL B 95 -13.08 -33.42 -43.81
CA VAL B 95 -11.97 -34.36 -43.76
C VAL B 95 -12.50 -35.67 -43.19
N THR B 96 -12.24 -36.77 -43.90
CA THR B 96 -12.83 -38.06 -43.57
C THR B 96 -11.77 -38.99 -43.00
N PHE B 97 -12.07 -39.62 -41.88
CA PHE B 97 -11.18 -40.59 -41.26
C PHE B 97 -11.82 -41.97 -41.33
N ARG B 98 -11.09 -42.94 -41.86
CA ARG B 98 -11.54 -44.33 -41.95
C ARG B 98 -10.53 -45.20 -41.23
N ARG B 99 -10.98 -45.90 -40.19
CA ARG B 99 -10.09 -46.72 -39.38
C ARG B 99 -9.65 -47.94 -40.18
N ALA B 100 -8.35 -48.18 -40.24
CA ALA B 100 -7.79 -49.30 -40.96
C ALA B 100 -7.70 -50.54 -40.06
N LYS B 101 -7.31 -51.66 -40.66
CA LYS B 101 -7.23 -52.94 -39.98
C LYS B 101 -5.79 -53.42 -39.91
N GLY B 102 -5.49 -54.19 -38.86
CA GLY B 102 -4.26 -54.94 -38.77
C GLY B 102 -2.97 -54.15 -38.94
N TYR B 103 -2.63 -53.33 -37.96
CA TYR B 103 -1.38 -52.58 -38.00
C TYR B 103 -0.46 -53.13 -36.93
N PRO B 104 0.76 -53.57 -37.28
CA PRO B 104 1.58 -54.32 -36.31
C PRO B 104 1.94 -53.51 -35.08
N ILE B 105 2.23 -54.23 -34.00
CA ILE B 105 2.45 -53.65 -32.68
C ILE B 105 3.89 -53.92 -32.26
N ASP B 106 4.58 -52.89 -31.81
CA ASP B 106 5.89 -53.00 -31.17
C ASP B 106 5.74 -52.49 -29.75
N LEU B 107 5.81 -53.39 -28.78
CA LEU B 107 5.56 -53.07 -27.38
C LEU B 107 6.87 -53.11 -26.60
N TYR B 108 7.21 -52.00 -25.96
CA TYR B 108 8.39 -51.89 -25.11
C TYR B 108 7.95 -51.82 -23.65
N TYR B 109 8.61 -52.58 -22.80
CA TYR B 109 8.20 -52.75 -21.41
C TYR B 109 9.26 -52.14 -20.49
N LEU B 110 8.86 -51.18 -19.67
CA LEU B 110 9.69 -50.64 -18.60
C LEU B 110 9.10 -51.05 -17.26
N MET B 111 9.95 -51.57 -16.38
CA MET B 111 9.51 -51.95 -15.04
C MET B 111 10.46 -51.37 -14.00
N ASP B 112 9.88 -50.84 -12.93
CA ASP B 112 10.64 -50.43 -11.77
C ASP B 112 11.24 -51.65 -11.08
N LEU B 113 12.48 -51.52 -10.61
CA LEU B 113 13.11 -52.56 -9.80
C LEU B 113 13.38 -52.10 -8.37
N SER B 114 12.45 -51.34 -7.81
CA SER B 114 12.49 -51.10 -6.37
C SER B 114 12.12 -52.39 -5.63
N TYR B 115 12.43 -52.41 -4.34
CA TYR B 115 12.32 -53.67 -3.59
C TYR B 115 10.88 -54.17 -3.51
N SER B 116 9.90 -53.27 -3.60
CA SER B 116 8.50 -53.69 -3.57
C SER B 116 8.06 -54.35 -4.87
N MET B 117 8.88 -54.31 -5.91
CA MET B 117 8.56 -54.91 -7.20
C MET B 117 9.12 -56.32 -7.35
N LEU B 118 9.47 -56.97 -6.24
CA LEU B 118 10.10 -58.29 -6.32
C LEU B 118 9.15 -59.33 -6.91
N ASP B 119 7.92 -59.39 -6.38
CA ASP B 119 6.95 -60.36 -6.88
C ASP B 119 6.57 -60.07 -8.32
N ASP B 120 6.46 -58.78 -8.67
CA ASP B 120 6.19 -58.41 -10.05
C ASP B 120 7.29 -58.91 -10.97
N LEU B 121 8.55 -58.76 -10.55
CA LEU B 121 9.66 -59.27 -11.34
C LEU B 121 9.57 -60.79 -11.48
N ARG B 122 9.17 -61.47 -10.41
CA ARG B 122 9.01 -62.93 -10.49
C ARG B 122 7.94 -63.30 -11.52
N ASN B 123 6.83 -62.56 -11.54
CA ASN B 123 5.76 -62.90 -12.48
C ASN B 123 6.07 -62.46 -13.91
N VAL B 124 6.68 -61.29 -14.08
CA VAL B 124 6.91 -60.75 -15.42
C VAL B 124 7.92 -61.59 -16.18
N LYS B 125 8.91 -62.12 -15.49
CA LYS B 125 9.94 -62.92 -16.18
C LYS B 125 9.43 -64.29 -16.62
N LYS B 126 8.14 -64.57 -16.50
CA LYS B 126 7.50 -65.79 -16.97
C LYS B 126 6.28 -65.43 -17.82
N LEU B 127 6.41 -64.38 -18.64
CA LEU B 127 5.25 -63.75 -19.26
C LEU B 127 5.46 -63.36 -20.72
N GLY B 128 6.64 -63.57 -21.29
CA GLY B 128 6.90 -63.08 -22.64
C GLY B 128 6.01 -63.74 -23.69
N GLY B 129 5.87 -65.07 -23.61
CA GLY B 129 5.06 -65.78 -24.59
C GLY B 129 3.61 -65.35 -24.55
N ASP B 130 3.07 -65.15 -23.36
CA ASP B 130 1.67 -64.75 -23.23
C ASP B 130 1.44 -63.37 -23.86
N LEU B 131 2.33 -62.42 -23.62
CA LEU B 131 2.16 -61.09 -24.18
C LEU B 131 2.33 -61.10 -25.69
N LEU B 132 3.28 -61.90 -26.19
CA LEU B 132 3.44 -62.03 -27.63
C LEU B 132 2.20 -62.64 -28.27
N ARG B 133 1.62 -63.66 -27.63
CA ARG B 133 0.40 -64.26 -28.15
C ARG B 133 -0.75 -63.25 -28.15
N ALA B 134 -0.87 -62.47 -27.08
CA ALA B 134 -1.92 -61.45 -27.03
C ALA B 134 -1.73 -60.41 -28.12
N LEU B 135 -0.47 -60.04 -28.39
CA LEU B 135 -0.20 -59.12 -29.49
C LEU B 135 -0.60 -59.73 -30.82
N ASN B 136 -0.33 -61.03 -31.01
CA ASN B 136 -0.65 -61.69 -32.27
C ASN B 136 -2.15 -61.86 -32.45
N GLU B 137 -2.92 -61.96 -31.37
CA GLU B 137 -4.37 -62.04 -31.51
C GLU B 137 -4.99 -60.75 -32.04
N ILE B 138 -4.24 -59.66 -32.11
CA ILE B 138 -4.74 -58.42 -32.68
C ILE B 138 -4.17 -58.14 -34.07
N THR B 139 -2.91 -58.46 -34.31
CA THR B 139 -2.29 -58.23 -35.61
C THR B 139 -1.33 -59.38 -35.90
N GLU B 140 -1.05 -59.58 -37.19
CA GLU B 140 -0.31 -60.75 -37.63
C GLU B 140 1.14 -60.77 -37.15
N SER B 141 1.76 -59.62 -36.95
CA SER B 141 3.16 -59.56 -36.54
C SER B 141 3.31 -58.68 -35.32
N GLY B 142 4.17 -59.10 -34.39
CA GLY B 142 4.38 -58.35 -33.17
C GLY B 142 5.73 -58.67 -32.57
N ARG B 143 6.32 -57.68 -31.89
CA ARG B 143 7.60 -57.81 -31.24
C ARG B 143 7.52 -57.22 -29.84
N ILE B 144 8.38 -57.69 -28.95
CA ILE B 144 8.38 -57.24 -27.57
C ILE B 144 9.81 -56.88 -27.14
N GLY B 145 9.89 -56.03 -26.12
CA GLY B 145 11.17 -55.60 -25.57
C GLY B 145 11.15 -55.48 -24.07
N PHE B 146 12.21 -54.96 -23.48
CA PHE B 146 12.30 -54.82 -22.03
C PHE B 146 13.23 -53.67 -21.67
N GLY B 147 13.03 -53.15 -20.47
CA GLY B 147 13.87 -52.09 -19.93
C GLY B 147 13.74 -52.08 -18.42
N SER B 148 14.49 -51.17 -17.79
CA SER B 148 14.49 -51.08 -16.34
C SER B 148 14.95 -49.70 -15.90
N PHE B 149 14.59 -49.36 -14.65
CA PHE B 149 15.03 -48.11 -14.04
C PHE B 149 14.86 -48.21 -12.53
N VAL B 150 15.72 -47.51 -11.79
CA VAL B 150 15.51 -47.37 -10.34
C VAL B 150 15.46 -45.89 -9.94
N ASP B 151 16.59 -45.20 -10.05
CA ASP B 151 16.73 -43.80 -9.64
C ASP B 151 18.15 -43.36 -9.90
N LYS B 152 18.38 -42.05 -9.81
CA LYS B 152 19.74 -41.50 -9.92
C LYS B 152 20.57 -41.94 -8.73
N THR B 153 21.84 -42.27 -8.99
CA THR B 153 22.73 -42.79 -7.96
C THR B 153 23.48 -41.66 -7.26
N VAL B 154 22.72 -40.83 -6.56
CA VAL B 154 23.27 -39.73 -5.77
C VAL B 154 22.27 -39.40 -4.66
N LEU B 155 22.80 -38.94 -3.53
CA LEU B 155 21.94 -38.56 -2.41
C LEU B 155 21.19 -37.26 -2.74
N PRO B 156 19.99 -37.08 -2.19
CA PRO B 156 19.33 -37.95 -1.20
C PRO B 156 18.52 -39.09 -1.80
N PHE B 157 18.62 -39.28 -3.12
CA PHE B 157 17.82 -40.28 -3.81
C PHE B 157 18.30 -41.70 -3.56
N VAL B 158 19.61 -41.94 -3.55
CA VAL B 158 20.19 -43.24 -3.27
C VAL B 158 21.34 -43.08 -2.29
N ASN B 159 21.39 -43.96 -1.29
CA ASN B 159 22.49 -43.99 -0.34
C ASN B 159 23.80 -44.26 -1.07
N THR B 160 24.76 -43.34 -0.93
CA THR B 160 26.03 -43.43 -1.65
C THR B 160 27.13 -44.10 -0.83
N HIS B 161 26.80 -44.68 0.32
CA HIS B 161 27.79 -45.40 1.09
C HIS B 161 28.24 -46.64 0.33
N PRO B 162 29.53 -46.93 0.26
CA PRO B 162 29.99 -48.05 -0.58
C PRO B 162 29.38 -49.39 -0.21
N ASP B 163 29.19 -49.64 1.09
CA ASP B 163 28.52 -50.87 1.50
C ASP B 163 27.09 -50.88 1.00
N LYS B 164 26.39 -49.76 1.11
CA LYS B 164 25.00 -49.70 0.65
C LYS B 164 24.90 -49.68 -0.87
N LEU B 165 25.90 -49.16 -1.56
CA LEU B 165 25.93 -49.28 -3.01
C LEU B 165 26.17 -50.72 -3.44
N ARG B 166 26.93 -51.48 -2.64
CA ARG B 166 27.12 -52.89 -2.94
C ARG B 166 25.82 -53.68 -2.83
N ASN B 167 25.03 -53.40 -1.79
CA ASN B 167 23.79 -54.13 -1.55
C ASN B 167 22.77 -53.15 -0.97
N PRO B 168 21.96 -52.51 -1.82
CA PRO B 168 20.99 -51.53 -1.33
C PRO B 168 19.71 -52.15 -0.78
N CYS B 169 19.51 -53.45 -0.96
CA CYS B 169 18.30 -54.08 -0.48
C CYS B 169 18.29 -54.14 1.05
N PRO B 170 17.10 -54.03 1.67
CA PRO B 170 17.06 -54.03 3.14
C PRO B 170 17.55 -55.32 3.78
N ASN B 171 17.34 -56.46 3.13
CA ASN B 171 17.76 -57.76 3.67
C ASN B 171 19.07 -58.18 3.02
N LYS B 172 20.01 -58.61 3.84
CA LYS B 172 21.35 -58.98 3.38
C LYS B 172 21.46 -60.43 2.95
N GLU B 173 20.36 -61.18 2.97
CA GLU B 173 20.43 -62.63 2.78
C GLU B 173 20.71 -63.01 1.34
N LYS B 174 20.03 -62.37 0.38
CA LYS B 174 19.99 -62.88 -0.98
C LYS B 174 20.62 -61.88 -1.96
N GLU B 175 20.48 -62.18 -3.25
CA GLU B 175 21.12 -61.42 -4.30
C GLU B 175 20.33 -60.15 -4.63
N CYS B 176 21.06 -59.06 -4.83
CA CYS B 176 20.47 -57.75 -5.09
C CYS B 176 21.50 -56.91 -5.81
N GLN B 177 21.11 -56.30 -6.94
CA GLN B 177 22.09 -55.61 -7.77
C GLN B 177 22.19 -54.14 -7.41
N PRO B 178 23.34 -53.51 -7.68
CA PRO B 178 23.50 -52.11 -7.30
C PRO B 178 22.53 -51.22 -8.06
N PRO B 179 22.18 -50.07 -7.50
CA PRO B 179 21.21 -49.18 -8.15
C PRO B 179 21.77 -48.61 -9.45
N PHE B 180 20.84 -48.24 -10.33
CA PHE B 180 21.16 -47.71 -11.64
C PHE B 180 20.03 -46.79 -12.09
N ALA B 181 20.27 -46.06 -13.17
CA ALA B 181 19.26 -45.14 -13.68
C ALA B 181 18.42 -45.76 -14.78
N PHE B 182 19.04 -46.37 -15.79
CA PHE B 182 18.33 -46.98 -16.90
C PHE B 182 19.22 -48.00 -17.57
N ARG B 183 18.70 -49.21 -17.75
CA ARG B 183 19.41 -50.26 -18.47
C ARG B 183 18.48 -50.83 -19.53
N HIS B 184 18.96 -50.87 -20.77
CA HIS B 184 18.21 -51.45 -21.89
C HIS B 184 18.56 -52.93 -21.97
N VAL B 185 17.57 -53.78 -21.72
CA VAL B 185 17.83 -55.22 -21.56
C VAL B 185 17.69 -55.96 -22.89
N LEU B 186 16.50 -55.88 -23.49
CA LEU B 186 16.19 -56.72 -24.65
C LEU B 186 15.75 -55.85 -25.82
N LYS B 187 16.34 -56.12 -26.99
CA LYS B 187 15.92 -55.50 -28.23
C LYS B 187 14.52 -55.97 -28.62
N LEU B 188 13.83 -55.16 -29.40
CA LEU B 188 12.49 -55.49 -29.87
C LEU B 188 12.56 -56.70 -30.79
N THR B 189 12.15 -57.86 -30.29
CA THR B 189 12.21 -59.10 -31.04
C THR B 189 10.90 -59.85 -30.93
N ASN B 190 10.70 -60.80 -31.85
CA ASN B 190 9.51 -61.63 -31.87
C ASN B 190 9.77 -63.04 -31.36
N ASN B 191 10.86 -63.23 -30.61
CA ASN B 191 11.24 -64.51 -30.04
C ASN B 191 10.96 -64.50 -28.55
N SER B 192 10.19 -65.49 -28.08
CA SER B 192 9.86 -65.54 -26.66
C SER B 192 11.01 -66.08 -25.82
N ASN B 193 11.79 -67.01 -26.35
CA ASN B 193 12.89 -67.59 -25.57
C ASN B 193 13.94 -66.55 -25.24
N GLN B 194 14.22 -65.62 -26.17
CA GLN B 194 15.16 -64.55 -25.88
C GLN B 194 14.64 -63.66 -24.76
N PHE B 195 13.34 -63.36 -24.76
CA PHE B 195 12.74 -62.59 -23.67
C PHE B 195 12.88 -63.32 -22.34
N GLN B 196 12.64 -64.63 -22.34
CA GLN B 196 12.78 -65.39 -21.10
C GLN B 196 14.21 -65.39 -20.60
N THR B 197 15.17 -65.56 -21.52
CA THR B 197 16.57 -65.69 -21.09
C THR B 197 17.14 -64.37 -20.62
N GLU B 198 16.89 -63.28 -21.35
CA GLU B 198 17.48 -61.99 -20.98
C GLU B 198 16.87 -61.46 -19.69
N VAL B 199 15.55 -61.49 -19.57
CA VAL B 199 14.89 -60.97 -18.37
C VAL B 199 15.18 -61.86 -17.17
N GLY B 200 15.35 -63.16 -17.39
CA GLY B 200 15.60 -64.08 -16.30
C GLY B 200 16.89 -63.83 -15.56
N LYS B 201 17.79 -63.03 -16.14
CA LYS B 201 19.05 -62.69 -15.49
C LYS B 201 18.94 -61.45 -14.60
N GLN B 202 17.80 -60.76 -14.61
CA GLN B 202 17.67 -59.54 -13.83
C GLN B 202 17.51 -59.83 -12.35
N LEU B 203 18.12 -58.97 -11.52
CA LEU B 203 17.99 -59.03 -10.08
C LEU B 203 17.34 -57.74 -9.58
N ILE B 204 16.81 -57.80 -8.36
CA ILE B 204 16.09 -56.65 -7.81
C ILE B 204 17.07 -55.63 -7.26
N SER B 205 16.59 -54.38 -7.14
CA SER B 205 17.38 -53.29 -6.61
C SER B 205 16.63 -52.58 -5.49
N GLY B 206 17.13 -51.43 -5.07
CA GLY B 206 16.47 -50.61 -4.07
C GLY B 206 17.06 -49.22 -4.09
N ASN B 207 16.35 -48.31 -3.43
CA ASN B 207 16.80 -46.93 -3.30
C ASN B 207 16.29 -46.39 -1.97
N LEU B 208 16.32 -45.06 -1.81
CA LEU B 208 15.96 -44.40 -0.57
C LEU B 208 14.65 -43.65 -0.65
N ASP B 209 14.46 -42.82 -1.67
CA ASP B 209 13.24 -42.06 -1.82
C ASP B 209 12.08 -42.95 -2.25
N ALA B 210 10.87 -42.41 -2.12
CA ALA B 210 9.67 -43.07 -2.63
C ALA B 210 9.49 -42.84 -4.13
N PRO B 211 9.59 -41.61 -4.64
CA PRO B 211 9.46 -41.42 -6.08
C PRO B 211 10.64 -42.05 -6.82
N GLU B 212 10.38 -42.46 -8.06
CA GLU B 212 11.38 -43.13 -8.88
C GLU B 212 11.55 -42.37 -10.20
N GLY B 213 12.79 -42.41 -10.71
CA GLY B 213 13.12 -41.67 -11.91
C GLY B 213 12.87 -42.43 -13.20
N GLY B 214 11.58 -42.69 -13.49
CA GLY B 214 11.24 -43.34 -14.74
C GLY B 214 11.13 -42.41 -15.92
N LEU B 215 11.07 -41.09 -15.66
CA LEU B 215 10.98 -40.13 -16.76
C LEU B 215 12.29 -40.08 -17.54
N ASP B 216 13.43 -40.21 -16.87
CA ASP B 216 14.70 -40.36 -17.56
C ASP B 216 14.69 -41.58 -18.47
N ALA B 217 14.18 -42.71 -17.97
CA ALA B 217 14.12 -43.92 -18.77
C ALA B 217 13.23 -43.74 -19.99
N MET B 218 12.07 -43.10 -19.80
CA MET B 218 11.18 -42.86 -20.95
C MET B 218 11.80 -41.93 -21.97
N MET B 219 12.49 -40.87 -21.52
CA MET B 219 13.11 -39.95 -22.47
C MET B 219 14.23 -40.64 -23.23
N GLN B 220 14.98 -41.52 -22.55
CA GLN B 220 16.03 -42.26 -23.23
C GLN B 220 15.45 -43.28 -24.21
N VAL B 221 14.33 -43.89 -23.87
CA VAL B 221 13.67 -44.80 -24.80
C VAL B 221 13.19 -44.05 -26.04
N ALA B 222 12.61 -42.88 -25.83
CA ALA B 222 12.08 -42.10 -26.94
C ALA B 222 13.15 -41.36 -27.75
N ALA B 223 14.35 -41.21 -27.20
CA ALA B 223 15.40 -40.41 -27.85
C ALA B 223 16.46 -41.26 -28.53
N CYS B 224 16.35 -42.58 -28.49
CA CYS B 224 17.33 -43.48 -29.12
C CYS B 224 16.58 -44.48 -29.98
N PRO B 225 16.11 -44.06 -31.17
CA PRO B 225 15.26 -44.97 -31.96
C PRO B 225 15.99 -46.18 -32.49
N GLU B 226 17.22 -46.02 -32.99
CA GLU B 226 17.90 -47.15 -33.61
C GLU B 226 18.37 -48.18 -32.59
N GLU B 227 18.69 -47.75 -31.36
CA GLU B 227 19.08 -48.70 -30.33
C GLU B 227 17.90 -49.52 -29.85
N ILE B 228 16.72 -48.90 -29.76
CA ILE B 228 15.54 -49.63 -29.29
C ILE B 228 15.08 -50.64 -30.33
N GLY B 229 15.01 -50.22 -31.59
CA GLY B 229 14.55 -51.11 -32.65
C GLY B 229 13.16 -50.76 -33.14
N TRP B 230 12.84 -49.47 -33.19
CA TRP B 230 11.52 -49.04 -33.62
C TRP B 230 11.39 -49.17 -35.13
N ARG B 231 10.28 -49.73 -35.57
CA ARG B 231 9.88 -49.70 -36.98
C ARG B 231 8.62 -48.85 -37.12
N ASN B 232 8.32 -48.48 -38.36
CA ASN B 232 7.25 -47.51 -38.63
C ASN B 232 5.87 -48.16 -38.52
N VAL B 233 5.59 -48.68 -37.33
CA VAL B 233 4.33 -49.32 -37.00
C VAL B 233 3.80 -48.68 -35.71
N THR B 234 2.71 -49.21 -35.18
CA THR B 234 2.23 -48.77 -33.88
C THR B 234 3.27 -49.06 -32.80
N ARG B 235 3.60 -48.04 -32.02
CA ARG B 235 4.62 -48.13 -30.97
C ARG B 235 3.95 -47.94 -29.62
N LEU B 236 4.14 -48.90 -28.72
CA LEU B 236 3.59 -48.84 -27.38
C LEU B 236 4.71 -48.86 -26.35
N LEU B 237 4.44 -48.26 -25.20
CA LEU B 237 5.41 -48.17 -24.10
C LEU B 237 4.66 -48.41 -22.80
N VAL B 238 4.82 -49.60 -22.24
CA VAL B 238 4.17 -49.95 -20.98
C VAL B 238 5.04 -49.50 -19.82
N PHE B 239 4.45 -48.73 -18.91
CA PHE B 239 5.14 -48.20 -17.73
C PHE B 239 4.53 -48.81 -16.48
N ALA B 240 5.28 -49.72 -15.85
CA ALA B 240 4.79 -50.47 -14.70
C ALA B 240 5.51 -50.00 -13.44
N THR B 241 4.78 -49.29 -12.58
CA THR B 241 5.32 -48.77 -11.33
C THR B 241 4.27 -48.90 -10.24
N ASP B 242 4.62 -48.45 -9.04
CA ASP B 242 3.66 -48.37 -7.94
C ASP B 242 3.84 -47.12 -7.10
N ASP B 243 4.54 -46.12 -7.60
CA ASP B 243 4.79 -44.91 -6.82
C ASP B 243 4.87 -43.71 -7.77
N GLY B 244 5.25 -42.57 -7.23
CA GLY B 244 5.34 -41.34 -7.99
C GLY B 244 6.62 -41.26 -8.80
N PHE B 245 6.81 -40.12 -9.44
CA PHE B 245 7.92 -39.90 -10.35
C PHE B 245 8.57 -38.55 -10.08
N HIS B 246 9.89 -38.52 -10.19
CA HIS B 246 10.63 -37.27 -10.11
C HIS B 246 10.52 -36.51 -11.43
N PHE B 247 10.49 -35.19 -11.33
CA PHE B 247 10.51 -34.34 -12.52
C PHE B 247 11.38 -33.14 -12.23
N ALA B 248 11.48 -32.26 -13.23
CA ALA B 248 12.48 -31.20 -13.23
C ALA B 248 12.40 -30.34 -11.98
N GLY B 249 13.56 -30.15 -11.34
CA GLY B 249 13.64 -29.35 -10.13
C GLY B 249 14.04 -30.19 -8.93
N ASP B 250 13.79 -31.49 -8.99
CA ASP B 250 14.18 -32.39 -7.91
C ASP B 250 15.69 -32.54 -7.82
N GLY B 251 16.42 -32.30 -8.91
CA GLY B 251 17.85 -32.50 -8.91
C GLY B 251 18.64 -31.46 -8.14
N LYS B 252 18.03 -30.33 -7.79
CA LYS B 252 18.73 -29.33 -6.99
C LYS B 252 19.05 -29.86 -5.59
N LEU B 253 18.27 -30.83 -5.10
CA LEU B 253 18.59 -31.45 -3.82
C LEU B 253 19.90 -32.21 -3.88
N GLY B 254 20.25 -32.74 -5.04
CA GLY B 254 21.54 -33.36 -5.27
C GLY B 254 22.56 -32.47 -5.94
N ALA B 255 22.35 -31.15 -5.94
CA ALA B 255 23.23 -30.18 -6.58
C ALA B 255 23.38 -30.43 -8.08
N ILE B 256 22.28 -30.82 -8.73
CA ILE B 256 22.24 -31.02 -10.17
C ILE B 256 21.29 -29.97 -10.73
N LEU B 257 21.82 -29.02 -11.51
CA LEU B 257 20.98 -27.99 -12.11
C LEU B 257 21.15 -27.89 -13.63
N THR B 258 21.63 -28.93 -14.28
CA THR B 258 21.70 -28.91 -15.74
C THR B 258 20.40 -29.46 -16.32
N PRO B 259 19.69 -28.67 -17.13
CA PRO B 259 18.44 -29.17 -17.72
C PRO B 259 18.69 -30.32 -18.68
N ASN B 260 17.71 -31.22 -18.76
CA ASN B 260 17.83 -32.40 -19.62
C ASN B 260 17.85 -31.98 -21.08
N ASP B 261 18.81 -32.52 -21.83
CA ASP B 261 19.00 -32.10 -23.22
C ASP B 261 18.11 -32.85 -24.20
N GLY B 262 17.48 -33.95 -23.77
CA GLY B 262 16.65 -34.71 -24.67
C GLY B 262 17.41 -35.36 -25.81
N ARG B 263 18.60 -35.87 -25.54
CA ARG B 263 19.43 -36.53 -26.55
C ARG B 263 19.91 -37.86 -26.00
N CYS B 264 20.30 -38.75 -26.90
CA CYS B 264 20.67 -40.09 -26.51
C CYS B 264 21.99 -40.08 -25.74
N HIS B 265 22.00 -40.75 -24.59
CA HIS B 265 23.17 -40.84 -23.73
C HIS B 265 23.38 -42.27 -23.27
N LEU B 266 23.30 -43.20 -24.22
CA LEU B 266 23.45 -44.63 -23.93
C LEU B 266 24.86 -45.09 -24.25
N GLU B 267 25.50 -45.73 -23.29
CA GLU B 267 26.80 -46.37 -23.48
C GLU B 267 26.76 -47.72 -22.78
N ASP B 268 26.99 -48.79 -23.54
CA ASP B 268 26.94 -50.16 -23.03
C ASP B 268 25.57 -50.45 -22.40
N ASN B 269 24.52 -50.02 -23.08
CA ASN B 269 23.13 -50.25 -22.68
C ASN B 269 22.81 -49.63 -21.32
N LEU B 270 23.58 -48.65 -20.88
CA LEU B 270 23.37 -48.02 -19.58
C LEU B 270 23.32 -46.51 -19.75
N TYR B 271 22.46 -45.85 -18.98
CA TYR B 271 22.37 -44.40 -18.98
C TYR B 271 23.41 -43.84 -18.02
N LYS B 272 24.66 -43.93 -18.42
CA LYS B 272 25.71 -43.19 -17.75
C LYS B 272 25.53 -41.71 -18.02
N ARG B 273 26.22 -40.89 -17.23
CA ARG B 273 26.04 -39.44 -17.20
C ARG B 273 24.65 -39.04 -16.70
N SER B 274 23.98 -39.94 -15.96
CA SER B 274 22.66 -39.61 -15.43
C SER B 274 22.75 -38.71 -14.21
N ASN B 275 23.92 -38.58 -13.60
CA ASN B 275 24.08 -37.77 -12.41
C ASN B 275 24.53 -36.35 -12.72
N GLU B 276 24.61 -35.98 -13.99
CA GLU B 276 24.94 -34.60 -14.36
C GLU B 276 23.81 -33.90 -15.09
N PHE B 277 22.70 -34.58 -15.36
CA PHE B 277 21.53 -33.98 -15.98
C PHE B 277 20.33 -34.10 -15.05
N ASP B 278 19.48 -33.08 -15.04
CA ASP B 278 18.25 -33.13 -14.26
C ASP B 278 17.21 -34.02 -14.94
N TYR B 279 16.17 -34.35 -14.18
CA TYR B 279 15.04 -35.07 -14.76
C TYR B 279 14.34 -34.19 -15.80
N PRO B 280 13.70 -34.80 -16.80
CA PRO B 280 12.97 -34.02 -17.78
C PRO B 280 11.69 -33.44 -17.18
N SER B 281 11.19 -32.39 -17.83
CA SER B 281 9.87 -31.91 -17.50
C SER B 281 8.83 -32.74 -18.24
N VAL B 282 7.58 -32.67 -17.76
CA VAL B 282 6.49 -33.40 -18.40
C VAL B 282 6.26 -32.86 -19.81
N GLY B 283 6.45 -31.55 -20.01
CA GLY B 283 6.31 -30.99 -21.34
C GLY B 283 7.31 -31.58 -22.33
N GLN B 284 8.57 -31.73 -21.91
CA GLN B 284 9.57 -32.32 -22.78
C GLN B 284 9.22 -33.76 -23.14
N LEU B 285 8.79 -34.53 -22.15
CA LEU B 285 8.41 -35.92 -22.41
C LEU B 285 7.25 -35.99 -23.39
N ALA B 286 6.24 -35.15 -23.19
CA ALA B 286 5.08 -35.14 -24.07
C ALA B 286 5.47 -34.75 -25.49
N HIS B 287 6.31 -33.72 -25.64
CA HIS B 287 6.72 -33.29 -26.97
C HIS B 287 7.51 -34.38 -27.68
N LYS B 288 8.45 -35.02 -26.98
CA LYS B 288 9.25 -36.07 -27.59
C LYS B 288 8.38 -37.25 -28.02
N LEU B 289 7.48 -37.69 -27.14
CA LEU B 289 6.61 -38.82 -27.45
C LEU B 289 5.68 -38.48 -28.62
N ALA B 290 5.16 -37.25 -28.66
CA ALA B 290 4.30 -36.85 -29.76
C ALA B 290 5.05 -36.83 -31.08
N GLU B 291 6.29 -36.33 -31.09
CA GLU B 291 7.03 -36.32 -32.34
C GLU B 291 7.51 -37.69 -32.77
N ASN B 292 7.62 -38.66 -31.85
CA ASN B 292 8.03 -40.00 -32.23
C ASN B 292 6.87 -41.00 -32.25
N ASN B 293 5.64 -40.55 -32.03
CA ASN B 293 4.44 -41.40 -32.12
C ASN B 293 4.54 -42.63 -31.21
N ILE B 294 4.98 -42.42 -29.96
CA ILE B 294 5.03 -43.46 -28.95
C ILE B 294 3.89 -43.23 -27.97
N GLN B 295 3.12 -44.28 -27.69
CA GLN B 295 1.90 -44.16 -26.91
C GLN B 295 2.07 -44.79 -25.54
N PRO B 296 2.18 -44.00 -24.46
CA PRO B 296 2.39 -44.58 -23.14
C PRO B 296 1.15 -45.30 -22.61
N ILE B 297 1.40 -46.33 -21.81
CA ILE B 297 0.36 -47.06 -21.12
C ILE B 297 0.81 -47.16 -19.66
N PHE B 298 0.18 -46.37 -18.79
CA PHE B 298 0.58 -46.28 -17.39
C PHE B 298 -0.11 -47.40 -16.62
N ALA B 299 0.64 -48.44 -16.28
CA ALA B 299 0.13 -49.56 -15.51
C ALA B 299 0.54 -49.32 -14.06
N VAL B 300 -0.34 -48.65 -13.32
CA VAL B 300 -0.04 -48.21 -11.96
C VAL B 300 -1.02 -48.88 -10.99
N THR B 301 -0.67 -48.83 -9.70
CA THR B 301 -1.50 -49.42 -8.68
C THR B 301 -2.71 -48.53 -8.40
N SER B 302 -3.54 -48.96 -7.44
CA SER B 302 -4.82 -48.31 -7.19
C SER B 302 -4.65 -46.89 -6.68
N ARG B 303 -3.72 -46.67 -5.75
CA ARG B 303 -3.59 -45.37 -5.11
C ARG B 303 -2.95 -44.32 -6.00
N MET B 304 -2.42 -44.71 -7.17
CA MET B 304 -1.74 -43.80 -8.06
C MET B 304 -2.53 -43.50 -9.34
N VAL B 305 -3.75 -44.02 -9.45
CA VAL B 305 -4.51 -43.86 -10.69
C VAL B 305 -4.88 -42.40 -10.92
N LYS B 306 -5.33 -41.71 -9.86
CA LYS B 306 -5.71 -40.30 -10.00
C LYS B 306 -4.51 -39.45 -10.36
N THR B 307 -3.34 -39.77 -9.81
CA THR B 307 -2.14 -39.00 -10.10
C THR B 307 -1.77 -39.10 -11.58
N TYR B 308 -1.75 -40.33 -12.11
CA TYR B 308 -1.36 -40.53 -13.50
C TYR B 308 -2.46 -40.15 -14.49
N GLU B 309 -3.70 -40.03 -14.03
CA GLU B 309 -4.79 -39.64 -14.92
C GLU B 309 -4.67 -38.18 -15.33
N LYS B 310 -4.06 -37.34 -14.49
CA LYS B 310 -3.88 -35.94 -14.85
C LYS B 310 -2.92 -35.77 -16.02
N LEU B 311 -1.97 -36.71 -16.18
CA LEU B 311 -1.02 -36.61 -17.29
C LEU B 311 -1.70 -36.71 -18.63
N THR B 312 -2.85 -37.38 -18.71
CA THR B 312 -3.54 -37.56 -19.98
C THR B 312 -4.07 -36.25 -20.54
N GLU B 313 -4.27 -35.23 -19.69
CA GLU B 313 -4.64 -33.91 -20.19
C GLU B 313 -3.45 -33.21 -20.83
N ILE B 314 -2.24 -33.54 -20.40
CA ILE B 314 -1.03 -33.00 -21.02
C ILE B 314 -0.57 -33.89 -22.17
N ILE B 315 -0.75 -35.20 -22.05
CA ILE B 315 -0.30 -36.15 -23.06
C ILE B 315 -1.51 -36.84 -23.67
N PRO B 316 -2.03 -36.36 -24.81
CA PRO B 316 -3.03 -37.14 -25.53
C PRO B 316 -2.41 -38.39 -26.13
N LYS B 317 -3.27 -39.34 -26.46
CA LYS B 317 -2.84 -40.67 -26.90
C LYS B 317 -2.02 -41.35 -25.81
N SER B 318 -2.61 -41.43 -24.61
CA SER B 318 -2.06 -42.17 -23.50
C SER B 318 -3.20 -42.77 -22.70
N ALA B 319 -2.91 -43.87 -22.00
CA ALA B 319 -3.93 -44.58 -21.25
C ALA B 319 -3.39 -44.93 -19.87
N VAL B 320 -4.29 -45.10 -18.91
CA VAL B 320 -3.94 -45.44 -17.55
C VAL B 320 -4.66 -46.73 -17.17
N GLY B 321 -3.92 -47.66 -16.58
CA GLY B 321 -4.47 -48.94 -16.22
C GLY B 321 -4.27 -49.26 -14.75
N GLU B 322 -5.12 -50.14 -14.25
CA GLU B 322 -5.05 -50.59 -12.86
C GLU B 322 -4.16 -51.82 -12.78
N LEU B 323 -3.00 -51.68 -12.17
CA LEU B 323 -2.05 -52.76 -12.01
C LEU B 323 -2.21 -53.39 -10.63
N SER B 324 -2.28 -54.71 -10.59
CA SER B 324 -2.38 -55.41 -9.31
C SER B 324 -1.06 -55.32 -8.56
N GLU B 325 -1.09 -55.70 -7.29
CA GLU B 325 0.12 -55.66 -6.47
C GLU B 325 1.11 -56.74 -6.88
N ASP B 326 0.67 -57.80 -7.54
CA ASP B 326 1.55 -58.86 -8.00
C ASP B 326 1.68 -58.90 -9.51
N SER B 327 1.08 -57.93 -10.22
CA SER B 327 1.24 -57.77 -11.66
C SER B 327 0.81 -59.00 -12.44
N SER B 328 -0.33 -59.58 -12.06
CA SER B 328 -0.89 -60.72 -12.78
C SER B 328 -1.93 -60.33 -13.81
N ASN B 329 -2.47 -59.11 -13.74
CA ASN B 329 -3.50 -58.64 -14.66
C ASN B 329 -2.94 -57.71 -15.72
N VAL B 330 -1.70 -57.94 -16.16
CA VAL B 330 -1.04 -56.96 -17.02
C VAL B 330 -1.50 -57.09 -18.48
N VAL B 331 -1.53 -58.32 -19.00
CA VAL B 331 -1.83 -58.52 -20.42
C VAL B 331 -3.23 -57.99 -20.74
N HIS B 332 -4.21 -58.32 -19.90
CA HIS B 332 -5.55 -57.77 -20.07
C HIS B 332 -5.52 -56.24 -20.02
N LEU B 333 -4.63 -55.68 -19.21
CA LEU B 333 -4.49 -54.23 -19.16
C LEU B 333 -4.00 -53.67 -20.49
N ILE B 334 -3.02 -54.32 -21.12
CA ILE B 334 -2.59 -53.85 -22.44
C ILE B 334 -3.72 -53.97 -23.45
N LYS B 335 -4.50 -55.06 -23.41
CA LYS B 335 -5.62 -55.18 -24.35
C LYS B 335 -6.59 -54.02 -24.19
N ASN B 336 -7.01 -53.75 -22.95
CA ASN B 336 -7.95 -52.65 -22.72
C ASN B 336 -7.36 -51.31 -23.08
N ALA B 337 -6.08 -51.09 -22.78
CA ALA B 337 -5.44 -49.83 -23.10
C ALA B 337 -5.35 -49.63 -24.60
N TYR B 338 -5.04 -50.68 -25.35
CA TYR B 338 -5.01 -50.57 -26.80
C TYR B 338 -6.39 -50.28 -27.36
N ASN B 339 -7.42 -50.93 -26.82
CA ASN B 339 -8.78 -50.65 -27.29
C ASN B 339 -9.16 -49.20 -27.05
N LYS B 340 -8.85 -48.69 -25.84
CA LYS B 340 -9.18 -47.30 -25.50
C LYS B 340 -8.38 -46.33 -26.37
N LEU B 341 -7.11 -46.63 -26.61
CA LEU B 341 -6.29 -45.75 -27.44
C LEU B 341 -6.79 -45.70 -28.87
N SER B 342 -7.11 -46.87 -29.44
CA SER B 342 -7.53 -46.91 -30.84
C SER B 342 -8.93 -46.36 -31.03
N SER B 343 -9.79 -46.46 -30.01
CA SER B 343 -11.18 -46.05 -30.15
C SER B 343 -11.36 -44.53 -30.22
N ARG B 344 -10.35 -43.76 -29.86
CA ARG B 344 -10.47 -42.31 -29.83
C ARG B 344 -9.57 -41.69 -30.89
N VAL B 345 -10.06 -40.62 -31.53
CA VAL B 345 -9.37 -39.98 -32.63
C VAL B 345 -9.32 -38.48 -32.38
N PHE B 346 -8.15 -37.89 -32.57
CA PHE B 346 -7.95 -36.45 -32.44
C PHE B 346 -7.48 -35.88 -33.77
N LEU B 347 -7.95 -34.68 -34.09
CA LEU B 347 -7.55 -33.98 -35.31
C LEU B 347 -7.02 -32.61 -34.90
N ASP B 348 -5.79 -32.32 -35.29
CA ASP B 348 -5.11 -31.11 -34.84
C ASP B 348 -4.19 -30.62 -35.95
N HIS B 349 -3.83 -29.35 -35.86
CA HIS B 349 -3.01 -28.69 -36.87
C HIS B 349 -1.73 -28.14 -36.24
N ASN B 350 -0.72 -27.96 -37.08
CA ASN B 350 0.53 -27.37 -36.62
C ASN B 350 0.33 -25.87 -36.39
N ALA B 351 1.34 -25.24 -35.81
CA ALA B 351 1.24 -23.84 -35.44
C ALA B 351 1.02 -22.96 -36.67
N LEU B 352 0.10 -22.02 -36.55
CA LEU B 352 -0.23 -21.08 -37.61
C LEU B 352 -0.39 -19.68 -37.00
N PRO B 353 -0.17 -18.63 -37.80
CA PRO B 353 -0.13 -17.28 -37.22
C PRO B 353 -1.50 -16.83 -36.72
N ASP B 354 -1.49 -15.62 -36.12
CA ASP B 354 -2.70 -15.05 -35.55
C ASP B 354 -3.68 -14.54 -36.60
N THR B 355 -3.26 -14.43 -37.86
CA THR B 355 -4.17 -13.96 -38.91
C THR B 355 -5.18 -15.03 -39.31
N LEU B 356 -4.98 -16.28 -38.92
CA LEU B 356 -5.85 -17.38 -39.31
C LEU B 356 -6.48 -18.00 -38.08
N LYS B 357 -7.78 -18.26 -38.15
CA LYS B 357 -8.51 -18.98 -37.12
C LYS B 357 -9.06 -20.26 -37.72
N VAL B 358 -8.95 -21.36 -36.97
CA VAL B 358 -9.35 -22.68 -37.45
C VAL B 358 -10.23 -23.34 -36.40
N THR B 359 -11.36 -23.89 -36.84
CA THR B 359 -12.34 -24.49 -35.94
C THR B 359 -12.78 -25.83 -36.50
N TYR B 360 -13.08 -26.78 -35.62
CA TYR B 360 -13.44 -28.13 -36.01
C TYR B 360 -14.82 -28.50 -35.49
N ASP B 361 -15.56 -29.25 -36.30
CA ASP B 361 -16.84 -29.83 -35.93
C ASP B 361 -16.79 -31.33 -36.17
N SER B 362 -17.35 -32.10 -35.24
CA SER B 362 -17.21 -33.55 -35.26
C SER B 362 -18.56 -34.23 -35.48
N PHE B 363 -18.57 -35.22 -36.37
CA PHE B 363 -19.71 -36.11 -36.58
C PHE B 363 -19.17 -37.53 -36.60
N CYS B 364 -19.77 -38.42 -35.83
CA CYS B 364 -19.30 -39.81 -35.83
C CYS B 364 -20.45 -40.74 -35.45
N SER B 365 -20.10 -42.02 -35.24
CA SER B 365 -21.08 -43.10 -35.26
C SER B 365 -22.02 -43.05 -34.07
N ASN B 366 -21.51 -42.71 -32.89
CA ASN B 366 -22.33 -42.77 -31.68
C ASN B 366 -23.48 -41.76 -31.69
N GLY B 367 -23.46 -40.79 -32.61
CA GLY B 367 -24.47 -39.77 -32.67
C GLY B 367 -24.14 -38.51 -31.90
N VAL B 368 -23.09 -38.52 -31.10
CA VAL B 368 -22.66 -37.32 -30.39
C VAL B 368 -21.99 -36.38 -31.38
N THR B 369 -22.45 -35.14 -31.43
CA THR B 369 -21.94 -34.15 -32.38
C THR B 369 -21.47 -32.92 -31.61
N HIS B 370 -20.22 -32.52 -31.85
CA HIS B 370 -19.64 -31.34 -31.23
C HIS B 370 -19.49 -30.24 -32.28
N ARG B 371 -19.80 -29.02 -31.87
CA ARG B 371 -19.75 -27.87 -32.76
C ARG B 371 -18.82 -26.81 -32.19
N ASN B 372 -18.07 -26.16 -33.07
CA ASN B 372 -17.22 -25.02 -32.72
C ASN B 372 -16.24 -25.35 -31.60
N GLN B 373 -15.44 -26.39 -31.82
CA GLN B 373 -14.43 -26.89 -30.90
C GLN B 373 -13.03 -26.46 -31.36
N PRO B 374 -12.06 -26.36 -30.45
CA PRO B 374 -10.71 -25.96 -30.86
C PRO B 374 -9.94 -27.08 -31.54
N ARG B 375 -10.33 -28.32 -31.27
CA ARG B 375 -9.75 -29.48 -31.96
C ARG B 375 -10.82 -30.55 -32.08
N GLY B 376 -10.62 -31.45 -33.04
CA GLY B 376 -11.59 -32.50 -33.30
C GLY B 376 -11.37 -33.71 -32.40
N ASP B 377 -12.47 -34.21 -31.83
CA ASP B 377 -12.41 -35.34 -30.92
C ASP B 377 -13.78 -35.95 -30.71
N CYS B 378 -13.91 -37.25 -30.93
CA CYS B 378 -15.08 -37.99 -30.46
C CYS B 378 -14.71 -39.47 -30.37
N ASP B 379 -15.25 -40.12 -29.35
CA ASP B 379 -14.96 -41.52 -29.08
C ASP B 379 -15.86 -42.43 -29.91
N GLY B 380 -15.70 -43.73 -29.73
CA GLY B 380 -16.50 -44.69 -30.45
C GLY B 380 -16.15 -44.84 -31.91
N VAL B 381 -14.93 -44.45 -32.31
CA VAL B 381 -14.50 -44.62 -33.69
C VAL B 381 -14.40 -46.10 -34.00
N GLN B 382 -15.06 -46.52 -35.08
CA GLN B 382 -15.19 -47.92 -35.42
C GLN B 382 -14.48 -48.22 -36.74
N ILE B 383 -14.17 -49.50 -36.95
CA ILE B 383 -13.42 -49.92 -38.12
C ILE B 383 -14.30 -49.81 -39.36
N ASN B 384 -13.73 -49.24 -40.42
CA ASN B 384 -14.39 -49.15 -41.73
C ASN B 384 -15.67 -48.33 -41.69
N VAL B 385 -15.76 -47.42 -40.73
CA VAL B 385 -16.89 -46.49 -40.62
C VAL B 385 -16.35 -45.09 -40.94
N PRO B 386 -16.77 -44.48 -42.05
CA PRO B 386 -16.25 -43.15 -42.40
C PRO B 386 -16.77 -42.10 -41.43
N ILE B 387 -15.84 -41.48 -40.70
CA ILE B 387 -16.14 -40.45 -39.72
C ILE B 387 -15.59 -39.13 -40.24
N THR B 388 -16.43 -38.11 -40.29
CA THR B 388 -16.09 -36.85 -40.94
C THR B 388 -15.90 -35.74 -39.91
N PHE B 389 -14.92 -34.88 -40.17
CA PHE B 389 -14.70 -33.66 -39.42
C PHE B 389 -14.88 -32.48 -40.36
N GLN B 390 -15.45 -31.40 -39.86
CA GLN B 390 -15.62 -30.18 -40.65
C GLN B 390 -14.63 -29.13 -40.16
N VAL B 391 -13.77 -28.67 -41.06
CA VAL B 391 -12.73 -27.71 -40.73
C VAL B 391 -13.13 -26.37 -41.33
N LYS B 392 -13.27 -25.36 -40.49
CA LYS B 392 -13.62 -24.01 -40.90
C LYS B 392 -12.42 -23.10 -40.69
N VAL B 393 -12.00 -22.42 -41.75
CA VAL B 393 -10.84 -21.55 -41.73
C VAL B 393 -11.29 -20.12 -41.98
N THR B 394 -10.98 -19.22 -41.05
CA THR B 394 -11.39 -17.82 -41.14
C THR B 394 -10.15 -16.94 -41.14
N ALA B 395 -10.09 -16.03 -42.10
CA ALA B 395 -8.99 -15.08 -42.20
C ALA B 395 -9.45 -13.72 -41.70
N THR B 396 -8.60 -13.06 -40.93
CA THR B 396 -8.90 -11.74 -40.39
C THR B 396 -8.33 -10.60 -41.23
N GLU B 397 -7.39 -10.88 -42.13
CA GLU B 397 -6.78 -9.88 -42.98
C GLU B 397 -6.50 -10.50 -44.34
N CYS B 398 -6.13 -9.65 -45.30
CA CYS B 398 -5.75 -10.14 -46.61
C CYS B 398 -4.38 -10.81 -46.53
N ILE B 399 -4.37 -12.12 -46.35
CA ILE B 399 -3.15 -12.85 -46.05
C ILE B 399 -2.35 -13.10 -47.33
N GLN B 400 -1.09 -13.48 -47.14
CA GLN B 400 -0.23 -13.94 -48.21
C GLN B 400 -0.26 -15.47 -48.27
N GLU B 401 0.54 -16.03 -49.18
CA GLU B 401 0.56 -17.47 -49.36
C GLU B 401 1.21 -18.13 -48.14
N GLN B 402 0.53 -19.14 -47.59
CA GLN B 402 1.02 -19.88 -46.44
C GLN B 402 0.61 -21.34 -46.59
N SER B 403 0.99 -22.15 -45.61
CA SER B 403 0.62 -23.56 -45.61
C SER B 403 0.72 -24.10 -44.19
N PHE B 404 -0.29 -24.88 -43.79
CA PHE B 404 -0.27 -25.58 -42.52
C PHE B 404 -0.82 -26.98 -42.73
N VAL B 405 -0.43 -27.88 -41.85
CA VAL B 405 -0.72 -29.31 -41.99
C VAL B 405 -1.70 -29.73 -40.89
N ILE B 406 -2.81 -30.34 -41.31
CA ILE B 406 -3.76 -30.96 -40.39
C ILE B 406 -3.43 -32.44 -40.30
N ARG B 407 -3.27 -32.93 -39.07
CA ARG B 407 -2.77 -34.28 -38.83
C ARG B 407 -3.64 -34.99 -37.82
N ALA B 408 -3.75 -36.31 -37.97
CA ALA B 408 -4.40 -37.14 -36.98
C ALA B 408 -3.35 -37.62 -35.97
N LEU B 409 -3.53 -37.24 -34.71
CA LEU B 409 -2.51 -37.52 -33.71
C LEU B 409 -2.32 -39.03 -33.53
N GLY B 410 -1.07 -39.46 -33.52
CA GLY B 410 -0.73 -40.86 -33.42
C GLY B 410 -0.49 -41.57 -34.73
N PHE B 411 -0.57 -40.87 -35.85
CA PHE B 411 -0.42 -41.47 -37.17
C PHE B 411 0.42 -40.58 -38.06
N THR B 412 1.13 -41.21 -39.01
CA THR B 412 1.97 -40.48 -39.93
C THR B 412 1.18 -39.76 -41.02
N ASP B 413 -0.02 -40.24 -41.32
CA ASP B 413 -0.84 -39.63 -42.37
C ASP B 413 -1.16 -38.18 -42.02
N ILE B 414 -1.05 -37.31 -43.03
CA ILE B 414 -1.28 -35.88 -42.85
C ILE B 414 -2.20 -35.37 -43.95
N VAL B 415 -2.81 -34.21 -43.69
CA VAL B 415 -3.58 -33.48 -44.67
C VAL B 415 -2.94 -32.10 -44.81
N THR B 416 -2.48 -31.78 -46.01
CA THR B 416 -1.78 -30.52 -46.26
C THR B 416 -2.75 -29.50 -46.81
N VAL B 417 -2.74 -28.31 -46.23
CA VAL B 417 -3.65 -27.22 -46.59
C VAL B 417 -2.82 -26.01 -46.98
N GLN B 418 -3.10 -25.45 -48.15
CA GLN B 418 -2.40 -24.28 -48.66
C GLN B 418 -3.43 -23.18 -48.88
N VAL B 419 -3.14 -21.98 -48.40
CA VAL B 419 -4.12 -20.91 -48.37
C VAL B 419 -3.73 -19.80 -49.34
N LEU B 420 -4.73 -19.26 -50.03
CA LEU B 420 -4.59 -18.13 -50.92
C LEU B 420 -5.54 -17.01 -50.48
N PRO B 421 -5.21 -15.76 -50.79
CA PRO B 421 -6.17 -14.69 -50.58
C PRO B 421 -7.18 -14.60 -51.72
N GLN B 422 -8.32 -13.97 -51.40
CA GLN B 422 -9.36 -13.70 -52.39
C GLN B 422 -9.66 -12.21 -52.48
N CYS B 423 -8.69 -11.38 -52.10
CA CYS B 423 -8.89 -9.93 -52.09
C CYS B 423 -8.68 -9.34 -53.48
N GLU B 424 -9.41 -9.84 -54.47
CA GLU B 424 -9.28 -9.38 -55.84
C GLU B 424 -10.62 -9.50 -56.54
N CYS B 425 -10.92 -8.56 -57.42
CA CYS B 425 -12.18 -8.51 -58.13
C CYS B 425 -11.97 -8.88 -59.59
N ARG B 426 -12.83 -9.77 -60.10
CA ARG B 426 -12.74 -10.22 -61.49
C ARG B 426 -13.48 -9.27 -62.41
N CYS B 427 -13.05 -8.01 -62.45
CA CYS B 427 -13.74 -6.98 -63.21
C CYS B 427 -13.44 -7.08 -64.71
N ARG B 428 -14.34 -6.50 -65.50
CA ARG B 428 -14.17 -6.42 -66.94
C ARG B 428 -13.65 -5.04 -67.32
N ASP B 429 -12.45 -5.00 -67.91
CA ASP B 429 -11.85 -3.73 -68.29
C ASP B 429 -11.21 -3.72 -69.67
N GLN B 430 -11.08 -4.86 -70.35
CA GLN B 430 -10.37 -4.90 -71.62
C GLN B 430 -11.17 -4.30 -72.77
N SER B 431 -12.50 -4.20 -72.65
CA SER B 431 -13.34 -3.70 -73.74
C SER B 431 -14.22 -2.55 -73.28
N ARG B 432 -13.87 -1.87 -72.19
CA ARG B 432 -14.68 -0.76 -71.71
C ARG B 432 -14.50 0.47 -72.58
N ASP B 433 -15.53 1.31 -72.60
CA ASP B 433 -15.53 2.52 -73.43
C ASP B 433 -14.70 3.61 -72.76
N ARG B 434 -13.62 4.03 -73.41
CA ARG B 434 -12.77 5.07 -72.88
C ARG B 434 -13.41 6.46 -73.01
N SER B 435 -14.36 6.62 -73.93
CA SER B 435 -14.98 7.93 -74.14
C SER B 435 -15.74 8.40 -72.90
N LEU B 436 -16.32 7.47 -72.14
CA LEU B 436 -17.02 7.85 -70.92
C LEU B 436 -16.08 8.48 -69.90
N CYS B 437 -14.81 8.10 -69.94
CA CYS B 437 -13.79 8.69 -69.06
C CYS B 437 -13.19 9.97 -69.62
N HIS B 438 -13.83 10.57 -70.63
CA HIS B 438 -13.32 11.75 -71.34
C HIS B 438 -11.96 11.47 -71.98
N GLY B 439 -11.60 10.20 -72.14
CA GLY B 439 -10.31 9.82 -72.66
C GLY B 439 -9.17 9.93 -71.68
N LYS B 440 -9.41 10.43 -70.48
CA LYS B 440 -8.36 10.65 -69.48
C LYS B 440 -8.31 9.54 -68.43
N GLY B 441 -8.98 8.42 -68.68
CA GLY B 441 -8.97 7.33 -67.73
C GLY B 441 -9.55 6.08 -68.36
N PHE B 442 -9.68 5.06 -67.52
CA PHE B 442 -10.22 3.77 -67.94
C PHE B 442 -11.31 3.34 -66.96
N LEU B 443 -12.30 2.63 -67.50
CA LEU B 443 -13.40 2.14 -66.68
C LEU B 443 -13.00 0.80 -66.07
N GLU B 444 -12.73 0.81 -64.77
CA GLU B 444 -12.38 -0.40 -64.03
C GLU B 444 -13.49 -0.67 -63.02
N CYS B 445 -14.09 -1.85 -63.11
CA CYS B 445 -15.18 -2.28 -62.24
C CYS B 445 -16.38 -1.34 -62.29
N GLY B 446 -16.44 -0.47 -63.29
CA GLY B 446 -17.51 0.50 -63.41
C GLY B 446 -17.18 1.89 -62.93
N ILE B 447 -15.95 2.14 -62.50
CA ILE B 447 -15.52 3.47 -62.06
C ILE B 447 -14.27 3.85 -62.84
N CYS B 448 -14.02 5.15 -62.90
CA CYS B 448 -12.92 5.70 -63.69
C CYS B 448 -11.76 6.09 -62.79
N ARG B 449 -10.54 5.90 -63.27
CA ARG B 449 -9.33 6.32 -62.58
C ARG B 449 -8.64 7.36 -63.44
N CYS B 450 -8.39 8.53 -62.86
CA CYS B 450 -7.82 9.63 -63.62
C CYS B 450 -6.31 9.48 -63.76
N ASP B 451 -5.78 10.11 -64.80
CA ASP B 451 -4.34 10.11 -65.06
C ASP B 451 -3.67 11.17 -64.19
N THR B 452 -2.40 11.45 -64.46
CA THR B 452 -1.67 12.48 -63.73
C THR B 452 -2.25 13.85 -64.03
N GLY B 453 -2.40 14.67 -62.99
CA GLY B 453 -2.89 16.03 -63.12
C GLY B 453 -4.40 16.18 -63.10
N TYR B 454 -5.11 15.31 -63.81
CA TYR B 454 -6.57 15.40 -63.87
C TYR B 454 -7.20 14.83 -62.61
N ILE B 455 -8.24 15.51 -62.12
CA ILE B 455 -8.94 15.12 -60.90
C ILE B 455 -10.44 15.23 -61.15
N GLY B 456 -11.21 14.51 -60.33
CA GLY B 456 -12.65 14.49 -60.47
C GLY B 456 -13.18 13.08 -60.67
N LYS B 457 -14.48 12.89 -60.48
CA LYS B 457 -15.06 11.56 -60.67
C LYS B 457 -15.06 11.16 -62.15
N ASN B 458 -15.19 12.13 -63.05
CA ASN B 458 -15.08 11.89 -64.48
C ASN B 458 -13.81 12.52 -65.06
N CYS B 459 -12.87 12.91 -64.20
CA CYS B 459 -11.61 13.55 -64.62
C CYS B 459 -11.88 14.82 -65.43
N GLU B 460 -12.81 15.64 -64.94
CA GLU B 460 -13.19 16.87 -65.62
C GLU B 460 -12.45 18.10 -65.08
N CYS B 461 -11.53 17.92 -64.15
CA CYS B 461 -10.81 19.03 -63.55
C CYS B 461 -9.31 18.74 -63.55
N GLN B 462 -8.51 19.80 -63.57
CA GLN B 462 -7.06 19.72 -63.47
C GLN B 462 -6.63 20.21 -62.09
N THR B 463 -5.70 19.47 -61.47
CA THR B 463 -5.29 19.79 -60.10
C THR B 463 -4.65 21.16 -60.02
N GLN B 464 -3.89 21.56 -61.05
CA GLN B 464 -3.20 22.85 -61.01
C GLN B 464 -4.16 24.03 -61.00
N GLY B 465 -5.38 23.87 -61.53
CA GLY B 465 -6.34 24.94 -61.54
C GLY B 465 -7.20 24.98 -60.28
N ARG B 466 -7.73 26.16 -59.99
CA ARG B 466 -8.57 26.35 -58.82
C ARG B 466 -9.99 25.82 -59.07
N SER B 467 -10.61 25.33 -58.01
CA SER B 467 -11.96 24.79 -58.13
C SER B 467 -12.96 25.91 -58.43
N SER B 468 -13.87 25.63 -59.36
CA SER B 468 -14.89 26.61 -59.72
C SER B 468 -15.91 26.76 -58.61
N GLN B 469 -16.43 27.99 -58.47
CA GLN B 469 -17.43 28.27 -57.44
C GLN B 469 -18.75 27.55 -57.73
N GLU B 470 -19.04 27.29 -59.01
CA GLU B 470 -20.30 26.64 -59.36
C GLU B 470 -20.38 25.23 -58.78
N LEU B 471 -19.28 24.48 -58.82
CA LEU B 471 -19.28 23.11 -58.31
C LEU B 471 -19.38 23.05 -56.80
N GLU B 472 -19.13 24.15 -56.09
CA GLU B 472 -19.17 24.16 -54.64
C GLU B 472 -20.57 23.96 -54.08
N GLY B 473 -21.62 24.07 -54.91
CA GLY B 473 -22.98 23.92 -54.41
C GLY B 473 -23.34 22.50 -54.02
N SER B 474 -22.64 21.51 -54.55
CA SER B 474 -22.90 20.11 -54.25
C SER B 474 -22.15 19.62 -53.02
N CYS B 475 -21.34 20.48 -52.38
CA CYS B 475 -20.53 20.09 -51.25
C CYS B 475 -21.17 20.42 -49.91
N ARG B 476 -22.43 20.85 -49.91
CA ARG B 476 -23.16 21.12 -48.68
C ARG B 476 -24.47 20.34 -48.68
N LYS B 477 -24.88 19.91 -47.49
CA LYS B 477 -26.04 19.03 -47.38
C LYS B 477 -27.34 19.76 -47.73
N ASP B 478 -27.53 20.95 -47.17
CA ASP B 478 -28.77 21.69 -47.36
C ASP B 478 -28.46 23.18 -47.35
N ASN B 479 -29.51 24.00 -47.35
CA ASN B 479 -29.33 25.45 -47.40
C ASN B 479 -28.70 25.99 -46.12
N ASN B 480 -28.80 25.27 -45.00
CA ASN B 480 -28.23 25.72 -43.74
C ASN B 480 -26.89 25.07 -43.42
N SER B 481 -26.58 23.93 -44.04
CA SER B 481 -25.32 23.24 -43.77
C SER B 481 -24.17 23.96 -44.46
N ILE B 482 -23.03 24.02 -43.76
CA ILE B 482 -21.84 24.65 -44.32
C ILE B 482 -21.09 23.64 -45.19
N ILE B 483 -20.16 24.15 -46.00
CA ILE B 483 -19.48 23.31 -46.98
C ILE B 483 -18.66 22.25 -46.26
N CYS B 484 -18.92 20.97 -46.59
CA CYS B 484 -18.23 19.83 -46.00
C CYS B 484 -18.33 19.83 -44.47
N SER B 485 -19.39 20.41 -43.93
CA SER B 485 -19.66 20.44 -42.50
C SER B 485 -18.53 21.10 -41.70
N GLY B 486 -17.69 21.89 -42.35
CA GLY B 486 -16.59 22.55 -41.68
C GLY B 486 -15.39 21.67 -41.42
N LEU B 487 -15.41 20.41 -41.84
CA LEU B 487 -14.33 19.47 -41.60
C LEU B 487 -13.76 18.91 -42.89
N GLY B 488 -13.89 19.66 -43.99
CA GLY B 488 -13.38 19.18 -45.27
C GLY B 488 -13.28 20.32 -46.26
N ASP B 489 -12.77 19.97 -47.44
CA ASP B 489 -12.56 20.92 -48.53
C ASP B 489 -13.32 20.45 -49.76
N CYS B 490 -13.90 21.41 -50.49
CA CYS B 490 -14.63 21.11 -51.72
C CYS B 490 -13.72 21.36 -52.91
N VAL B 491 -13.39 20.29 -53.64
CA VAL B 491 -12.58 20.37 -54.85
C VAL B 491 -13.28 19.59 -55.96
N CYS B 492 -13.49 20.27 -57.10
CA CYS B 492 -14.08 19.66 -58.30
C CYS B 492 -15.42 18.97 -58.00
N GLY B 493 -16.17 19.53 -57.06
CA GLY B 493 -17.53 19.07 -56.82
C GLY B 493 -17.71 17.98 -55.79
N GLN B 494 -16.63 17.48 -55.17
CA GLN B 494 -16.77 16.55 -54.06
C GLN B 494 -15.95 17.02 -52.88
N CYS B 495 -16.41 16.67 -51.68
CA CYS B 495 -15.75 17.07 -50.45
C CYS B 495 -14.55 16.19 -50.16
N LEU B 496 -13.47 16.81 -49.72
CA LEU B 496 -12.25 16.11 -49.31
C LEU B 496 -12.02 16.40 -47.83
N CYS B 497 -12.27 15.41 -46.98
CA CYS B 497 -12.25 15.63 -45.54
C CYS B 497 -10.82 15.79 -45.03
N HIS B 498 -10.69 16.47 -43.88
CA HIS B 498 -9.42 16.66 -43.22
C HIS B 498 -9.09 15.46 -42.32
N THR B 499 -7.89 15.51 -41.75
CA THR B 499 -7.49 14.55 -40.73
C THR B 499 -7.42 15.26 -39.38
N SER B 500 -7.11 14.50 -38.33
CA SER B 500 -7.05 15.06 -36.99
C SER B 500 -5.94 14.38 -36.21
N ASP B 501 -5.26 15.16 -35.36
CA ASP B 501 -4.18 14.63 -34.54
C ASP B 501 -4.69 13.75 -33.41
N VAL B 502 -5.94 13.96 -32.99
CA VAL B 502 -6.51 13.14 -31.91
C VAL B 502 -6.67 11.71 -32.41
N PRO B 503 -6.18 10.71 -31.69
CA PRO B 503 -6.30 9.33 -32.16
C PRO B 503 -7.76 8.91 -32.30
N GLY B 504 -8.03 8.13 -33.34
CA GLY B 504 -9.36 7.64 -33.60
C GLY B 504 -10.28 8.60 -34.31
N LYS B 505 -9.83 9.83 -34.59
CA LYS B 505 -10.65 10.82 -35.30
C LYS B 505 -10.49 10.61 -36.79
N LEU B 506 -11.28 9.67 -37.32
CA LEU B 506 -11.35 9.41 -38.75
C LEU B 506 -12.64 10.06 -39.26
N ILE B 507 -12.50 11.18 -39.95
CA ILE B 507 -13.62 11.90 -40.51
C ILE B 507 -13.98 11.28 -41.85
N TYR B 508 -15.25 10.90 -42.02
CA TYR B 508 -15.71 10.28 -43.25
C TYR B 508 -17.14 10.70 -43.51
N GLY B 509 -17.69 10.22 -44.62
CA GLY B 509 -19.02 10.57 -45.05
C GLY B 509 -18.99 11.35 -46.36
N GLN B 510 -20.19 11.48 -46.95
CA GLN B 510 -20.29 12.25 -48.18
C GLN B 510 -19.97 13.72 -47.94
N TYR B 511 -20.45 14.28 -46.83
CA TYR B 511 -20.18 15.67 -46.46
C TYR B 511 -19.28 15.77 -45.23
N CYS B 512 -18.53 14.72 -44.92
CA CYS B 512 -17.64 14.68 -43.76
C CYS B 512 -18.40 14.84 -42.44
N GLU B 513 -19.68 14.46 -42.43
CA GLU B 513 -20.49 14.63 -41.23
C GLU B 513 -20.20 13.59 -40.17
N CYS B 514 -19.88 12.35 -40.56
CA CYS B 514 -19.66 11.31 -39.58
C CYS B 514 -18.30 11.44 -38.88
N ASP B 515 -18.20 10.74 -37.77
CA ASP B 515 -17.00 10.69 -36.94
C ASP B 515 -17.00 9.36 -36.21
N THR B 516 -15.83 8.95 -35.73
CA THR B 516 -15.65 7.61 -35.20
C THR B 516 -15.83 7.50 -33.69
N ILE B 517 -15.75 8.60 -32.95
CA ILE B 517 -15.79 8.55 -31.49
C ILE B 517 -17.05 9.15 -30.90
N ASN B 518 -18.08 9.38 -31.72
CA ASN B 518 -19.34 9.94 -31.23
C ASN B 518 -20.41 8.84 -31.33
N CYS B 519 -20.49 8.03 -30.28
CA CYS B 519 -21.51 6.99 -30.17
C CYS B 519 -21.80 6.70 -28.70
N GLU B 520 -22.79 5.82 -28.50
CA GLU B 520 -23.18 5.36 -27.18
C GLU B 520 -21.98 4.78 -26.44
N ARG B 521 -21.82 5.16 -25.17
CA ARG B 521 -20.65 4.80 -24.39
C ARG B 521 -21.02 3.85 -23.26
N TYR B 522 -20.33 2.71 -23.19
CA TYR B 522 -20.52 1.73 -22.13
C TYR B 522 -19.24 1.68 -21.30
N ASN B 523 -19.37 1.99 -20.01
CA ASN B 523 -18.23 2.03 -19.08
C ASN B 523 -17.14 2.95 -19.59
N GLY B 524 -17.53 4.10 -20.13
CA GLY B 524 -16.59 5.10 -20.59
C GLY B 524 -15.96 4.80 -21.94
N GLN B 525 -16.25 3.66 -22.55
CA GLN B 525 -15.73 3.30 -23.85
C GLN B 525 -16.84 3.35 -24.87
N VAL B 526 -16.54 3.88 -26.06
CA VAL B 526 -17.53 3.90 -27.13
C VAL B 526 -17.77 2.48 -27.61
N CYS B 527 -19.04 2.07 -27.64
CA CYS B 527 -19.43 0.70 -28.01
C CYS B 527 -18.71 -0.36 -27.18
N GLY B 528 -18.52 -0.09 -25.89
CA GLY B 528 -17.96 -1.10 -25.02
C GLY B 528 -16.51 -1.44 -25.26
N GLY B 529 -15.77 -0.57 -25.94
CA GLY B 529 -14.38 -0.84 -26.26
C GLY B 529 -14.26 -1.56 -27.58
N PRO B 530 -13.02 -1.74 -28.06
CA PRO B 530 -12.82 -2.44 -29.34
C PRO B 530 -13.29 -3.88 -29.33
N GLY B 531 -13.37 -4.51 -28.15
CA GLY B 531 -13.70 -5.91 -28.06
C GLY B 531 -15.16 -6.27 -28.17
N ARG B 532 -16.05 -5.30 -28.34
CA ARG B 532 -17.47 -5.59 -28.42
C ARG B 532 -18.14 -5.03 -29.66
N GLY B 533 -17.72 -3.86 -30.14
CA GLY B 533 -18.35 -3.28 -31.31
C GLY B 533 -17.60 -2.04 -31.75
N LEU B 534 -18.06 -1.49 -32.88
CA LEU B 534 -17.47 -0.31 -33.47
C LEU B 534 -18.52 0.76 -33.70
N CYS B 535 -18.07 2.01 -33.73
CA CYS B 535 -18.94 3.17 -33.90
C CYS B 535 -18.96 3.60 -35.36
N PHE B 536 -20.16 3.81 -35.90
CA PHE B 536 -20.32 4.31 -37.27
C PHE B 536 -21.27 5.52 -37.23
N CYS B 537 -20.71 6.67 -36.87
CA CYS B 537 -21.38 7.96 -36.82
C CYS B 537 -22.83 7.87 -36.35
N GLY B 538 -22.99 7.39 -35.12
CA GLY B 538 -24.26 7.45 -34.42
C GLY B 538 -24.95 6.12 -34.26
N LYS B 539 -24.56 5.11 -35.02
CA LYS B 539 -25.11 3.78 -34.90
C LYS B 539 -23.99 2.81 -34.55
N CYS B 540 -24.26 1.96 -33.57
CA CYS B 540 -23.29 0.98 -33.11
C CYS B 540 -23.68 -0.40 -33.62
N ARG B 541 -22.80 -1.00 -34.41
CA ARG B 541 -22.95 -2.37 -34.89
C ARG B 541 -21.79 -3.19 -34.34
N CYS B 542 -22.12 -4.35 -33.77
CA CYS B 542 -21.20 -5.10 -32.94
C CYS B 542 -20.57 -6.27 -33.69
N HIS B 543 -19.51 -6.81 -33.11
CA HIS B 543 -18.98 -8.09 -33.52
C HIS B 543 -20.01 -9.18 -33.19
N PRO B 544 -19.96 -10.31 -33.89
CA PRO B 544 -20.86 -11.41 -33.56
C PRO B 544 -20.68 -11.85 -32.12
N GLY B 545 -21.80 -12.16 -31.46
CA GLY B 545 -21.78 -12.51 -30.06
C GLY B 545 -22.19 -11.39 -29.12
N PHE B 546 -22.48 -10.21 -29.63
CA PHE B 546 -22.90 -9.08 -28.82
C PHE B 546 -24.01 -8.33 -29.53
N GLU B 547 -24.85 -7.65 -28.74
CA GLU B 547 -25.97 -6.89 -29.29
C GLU B 547 -26.28 -5.75 -28.32
N GLY B 548 -27.17 -4.86 -28.76
CA GLY B 548 -27.59 -3.73 -27.96
C GLY B 548 -27.03 -2.43 -28.48
N SER B 549 -27.49 -1.33 -27.86
CA SER B 549 -27.05 0.00 -28.28
C SER B 549 -25.58 0.24 -28.00
N ALA B 550 -24.97 -0.55 -27.12
CA ALA B 550 -23.54 -0.39 -26.83
C ALA B 550 -22.83 -1.74 -26.79
N CYS B 551 -23.40 -2.78 -27.41
CA CYS B 551 -22.79 -4.10 -27.50
C CYS B 551 -22.56 -4.74 -26.13
N GLN B 552 -23.31 -4.30 -25.12
CA GLN B 552 -23.13 -4.83 -23.77
C GLN B 552 -23.86 -6.14 -23.54
N CYS B 553 -24.68 -6.59 -24.49
CA CYS B 553 -25.52 -7.76 -24.31
C CYS B 553 -25.09 -8.85 -25.30
N GLU B 554 -24.77 -10.03 -24.77
CA GLU B 554 -24.44 -11.16 -25.62
C GLU B 554 -25.69 -11.71 -26.30
N ARG B 555 -25.52 -12.24 -27.51
CA ARG B 555 -26.68 -12.59 -28.31
C ARG B 555 -27.33 -13.89 -27.83
N THR B 556 -26.51 -14.88 -27.44
CA THR B 556 -27.00 -16.23 -27.20
C THR B 556 -26.18 -16.87 -26.09
N THR B 557 -26.44 -18.16 -25.86
CA THR B 557 -25.81 -18.92 -24.78
C THR B 557 -25.95 -18.21 -23.45
N GLU B 558 -27.12 -17.62 -23.23
CA GLU B 558 -27.33 -16.78 -22.07
C GLU B 558 -27.38 -17.60 -20.79
N GLY B 559 -27.16 -16.92 -19.67
CA GLY B 559 -27.21 -17.51 -18.36
C GLY B 559 -28.60 -17.65 -17.77
N CYS B 560 -29.62 -17.30 -18.54
CA CYS B 560 -31.00 -17.38 -18.08
C CYS B 560 -31.52 -18.81 -18.01
N LEU B 561 -30.78 -19.80 -18.49
CA LEU B 561 -31.28 -21.16 -18.60
C LEU B 561 -30.68 -22.04 -17.52
N ASN B 562 -31.53 -22.80 -16.84
CA ASN B 562 -31.11 -23.84 -15.93
C ASN B 562 -30.67 -25.05 -16.73
N PRO B 563 -30.11 -26.09 -16.10
CA PRO B 563 -29.66 -27.25 -16.88
C PRO B 563 -30.77 -27.95 -17.65
N ARG B 564 -32.03 -27.85 -17.20
CA ARG B 564 -33.13 -28.43 -17.96
C ARG B 564 -33.54 -27.58 -19.14
N ARG B 565 -32.78 -26.53 -19.46
CA ARG B 565 -32.97 -25.74 -20.68
C ARG B 565 -34.34 -25.08 -20.72
N VAL B 566 -34.66 -24.33 -19.67
CA VAL B 566 -35.85 -23.49 -19.63
C VAL B 566 -35.46 -22.11 -19.13
N GLU B 567 -36.06 -21.09 -19.71
CA GLU B 567 -35.70 -19.71 -19.38
C GLU B 567 -36.30 -19.31 -18.04
N CYS B 568 -35.43 -19.02 -17.07
CA CYS B 568 -35.82 -18.51 -15.76
C CYS B 568 -36.80 -19.44 -15.04
N SER B 569 -36.75 -20.74 -15.37
CA SER B 569 -37.66 -21.73 -14.81
C SER B 569 -39.13 -21.36 -15.03
N GLY B 570 -39.39 -20.57 -16.06
CA GLY B 570 -40.75 -20.13 -16.32
C GLY B 570 -41.28 -19.12 -15.34
N ARG B 571 -40.40 -18.42 -14.63
CA ARG B 571 -40.79 -17.48 -13.60
C ARG B 571 -40.23 -16.08 -13.87
N GLY B 572 -40.10 -15.72 -15.14
CA GLY B 572 -39.55 -14.44 -15.49
C GLY B 572 -39.21 -14.41 -16.97
N ARG B 573 -38.59 -13.31 -17.38
CA ARG B 573 -38.19 -13.13 -18.77
C ARG B 573 -36.71 -12.85 -18.84
N CYS B 574 -36.03 -13.51 -19.79
CA CYS B 574 -34.61 -13.25 -20.00
C CYS B 574 -34.44 -11.94 -20.76
N ARG B 575 -33.72 -11.00 -20.16
CA ARG B 575 -33.48 -9.70 -20.78
C ARG B 575 -32.00 -9.38 -20.60
N CYS B 576 -31.23 -9.52 -21.68
CA CYS B 576 -29.80 -9.26 -21.70
C CYS B 576 -29.07 -10.12 -20.67
N ASN B 577 -29.16 -11.43 -20.91
CA ASN B 577 -28.40 -12.46 -20.21
C ASN B 577 -28.74 -12.59 -18.74
N VAL B 578 -29.72 -11.82 -18.24
CA VAL B 578 -30.09 -11.85 -16.83
C VAL B 578 -31.59 -11.98 -16.72
N CYS B 579 -32.04 -12.89 -15.85
CA CYS B 579 -33.46 -13.13 -15.66
C CYS B 579 -34.08 -11.99 -14.86
N GLU B 580 -35.22 -11.49 -15.33
CA GLU B 580 -36.00 -10.50 -14.60
C GLU B 580 -37.16 -11.23 -13.94
N CYS B 581 -36.95 -11.66 -12.70
CA CYS B 581 -37.93 -12.45 -11.98
C CYS B 581 -39.13 -11.60 -11.61
N HIS B 582 -40.31 -12.19 -11.69
CA HIS B 582 -41.52 -11.53 -11.21
C HIS B 582 -41.90 -12.06 -9.83
N SER B 583 -42.81 -11.36 -9.17
CA SER B 583 -43.20 -11.64 -7.79
C SER B 583 -41.99 -11.65 -6.89
N GLY B 584 -41.91 -12.60 -5.96
CA GLY B 584 -40.86 -12.61 -4.97
C GLY B 584 -39.82 -13.69 -5.17
N TYR B 585 -39.37 -13.90 -6.40
CA TYR B 585 -38.40 -14.93 -6.72
C TYR B 585 -37.03 -14.32 -6.94
N GLN B 586 -35.99 -15.04 -6.50
CA GLN B 586 -34.65 -14.48 -6.39
C GLN B 586 -33.75 -14.91 -7.53
N LEU B 587 -32.76 -14.06 -7.82
CA LEU B 587 -31.78 -14.30 -8.87
C LEU B 587 -30.89 -15.48 -8.49
N PRO B 588 -30.19 -16.08 -9.48
CA PRO B 588 -30.08 -15.74 -10.90
C PRO B 588 -31.06 -16.45 -11.82
N LEU B 589 -31.66 -17.55 -11.36
CA LEU B 589 -32.53 -18.35 -12.20
C LEU B 589 -33.98 -18.32 -11.74
N CYS B 590 -34.34 -17.37 -10.87
CA CYS B 590 -35.70 -17.20 -10.39
C CYS B 590 -36.25 -18.44 -9.71
N GLN B 591 -35.39 -19.22 -9.05
CA GLN B 591 -35.81 -20.52 -8.55
C GLN B 591 -36.62 -20.41 -7.26
N GLU B 592 -36.03 -19.86 -6.21
CA GLU B 592 -36.61 -19.91 -4.87
C GLU B 592 -37.49 -18.70 -4.59
N CYS B 593 -38.51 -18.92 -3.76
CA CYS B 593 -39.43 -17.90 -3.28
C CYS B 593 -39.09 -17.82 -1.79
N PRO B 594 -38.16 -16.93 -1.40
CA PRO B 594 -37.56 -17.04 -0.06
C PRO B 594 -38.40 -16.50 1.10
N GLY B 595 -39.09 -15.39 0.88
CA GLY B 595 -39.88 -14.78 1.93
C GLY B 595 -41.30 -15.25 1.84
N CYS B 596 -41.46 -16.39 1.20
CA CYS B 596 -42.71 -16.75 0.56
C CYS B 596 -43.61 -17.44 1.57
N PRO B 597 -44.87 -17.05 1.69
CA PRO B 597 -45.77 -17.71 2.66
C PRO B 597 -45.87 -19.20 2.38
N SER B 598 -45.95 -19.98 3.45
CA SER B 598 -45.97 -21.43 3.35
C SER B 598 -47.18 -21.88 2.54
N PRO B 599 -46.99 -22.62 1.45
CA PRO B 599 -48.13 -23.06 0.64
C PRO B 599 -48.83 -24.29 1.19
N CYS B 600 -48.27 -24.94 2.20
CA CYS B 600 -48.81 -26.21 2.66
C CYS B 600 -50.18 -26.09 3.31
N GLY B 601 -50.63 -24.88 3.63
CA GLY B 601 -51.93 -24.73 4.24
C GLY B 601 -53.06 -25.18 3.34
N LYS B 602 -52.99 -24.82 2.06
CA LYS B 602 -54.08 -25.08 1.13
C LYS B 602 -53.93 -26.42 0.41
N TYR B 603 -52.71 -26.82 0.09
CA TYR B 603 -52.52 -27.96 -0.78
C TYR B 603 -52.83 -29.28 -0.11
N ILE B 604 -53.32 -29.26 1.13
CA ILE B 604 -53.85 -30.50 1.71
C ILE B 604 -55.14 -30.89 1.02
N SER B 605 -55.82 -29.92 0.40
CA SER B 605 -57.05 -30.20 -0.32
C SER B 605 -56.83 -31.16 -1.48
N CYS B 606 -55.68 -31.05 -2.15
CA CYS B 606 -55.31 -32.02 -3.17
C CYS B 606 -54.73 -33.29 -2.57
N ALA B 607 -53.99 -33.16 -1.47
CA ALA B 607 -53.32 -34.30 -0.86
C ALA B 607 -54.30 -35.32 -0.29
N GLU B 608 -55.45 -34.86 0.21
CA GLU B 608 -56.42 -35.78 0.77
C GLU B 608 -56.93 -36.76 -0.29
N CYS B 609 -57.21 -36.26 -1.48
CA CYS B 609 -57.77 -37.13 -2.53
C CYS B 609 -56.70 -37.87 -3.30
N LEU B 610 -55.47 -37.33 -3.35
CA LEU B 610 -54.47 -37.91 -4.24
C LEU B 610 -54.04 -39.31 -3.79
N LYS B 611 -53.71 -39.50 -2.51
CA LYS B 611 -53.22 -40.80 -2.06
C LYS B 611 -54.08 -41.41 -0.96
N PHE B 612 -55.36 -41.04 -0.87
CA PHE B 612 -56.28 -41.70 0.05
C PHE B 612 -57.59 -42.08 -0.64
N GLU B 613 -57.67 -41.95 -1.96
CA GLU B 613 -58.77 -42.44 -2.78
C GLU B 613 -60.09 -41.72 -2.44
N LYS B 614 -60.01 -40.58 -1.77
CA LYS B 614 -61.22 -39.79 -1.54
C LYS B 614 -61.66 -39.15 -2.84
N GLY B 615 -62.96 -39.22 -3.10
CA GLY B 615 -63.52 -38.79 -4.35
C GLY B 615 -63.76 -37.28 -4.43
N PRO B 616 -64.65 -36.88 -5.33
CA PRO B 616 -64.96 -35.46 -5.50
C PRO B 616 -65.71 -34.90 -4.30
N PHE B 617 -65.05 -34.00 -3.56
CA PHE B 617 -65.73 -33.13 -2.60
C PHE B 617 -65.15 -31.74 -2.77
N GLY B 618 -66.03 -30.77 -3.07
CA GLY B 618 -65.61 -29.51 -3.65
C GLY B 618 -65.70 -29.63 -5.16
N LYS B 619 -64.92 -30.55 -5.71
CA LYS B 619 -65.07 -31.04 -7.08
C LYS B 619 -64.15 -32.25 -7.22
N ASN B 620 -64.20 -32.88 -8.39
CA ASN B 620 -63.26 -33.95 -8.67
C ASN B 620 -61.85 -33.40 -8.79
N CYS B 621 -60.87 -34.23 -8.41
CA CYS B 621 -59.46 -33.82 -8.45
C CYS B 621 -58.95 -33.86 -9.89
N SER B 622 -59.59 -33.05 -10.72
CA SER B 622 -59.27 -32.87 -12.13
C SER B 622 -60.01 -31.62 -12.59
N ALA B 623 -59.31 -30.74 -13.29
CA ALA B 623 -59.71 -29.35 -13.57
C ALA B 623 -59.60 -28.53 -12.28
N ALA B 624 -59.32 -29.22 -11.18
CA ALA B 624 -58.77 -28.64 -9.96
C ALA B 624 -57.36 -29.18 -9.79
N CYS B 625 -56.71 -28.81 -8.70
CA CYS B 625 -55.28 -29.08 -8.51
C CYS B 625 -54.53 -28.59 -9.74
N PRO B 626 -54.42 -27.28 -9.94
CA PRO B 626 -53.75 -26.75 -11.14
C PRO B 626 -52.24 -26.87 -11.02
N GLY B 627 -51.67 -27.76 -11.85
CA GLY B 627 -50.24 -27.92 -11.89
C GLY B 627 -49.62 -28.69 -10.75
N LEU B 628 -50.40 -29.51 -10.05
CA LEU B 628 -49.91 -30.32 -8.95
C LEU B 628 -49.86 -31.78 -9.39
N GLN B 629 -48.70 -32.40 -9.26
CA GLN B 629 -48.52 -33.80 -9.61
C GLN B 629 -47.84 -34.53 -8.45
N LEU B 630 -47.81 -35.85 -8.55
CA LEU B 630 -47.40 -36.74 -7.47
C LEU B 630 -46.11 -37.44 -7.83
N SER B 631 -45.28 -37.72 -6.82
CA SER B 631 -44.03 -38.42 -6.99
C SER B 631 -44.02 -39.69 -6.15
N ASN B 632 -43.63 -40.80 -6.75
CA ASN B 632 -43.59 -42.07 -6.03
C ASN B 632 -42.52 -42.05 -4.95
N ASN B 633 -41.29 -41.67 -5.31
CA ASN B 633 -40.20 -41.58 -4.36
C ASN B 633 -40.27 -40.26 -3.60
N PRO B 634 -39.70 -40.22 -2.39
CA PRO B 634 -39.65 -38.95 -1.65
C PRO B 634 -38.90 -37.89 -2.44
N VAL B 635 -39.38 -36.66 -2.34
CA VAL B 635 -38.82 -35.53 -3.06
C VAL B 635 -38.38 -34.50 -2.03
N LYS B 636 -37.13 -34.06 -2.14
CA LYS B 636 -36.60 -33.07 -1.21
C LYS B 636 -37.32 -31.75 -1.39
N GLY B 637 -37.73 -31.13 -0.28
CA GLY B 637 -38.44 -29.87 -0.38
C GLY B 637 -39.06 -29.48 0.96
N ARG B 638 -40.17 -28.77 0.88
CA ARG B 638 -40.86 -28.27 2.06
C ARG B 638 -41.55 -29.42 2.78
N THR B 639 -40.93 -29.90 3.86
CA THR B 639 -41.58 -30.90 4.70
C THR B 639 -42.72 -30.22 5.46
N CYS B 640 -43.86 -30.91 5.54
CA CYS B 640 -45.06 -30.30 6.10
C CYS B 640 -45.89 -31.33 6.85
N LYS B 641 -46.73 -30.84 7.74
CA LYS B 641 -47.74 -31.66 8.41
C LYS B 641 -48.94 -30.76 8.70
N GLU B 642 -50.12 -31.20 8.28
CA GLU B 642 -51.33 -30.42 8.44
C GLU B 642 -52.47 -31.31 8.86
N ARG B 643 -53.51 -30.69 9.40
CA ARG B 643 -54.66 -31.43 9.89
C ARG B 643 -55.53 -31.87 8.72
N ASP B 644 -55.93 -33.14 8.73
CA ASP B 644 -56.81 -33.66 7.70
C ASP B 644 -58.16 -32.95 7.74
N SER B 645 -58.82 -32.92 6.58
CA SER B 645 -60.17 -32.38 6.53
C SER B 645 -61.14 -33.20 7.37
N GLU B 646 -60.76 -34.43 7.70
CA GLU B 646 -61.61 -35.30 8.53
C GLU B 646 -61.13 -35.39 9.97
N GLY B 647 -59.85 -35.17 10.23
CA GLY B 647 -59.39 -35.15 11.61
C GLY B 647 -58.00 -35.72 11.87
N CYS B 648 -57.47 -36.51 10.95
CA CYS B 648 -56.17 -37.15 11.18
C CYS B 648 -55.03 -36.19 10.82
N TRP B 649 -53.80 -36.70 10.91
CA TRP B 649 -52.59 -35.91 10.69
C TRP B 649 -51.88 -36.41 9.45
N VAL B 650 -51.92 -35.61 8.39
CA VAL B 650 -51.36 -35.98 7.09
C VAL B 650 -50.14 -35.09 6.81
N ALA B 651 -49.00 -35.72 6.54
CA ALA B 651 -47.73 -35.02 6.36
C ALA B 651 -47.18 -35.31 4.97
N TYR B 652 -46.87 -34.26 4.22
CA TYR B 652 -46.40 -34.39 2.85
C TYR B 652 -45.25 -33.43 2.59
N THR B 653 -44.38 -33.83 1.67
CA THR B 653 -43.25 -33.01 1.23
C THR B 653 -43.55 -32.49 -0.16
N LEU B 654 -43.47 -31.18 -0.33
CA LEU B 654 -43.98 -30.51 -1.52
C LEU B 654 -42.83 -29.86 -2.29
N GLU B 655 -42.22 -30.63 -3.19
CA GLU B 655 -41.17 -30.12 -4.07
C GLU B 655 -41.77 -29.22 -5.14
N GLN B 656 -41.00 -28.22 -5.57
CA GLN B 656 -41.46 -27.27 -6.56
C GLN B 656 -40.76 -27.49 -7.89
N GLN B 657 -41.53 -27.65 -8.95
CA GLN B 657 -41.02 -27.69 -10.31
C GLN B 657 -41.24 -26.34 -10.99
N ASP B 658 -40.87 -26.27 -12.25
CA ASP B 658 -40.94 -25.02 -13.00
C ASP B 658 -42.39 -24.68 -13.33
N GLY B 659 -42.59 -23.44 -13.77
CA GLY B 659 -43.89 -22.97 -14.18
C GLY B 659 -44.49 -22.02 -13.15
N MET B 660 -45.77 -21.73 -13.35
CA MET B 660 -46.53 -20.87 -12.45
C MET B 660 -47.44 -21.74 -11.57
N ASP B 661 -47.20 -21.69 -10.26
CA ASP B 661 -48.00 -22.44 -9.29
C ASP B 661 -48.03 -23.93 -9.60
N ARG B 662 -46.91 -24.44 -10.10
CA ARG B 662 -46.76 -25.85 -10.44
C ARG B 662 -45.79 -26.51 -9.47
N TYR B 663 -46.21 -27.62 -8.88
CA TYR B 663 -45.42 -28.28 -7.85
C TYR B 663 -45.40 -29.76 -8.10
N LEU B 664 -44.64 -30.46 -7.26
CA LEU B 664 -44.57 -31.91 -7.26
C LEU B 664 -44.72 -32.36 -5.81
N ILE B 665 -45.63 -33.28 -5.57
CA ILE B 665 -46.04 -33.58 -4.21
C ILE B 665 -45.68 -35.01 -3.88
N TYR B 666 -45.46 -35.27 -2.60
CA TYR B 666 -45.28 -36.63 -2.10
C TYR B 666 -45.96 -36.69 -0.74
N VAL B 667 -47.06 -37.43 -0.66
CA VAL B 667 -47.89 -37.49 0.54
C VAL B 667 -47.61 -38.81 1.24
N ASP B 668 -47.32 -38.74 2.54
CA ASP B 668 -47.08 -39.95 3.30
C ASP B 668 -48.38 -40.71 3.53
N GLU B 669 -48.25 -42.02 3.74
CA GLU B 669 -49.39 -42.89 3.93
C GLU B 669 -49.69 -43.20 5.39
N SER B 670 -48.73 -43.02 6.28
CA SER B 670 -48.96 -43.23 7.71
C SER B 670 -49.53 -41.96 8.33
N ARG B 671 -50.59 -42.11 9.13
CA ARG B 671 -51.30 -40.99 9.71
C ARG B 671 -51.49 -41.20 11.21
N GLU B 672 -51.24 -40.15 11.98
CA GLU B 672 -51.56 -40.14 13.40
C GLU B 672 -52.99 -39.66 13.56
N CYS B 673 -53.84 -40.47 14.18
CA CYS B 673 -55.27 -40.22 14.23
C CYS B 673 -55.76 -40.17 15.67
N VAL B 674 -56.89 -39.49 15.84
CA VAL B 674 -57.49 -39.35 17.16
C VAL B 674 -58.15 -40.65 17.60
N ASP C 8 -11.41 -30.86 47.05
CA ASP C 8 -11.47 -29.42 47.26
C ASP C 8 -11.38 -28.67 45.94
N GLY C 9 -12.50 -28.11 45.50
CA GLY C 9 -12.53 -27.36 44.27
C GLY C 9 -12.46 -25.86 44.48
N LEU C 10 -12.59 -25.43 45.74
CA LEU C 10 -12.58 -24.00 46.04
C LEU C 10 -11.23 -23.37 45.78
N ARG C 11 -10.15 -24.15 45.81
CA ARG C 11 -8.83 -23.61 45.52
C ARG C 11 -8.78 -23.00 44.12
N LYS C 12 -9.42 -23.65 43.15
CA LYS C 12 -9.41 -23.15 41.79
C LYS C 12 -10.14 -21.82 41.67
N MET C 13 -11.28 -21.68 42.34
CA MET C 13 -12.03 -20.43 42.20
C MET C 13 -11.36 -19.30 42.97
N LEU C 14 -10.75 -19.60 44.12
CA LEU C 14 -9.97 -18.58 44.80
C LEU C 14 -8.79 -18.13 43.94
N ALA C 15 -8.12 -19.08 43.29
CA ALA C 15 -7.02 -18.73 42.39
C ALA C 15 -7.52 -17.90 41.21
N ASP C 16 -8.68 -18.25 40.66
CA ASP C 16 -9.23 -17.50 39.54
C ASP C 16 -9.54 -16.06 39.95
N LEU C 17 -10.16 -15.88 41.12
CA LEU C 17 -10.43 -14.53 41.61
C LEU C 17 -9.15 -13.76 41.85
N GLN C 18 -8.14 -14.43 42.41
CA GLN C 18 -6.86 -13.76 42.66
C GLN C 18 -6.21 -13.32 41.35
N ALA C 19 -6.30 -14.15 40.31
CA ALA C 19 -5.69 -13.81 39.04
C ALA C 19 -6.45 -12.69 38.34
N GLY C 20 -7.79 -12.73 38.40
CA GLY C 20 -8.57 -11.75 37.65
C GLY C 20 -8.41 -10.33 38.16
N TRP C 21 -8.37 -10.15 39.47
CA TRP C 21 -8.28 -8.83 40.06
C TRP C 21 -6.87 -8.28 40.12
N ASN C 22 -5.87 -9.04 39.70
CA ASN C 22 -4.46 -8.72 39.92
C ASN C 22 -4.21 -8.50 41.41
N ALA C 23 -4.74 -9.43 42.22
CA ALA C 23 -4.64 -9.36 43.66
C ALA C 23 -3.44 -10.12 44.16
N SER C 24 -2.73 -9.54 45.13
CA SER C 24 -1.59 -10.22 45.72
C SER C 24 -2.04 -11.40 46.56
N SER C 25 -3.15 -11.25 47.28
CA SER C 25 -3.75 -12.33 48.05
C SER C 25 -5.21 -12.00 48.30
N VAL C 26 -5.98 -13.03 48.60
CA VAL C 26 -7.42 -12.90 48.81
C VAL C 26 -7.74 -13.40 50.21
N ILE C 27 -8.54 -12.62 50.94
CA ILE C 27 -8.86 -12.95 52.32
C ILE C 27 -10.00 -13.96 52.38
N GLY C 28 -11.17 -13.58 51.88
CA GLY C 28 -12.22 -14.56 51.79
C GLY C 28 -12.85 -14.98 53.09
N VAL C 29 -13.62 -14.08 53.69
CA VAL C 29 -14.48 -14.46 54.82
C VAL C 29 -15.43 -15.57 54.36
N GLN C 30 -15.63 -16.55 55.22
CA GLN C 30 -16.56 -17.62 54.92
C GLN C 30 -17.49 -17.82 56.10
N THR C 31 -18.72 -18.23 55.79
CA THR C 31 -19.78 -18.39 56.78
C THR C 31 -20.31 -19.81 56.74
N THR C 32 -20.37 -20.45 57.89
CA THR C 32 -20.73 -21.85 58.00
C THR C 32 -21.93 -21.98 58.92
N GLU C 33 -23.10 -22.21 58.32
CA GLU C 33 -24.29 -22.50 59.11
C GLU C 33 -24.16 -23.87 59.77
N ILE C 34 -24.75 -24.01 60.96
CA ILE C 34 -24.64 -25.25 61.69
C ILE C 34 -25.15 -26.39 60.83
N SER C 35 -24.42 -27.51 60.87
CA SER C 35 -24.82 -28.67 60.08
C SER C 35 -26.12 -29.24 60.62
N LYS C 36 -26.96 -29.75 59.72
CA LYS C 36 -28.21 -30.34 60.16
C LYS C 36 -27.97 -31.53 61.09
N SER C 37 -26.85 -32.21 60.92
CA SER C 37 -26.50 -33.30 61.85
C SER C 37 -26.27 -32.77 63.26
N ALA C 38 -25.55 -31.65 63.39
CA ALA C 38 -25.24 -31.11 64.70
C ALA C 38 -26.50 -30.63 65.42
N LEU C 39 -27.36 -29.90 64.70
CA LEU C 39 -28.61 -29.46 65.31
C LEU C 39 -29.51 -30.64 65.64
N GLU C 40 -29.54 -31.65 64.78
CA GLU C 40 -30.27 -32.86 65.09
C GLU C 40 -29.77 -33.46 66.40
N LEU C 41 -28.45 -33.64 66.52
CA LEU C 41 -27.89 -34.23 67.74
C LEU C 41 -28.21 -33.37 68.96
N ALA C 42 -28.19 -32.05 68.80
CA ALA C 42 -28.63 -31.16 69.87
C ALA C 42 -30.09 -31.41 70.25
N ALA C 43 -30.91 -31.82 69.27
CA ALA C 43 -32.30 -32.13 69.58
C ALA C 43 -32.43 -33.47 70.30
N ILE C 44 -31.70 -34.51 69.86
CA ILE C 44 -31.75 -35.78 70.57
C ILE C 44 -31.27 -35.62 72.01
N THR C 45 -30.13 -34.94 72.21
CA THR C 45 -29.61 -34.82 73.56
C THR C 45 -30.52 -33.99 74.44
N GLY C 46 -31.23 -33.03 73.86
CA GLY C 46 -32.06 -32.11 74.59
C GLY C 46 -31.42 -30.76 74.83
N ASN C 47 -30.10 -30.66 74.70
CA ASN C 47 -29.39 -29.39 74.91
C ASN C 47 -29.14 -28.71 73.56
N ALA C 48 -30.22 -28.17 73.01
CA ALA C 48 -30.14 -27.36 71.80
C ALA C 48 -30.11 -25.87 72.12
N ASP C 49 -30.12 -25.50 73.39
CA ASP C 49 -30.32 -24.10 73.76
C ASP C 49 -29.04 -23.29 73.56
N ASN C 50 -27.97 -23.64 74.26
CA ASN C 50 -26.75 -22.85 74.25
C ASN C 50 -26.01 -22.89 72.92
N LEU C 51 -26.40 -23.78 72.01
CA LEU C 51 -25.75 -23.88 70.70
C LEU C 51 -25.86 -22.57 69.94
N LYS C 52 -24.95 -22.38 69.00
CA LYS C 52 -24.99 -21.27 68.08
C LYS C 52 -25.08 -21.82 66.66
N SER C 53 -25.89 -21.15 65.82
CA SER C 53 -26.23 -21.70 64.52
C SER C 53 -25.28 -21.29 63.40
N VAL C 54 -24.70 -20.10 63.47
CA VAL C 54 -23.84 -19.59 62.40
C VAL C 54 -22.47 -19.28 62.97
N ASP C 55 -21.42 -19.75 62.31
CA ASP C 55 -20.05 -19.49 62.72
C ASP C 55 -19.28 -18.91 61.55
N VAL C 56 -18.37 -17.99 61.83
CA VAL C 56 -17.64 -17.24 60.82
C VAL C 56 -16.15 -17.43 61.03
N PHE C 57 -15.45 -17.80 59.95
CA PHE C 57 -14.00 -17.97 59.94
C PHE C 57 -13.40 -17.09 58.86
N VAL C 58 -12.18 -16.62 59.09
CA VAL C 58 -11.46 -15.80 58.13
C VAL C 58 -10.02 -16.31 58.03
N ASP C 59 -9.52 -16.43 56.80
CA ASP C 59 -8.17 -16.92 56.54
C ASP C 59 -7.53 -16.07 55.45
N ARG C 60 -6.25 -16.28 55.23
CA ARG C 60 -5.55 -15.75 54.07
C ARG C 60 -5.37 -16.88 53.07
N PHE C 61 -5.46 -16.57 51.78
CA PHE C 61 -5.37 -17.59 50.73
C PHE C 61 -4.56 -17.04 49.59
N VAL C 62 -3.33 -17.52 49.43
CA VAL C 62 -2.51 -17.20 48.28
C VAL C 62 -2.52 -18.41 47.36
N GLN C 63 -3.12 -18.23 46.18
CA GLN C 63 -3.22 -19.28 45.16
C GLN C 63 -3.85 -20.56 45.69
N GLY C 64 -4.72 -20.47 46.70
CA GLY C 64 -5.46 -21.61 47.19
C GLY C 64 -4.97 -22.23 48.48
N GLU C 65 -4.07 -21.57 49.22
CA GLU C 65 -3.57 -22.08 50.48
C GLU C 65 -3.37 -20.93 51.47
N ARG C 66 -3.44 -21.27 52.75
CA ARG C 66 -3.13 -20.33 53.81
C ARG C 66 -1.69 -20.50 54.26
N VAL C 72 -6.44 -9.57 60.06
CA VAL C 72 -7.90 -9.59 60.11
C VAL C 72 -8.43 -9.95 61.50
N VAL C 73 -9.15 -9.01 62.10
CA VAL C 73 -9.83 -9.22 63.37
C VAL C 73 -11.28 -8.84 63.17
N LEU C 74 -12.19 -9.74 63.55
CA LEU C 74 -13.61 -9.54 63.30
C LEU C 74 -14.40 -9.79 64.58
N ASP C 75 -15.47 -9.02 64.75
CA ASP C 75 -16.43 -9.23 65.83
C ASP C 75 -17.82 -9.36 65.22
N VAL C 76 -18.37 -10.57 65.29
CA VAL C 76 -19.73 -10.79 64.79
C VAL C 76 -20.75 -10.05 65.63
N ALA C 77 -20.51 -9.97 66.95
CA ALA C 77 -21.46 -9.33 67.84
C ALA C 77 -21.51 -7.82 67.69
N ALA C 78 -20.60 -7.21 66.93
CA ALA C 78 -20.57 -5.78 66.79
C ALA C 78 -20.47 -5.27 65.35
N GLY C 79 -20.44 -6.18 64.38
CA GLY C 79 -20.40 -5.77 62.99
C GLY C 79 -19.15 -5.04 62.57
N GLY C 80 -17.98 -5.56 62.93
CA GLY C 80 -16.73 -4.92 62.55
C GLY C 80 -15.71 -5.87 61.98
N ILE C 81 -15.28 -5.64 60.74
CA ILE C 81 -14.24 -6.43 60.11
C ILE C 81 -13.00 -5.56 60.05
N ASP C 82 -11.98 -5.91 60.83
CA ASP C 82 -10.78 -5.09 60.97
C ASP C 82 -9.61 -5.88 60.40
N ILE C 83 -9.19 -5.54 59.18
CA ILE C 83 -8.05 -6.18 58.53
C ILE C 83 -6.91 -5.17 58.47
N ALA C 84 -5.71 -5.64 58.78
CA ALA C 84 -4.52 -4.81 58.68
C ALA C 84 -3.83 -5.07 57.35
N SER C 85 -3.25 -4.01 56.78
CA SER C 85 -2.63 -4.12 55.47
C SER C 85 -1.50 -3.11 55.37
N ARG C 86 -0.57 -3.38 54.47
CA ARG C 86 0.63 -2.59 54.30
C ARG C 86 0.65 -1.90 52.95
N LYS C 87 1.36 -0.78 52.87
CA LYS C 87 1.45 -0.03 51.62
C LYS C 87 2.13 -0.88 50.56
N GLY C 88 1.65 -0.75 49.31
CA GLY C 88 2.12 -1.54 48.21
C GLY C 88 1.39 -2.86 48.05
N GLU C 89 0.89 -3.42 49.14
CA GLU C 89 0.06 -4.61 49.07
C GLU C 89 -1.22 -4.30 48.30
N ARG C 90 -1.70 -5.29 47.54
CA ARG C 90 -2.89 -5.15 46.71
C ARG C 90 -3.80 -6.34 46.93
N PRO C 91 -4.45 -6.43 48.09
CA PRO C 91 -5.24 -7.61 48.42
C PRO C 91 -6.72 -7.47 48.03
N ALA C 92 -7.45 -8.58 48.20
CA ALA C 92 -8.86 -8.67 47.88
C ALA C 92 -9.61 -9.30 49.05
N LEU C 93 -10.76 -8.72 49.39
CA LEU C 93 -11.63 -9.20 50.45
C LEU C 93 -12.94 -9.67 49.83
N THR C 94 -13.19 -10.96 49.87
CA THR C 94 -14.38 -11.54 49.28
C THR C 94 -15.15 -12.33 50.32
N PHE C 95 -16.38 -12.69 49.97
CA PHE C 95 -17.23 -13.51 50.84
C PHE C 95 -17.56 -14.79 50.08
N ILE C 96 -16.92 -15.88 50.50
CA ILE C 96 -17.06 -17.15 49.80
C ILE C 96 -18.49 -17.66 49.91
N THR C 97 -19.09 -17.55 51.09
CA THR C 97 -20.44 -17.97 51.41
C THR C 97 -21.18 -16.77 51.97
N PRO C 98 -22.49 -16.66 51.75
CA PRO C 98 -23.24 -15.47 52.20
C PRO C 98 -22.95 -15.10 53.65
N LEU C 99 -22.60 -13.83 53.85
CA LEU C 99 -22.33 -13.31 55.18
C LEU C 99 -23.64 -13.12 55.94
N ALA C 100 -23.67 -13.60 57.18
CA ALA C 100 -24.88 -13.53 57.98
C ALA C 100 -25.10 -12.09 58.49
N ALA C 101 -26.10 -11.94 59.35
CA ALA C 101 -26.44 -10.63 59.89
C ALA C 101 -25.57 -10.29 61.09
N PRO C 102 -25.45 -8.99 61.42
CA PRO C 102 -24.68 -8.60 62.60
C PRO C 102 -25.35 -9.00 63.91
N GLY C 103 -24.77 -8.57 65.02
CA GLY C 103 -25.38 -8.81 66.30
C GLY C 103 -25.20 -10.23 66.79
N GLU C 104 -25.67 -10.47 67.99
CA GLU C 104 -25.53 -11.77 68.64
C GLU C 104 -26.83 -12.55 68.61
N GLU C 105 -26.71 -13.87 68.50
CA GLU C 105 -27.86 -14.75 68.50
C GLU C 105 -28.11 -15.27 69.90
N GLN C 106 -29.39 -15.32 70.28
CA GLN C 106 -29.77 -15.86 71.57
C GLN C 106 -30.96 -16.79 71.39
N ARG C 107 -31.05 -17.78 72.26
CA ARG C 107 -32.01 -18.86 72.13
C ARG C 107 -32.65 -19.10 73.48
N ARG C 108 -33.91 -19.53 73.47
CA ARG C 108 -34.54 -19.94 74.73
C ARG C 108 -35.42 -21.16 74.46
N ARG C 109 -36.15 -21.57 75.47
CA ARG C 109 -37.00 -22.75 75.39
C ARG C 109 -38.29 -22.50 76.16
N THR C 110 -39.42 -22.65 75.48
CA THR C 110 -40.73 -22.28 75.99
C THR C 110 -41.61 -23.52 76.07
N LYS C 111 -42.44 -23.60 77.10
CA LYS C 111 -43.17 -24.84 77.41
C LYS C 111 -44.15 -25.22 76.31
N THR C 112 -44.81 -24.24 75.70
CA THR C 112 -45.83 -24.37 74.65
C THR C 112 -46.83 -25.51 74.87
N GLY C 113 -47.25 -25.71 76.12
CA GLY C 113 -48.42 -26.52 76.40
C GLY C 113 -48.28 -27.97 75.95
N LYS C 114 -49.31 -28.44 75.23
CA LYS C 114 -49.30 -29.83 74.76
C LYS C 114 -48.12 -30.07 73.83
N SER C 115 -47.88 -29.16 72.88
CA SER C 115 -46.64 -29.20 72.14
C SER C 115 -45.48 -29.04 73.12
N GLU C 116 -44.42 -29.81 72.91
CA GLU C 116 -43.39 -29.97 73.93
C GLU C 116 -42.20 -29.10 73.55
N PHE C 117 -42.12 -27.90 74.10
CA PHE C 117 -40.89 -27.11 74.17
C PHE C 117 -40.34 -26.83 72.77
N THR C 118 -41.11 -26.02 72.03
CA THR C 118 -40.88 -25.77 70.62
C THR C 118 -40.02 -24.55 70.32
N THR C 119 -40.47 -23.36 70.71
CA THR C 119 -40.00 -22.12 70.07
C THR C 119 -38.65 -21.69 70.63
N PHE C 120 -37.71 -21.35 69.73
CA PHE C 120 -36.32 -21.19 70.14
C PHE C 120 -35.58 -19.92 69.71
N VAL C 121 -35.74 -19.44 68.49
CA VAL C 121 -34.79 -18.50 67.90
C VAL C 121 -35.17 -17.07 68.23
N GLU C 122 -34.16 -16.23 68.39
CA GLU C 122 -34.30 -14.78 68.39
C GLU C 122 -32.92 -14.17 68.24
N ILE C 123 -32.89 -12.92 67.80
CA ILE C 123 -31.65 -12.17 67.59
C ILE C 123 -31.78 -10.84 68.29
N VAL C 124 -30.74 -10.45 69.04
CA VAL C 124 -30.80 -9.22 69.81
C VAL C 124 -30.96 -8.01 68.90
N GLY C 125 -30.10 -7.91 67.88
CA GLY C 125 -30.24 -6.85 66.89
C GLY C 125 -30.10 -5.44 67.43
N LYS C 126 -29.13 -5.21 68.31
CA LYS C 126 -28.87 -3.85 68.77
C LYS C 126 -28.33 -2.97 67.65
N GLN C 127 -27.68 -3.56 66.66
CA GLN C 127 -27.13 -2.83 65.53
C GLN C 127 -27.61 -3.48 64.24
N ASP C 128 -27.77 -2.66 63.21
CA ASP C 128 -28.20 -3.10 61.90
C ASP C 128 -27.15 -2.75 60.84
N ARG C 129 -25.90 -3.02 61.13
CA ARG C 129 -24.82 -2.59 60.24
C ARG C 129 -23.66 -3.57 60.31
N TRP C 130 -22.96 -3.70 59.19
CA TRP C 130 -21.65 -4.34 59.13
C TRP C 130 -20.62 -3.28 58.78
N ARG C 131 -19.56 -3.20 59.57
CA ARG C 131 -18.50 -2.22 59.34
C ARG C 131 -17.21 -2.92 58.97
N ILE C 132 -16.60 -2.48 57.88
CA ILE C 132 -15.37 -3.08 57.37
C ILE C 132 -14.31 -1.98 57.31
N ARG C 133 -13.23 -2.16 58.05
CA ARG C 133 -12.07 -1.29 57.99
C ARG C 133 -10.92 -2.06 57.38
N ASP C 134 -10.34 -1.52 56.30
CA ASP C 134 -9.37 -2.25 55.51
C ASP C 134 -7.92 -1.94 55.86
N GLY C 135 -7.64 -0.79 56.46
CA GLY C 135 -6.28 -0.47 56.83
C GLY C 135 -5.58 0.46 55.86
N ALA C 136 -4.39 0.07 55.40
CA ALA C 136 -3.56 0.90 54.52
C ALA C 136 -2.98 0.03 53.40
N ALA C 137 -3.73 -0.10 52.30
CA ALA C 137 -3.28 -0.80 51.11
C ALA C 137 -4.34 -0.60 50.03
N ASP C 138 -4.05 -1.10 48.83
CA ASP C 138 -4.99 -1.01 47.71
C ASP C 138 -5.95 -2.18 47.80
N THR C 139 -7.00 -2.00 48.59
CA THR C 139 -7.90 -3.07 48.95
C THR C 139 -9.07 -3.17 47.98
N THR C 140 -9.45 -4.40 47.66
CA THR C 140 -10.64 -4.69 46.87
C THR C 140 -11.64 -5.39 47.77
N ILE C 141 -12.84 -4.82 47.89
CA ILE C 141 -13.91 -5.40 48.69
C ILE C 141 -15.03 -5.81 47.73
N ASP C 142 -15.40 -7.08 47.77
CA ASP C 142 -16.45 -7.61 46.92
C ASP C 142 -17.72 -7.74 47.76
N LEU C 143 -18.59 -6.73 47.67
CA LEU C 143 -19.76 -6.66 48.52
C LEU C 143 -20.92 -7.51 48.04
N ALA C 144 -20.70 -8.42 47.09
CA ALA C 144 -21.70 -9.40 46.77
C ALA C 144 -21.74 -10.48 47.86
N LYS C 145 -22.77 -11.32 47.81
CA LYS C 145 -22.95 -12.40 48.76
C LYS C 145 -23.00 -11.89 50.20
N VAL C 146 -23.66 -10.75 50.39
CA VAL C 146 -23.91 -10.16 51.70
C VAL C 146 -25.41 -10.05 51.89
N VAL C 147 -25.89 -10.48 53.05
CA VAL C 147 -27.32 -10.42 53.34
C VAL C 147 -27.76 -8.96 53.45
N SER C 148 -28.84 -8.61 52.75
CA SER C 148 -29.36 -7.26 52.75
C SER C 148 -30.71 -7.12 53.44
N GLN C 149 -31.33 -8.23 53.86
CA GLN C 149 -32.61 -8.19 54.55
C GLN C 149 -32.68 -9.28 55.60
N LEU C 150 -33.27 -8.95 56.74
CA LEU C 150 -33.53 -9.91 57.80
C LEU C 150 -35.03 -9.95 58.06
N VAL C 151 -35.56 -11.15 58.25
CA VAL C 151 -36.97 -11.37 58.46
C VAL C 151 -37.15 -12.45 59.51
N ASP C 152 -38.37 -12.57 60.00
CA ASP C 152 -38.74 -13.56 61.00
C ASP C 152 -39.40 -14.74 60.31
N ALA C 153 -39.87 -15.71 61.10
CA ALA C 153 -40.61 -16.83 60.54
C ALA C 153 -41.93 -16.38 59.91
N ASN C 154 -42.45 -15.22 60.32
CA ASN C 154 -43.67 -14.68 59.74
C ASN C 154 -43.45 -14.01 58.39
N GLY C 155 -42.20 -13.75 58.02
CA GLY C 155 -41.91 -13.14 56.74
C GLY C 155 -41.97 -11.64 56.70
N VAL C 156 -41.85 -10.96 57.83
CA VAL C 156 -41.92 -9.50 57.89
C VAL C 156 -40.51 -8.93 57.92
N LEU C 157 -40.33 -7.78 57.28
CA LEU C 157 -39.03 -7.13 57.19
C LEU C 157 -38.75 -6.32 58.44
N LYS C 158 -37.78 -6.78 59.25
CA LYS C 158 -37.40 -6.06 60.46
C LYS C 158 -36.44 -4.92 60.13
N HIS C 159 -35.27 -5.25 59.61
CA HIS C 159 -34.23 -4.28 59.34
C HIS C 159 -33.73 -4.43 57.91
N SER C 160 -33.12 -3.37 57.41
CA SER C 160 -32.36 -3.41 56.17
C SER C 160 -30.88 -3.34 56.57
N ILE C 161 -30.22 -4.50 56.57
CA ILE C 161 -28.81 -4.55 56.96
C ILE C 161 -27.99 -3.74 55.97
N LYS C 162 -27.27 -2.74 56.47
CA LYS C 162 -26.52 -1.83 55.63
C LYS C 162 -25.03 -1.97 55.89
N LEU C 163 -24.24 -1.73 54.84
CA LEU C 163 -22.80 -1.96 54.86
C LEU C 163 -22.08 -0.61 54.90
N ASP C 164 -21.14 -0.48 55.81
CA ASP C 164 -20.30 0.70 55.94
C ASP C 164 -18.84 0.28 55.87
N VAL C 165 -18.08 0.89 54.96
CA VAL C 165 -16.70 0.50 54.71
C VAL C 165 -15.83 1.74 54.67
N ILE C 166 -14.60 1.62 55.18
CA ILE C 166 -13.64 2.71 55.26
C ILE C 166 -12.40 2.30 54.49
N GLY C 167 -11.76 3.28 53.84
CA GLY C 167 -10.72 3.00 52.87
C GLY C 167 -9.27 3.12 53.32
N GLY C 168 -8.95 4.12 54.11
CA GLY C 168 -7.57 4.25 54.57
C GLY C 168 -6.71 5.20 53.77
N ASP C 169 -5.68 4.68 53.08
CA ASP C 169 -4.65 5.51 52.48
C ASP C 169 -4.54 5.38 50.97
N GLY C 170 -4.57 4.17 50.42
CA GLY C 170 -4.28 3.93 49.02
C GLY C 170 -5.52 3.91 48.15
N ASP C 171 -5.33 3.44 46.92
CA ASP C 171 -6.40 3.36 45.94
C ASP C 171 -7.26 2.14 46.25
N ASP C 172 -8.52 2.36 46.60
CA ASP C 172 -9.41 1.32 47.10
C ASP C 172 -10.58 1.15 46.13
N VAL C 173 -10.97 -0.10 45.90
CA VAL C 173 -12.05 -0.43 44.98
C VAL C 173 -13.07 -1.28 45.70
N VAL C 174 -14.34 -0.92 45.59
CA VAL C 174 -15.44 -1.67 46.17
C VAL C 174 -16.44 -1.99 45.06
N LEU C 175 -16.89 -3.24 45.03
CA LEU C 175 -17.89 -3.68 44.06
C LEU C 175 -19.23 -3.77 44.77
N ALA C 176 -20.18 -2.94 44.35
CA ALA C 176 -21.39 -2.71 45.13
C ALA C 176 -22.40 -3.84 44.93
N ASN C 177 -23.57 -3.67 45.53
CA ASN C 177 -24.63 -4.66 45.53
C ASN C 177 -25.96 -3.97 45.82
N ALA C 178 -26.97 -4.73 46.19
CA ALA C 178 -28.30 -4.21 46.47
C ALA C 178 -28.41 -3.56 47.85
N SER C 179 -27.39 -3.67 48.70
CA SER C 179 -27.46 -3.13 50.05
C SER C 179 -27.18 -1.63 50.05
N ARG C 180 -27.63 -0.97 51.11
CA ARG C 180 -27.38 0.46 51.27
C ARG C 180 -25.94 0.67 51.71
N ILE C 181 -25.14 1.29 50.86
CA ILE C 181 -23.70 1.34 51.01
C ILE C 181 -23.28 2.75 51.38
N HIS C 182 -22.55 2.88 52.48
CA HIS C 182 -21.88 4.12 52.84
C HIS C 182 -20.39 3.87 52.74
N TYR C 183 -19.78 4.31 51.64
CA TYR C 183 -18.39 4.01 51.32
C TYR C 183 -17.54 5.24 51.56
N ASP C 184 -16.63 5.14 52.52
CA ASP C 184 -15.68 6.20 52.83
C ASP C 184 -14.34 5.82 52.21
N GLY C 185 -13.97 6.49 51.13
CA GLY C 185 -12.76 6.13 50.41
C GLY C 185 -11.48 6.53 51.10
N GLY C 186 -11.53 7.53 51.98
CA GLY C 186 -10.30 8.00 52.59
C GLY C 186 -9.43 8.71 51.57
N ALA C 187 -8.12 8.58 51.76
CA ALA C 187 -7.17 9.18 50.84
C ALA C 187 -6.98 8.28 49.61
N GLY C 188 -6.40 8.87 48.56
CA GLY C 188 -6.14 8.16 47.33
C GLY C 188 -7.30 8.19 46.36
N THR C 189 -7.00 7.78 45.13
CA THR C 189 -8.02 7.69 44.08
C THR C 189 -8.82 6.42 44.28
N ASN C 190 -10.13 6.55 44.47
CA ASN C 190 -10.99 5.45 44.87
C ASN C 190 -12.04 5.18 43.80
N THR C 191 -12.57 3.97 43.81
CA THR C 191 -13.49 3.53 42.77
C THR C 191 -14.64 2.75 43.38
N VAL C 192 -15.84 2.99 42.87
CA VAL C 192 -17.02 2.18 43.15
C VAL C 192 -17.55 1.65 41.82
N SER C 193 -17.82 0.35 41.78
CA SER C 193 -18.23 -0.33 40.55
C SER C 193 -19.61 -0.93 40.74
N TYR C 194 -20.58 -0.44 39.97
CA TYR C 194 -21.93 -0.99 39.94
C TYR C 194 -22.12 -1.98 38.79
N ALA C 195 -21.05 -2.65 38.38
CA ALA C 195 -21.11 -3.51 37.19
C ALA C 195 -21.89 -4.80 37.43
N ALA C 196 -22.26 -5.11 38.66
CA ALA C 196 -23.09 -6.27 38.93
C ALA C 196 -24.56 -6.03 38.61
N LEU C 197 -24.96 -4.77 38.42
CA LEU C 197 -26.34 -4.47 38.10
C LEU C 197 -26.69 -4.95 36.69
N GLY C 198 -27.92 -5.43 36.53
CA GLY C 198 -28.36 -5.99 35.27
C GLY C 198 -28.83 -4.92 34.29
N ARG C 199 -29.36 -5.40 33.17
CA ARG C 199 -29.85 -4.49 32.13
C ARG C 199 -31.12 -3.77 32.56
N GLN C 200 -31.97 -4.43 33.35
CA GLN C 200 -33.22 -3.82 33.80
C GLN C 200 -33.01 -2.82 34.92
N ASP C 201 -31.82 -2.74 35.49
CA ASP C 201 -31.54 -1.85 36.60
C ASP C 201 -30.94 -0.53 36.10
N SER C 202 -30.85 0.44 36.99
CA SER C 202 -30.31 1.73 36.64
C SER C 202 -29.80 2.42 37.90
N ILE C 203 -28.90 3.38 37.71
CA ILE C 203 -28.43 4.23 38.79
C ILE C 203 -28.56 5.68 38.36
N THR C 204 -28.71 6.57 39.33
CA THR C 204 -28.81 8.00 39.10
C THR C 204 -27.95 8.70 40.14
N VAL C 205 -26.77 9.16 39.73
CA VAL C 205 -25.78 9.72 40.64
C VAL C 205 -25.85 11.23 40.56
N SER C 206 -26.00 11.87 41.73
CA SER C 206 -26.08 13.32 41.83
C SER C 206 -25.05 13.81 42.82
N ALA C 207 -24.52 15.01 42.58
CA ALA C 207 -23.43 15.57 43.35
C ALA C 207 -23.95 16.60 44.33
N ASP C 208 -23.52 16.51 45.58
CA ASP C 208 -23.88 17.48 46.61
C ASP C 208 -22.60 18.12 47.12
N GLY C 209 -21.71 18.51 46.21
CA GLY C 209 -20.42 19.05 46.58
C GLY C 209 -19.32 18.02 46.44
N GLU C 210 -18.84 17.51 47.56
CA GLU C 210 -17.87 16.42 47.57
C GLU C 210 -18.54 15.07 47.81
N ARG C 211 -19.81 15.05 48.19
CA ARG C 211 -20.54 13.83 48.46
C ARG C 211 -21.42 13.46 47.27
N PHE C 212 -21.62 12.15 47.08
CA PHE C 212 -22.46 11.63 46.01
C PHE C 212 -23.64 10.90 46.59
N ASN C 213 -24.82 11.15 46.04
CA ASN C 213 -26.03 10.42 46.37
C ASN C 213 -26.39 9.54 45.18
N VAL C 214 -26.49 8.24 45.43
CA VAL C 214 -26.75 7.27 44.36
C VAL C 214 -28.10 6.63 44.61
N ARG C 215 -29.02 6.81 43.66
CA ARG C 215 -30.34 6.19 43.70
C ARG C 215 -30.34 4.98 42.77
N LYS C 216 -30.49 3.80 43.33
CA LYS C 216 -30.48 2.58 42.54
C LYS C 216 -31.91 2.04 42.41
N GLN C 217 -32.32 1.83 41.16
CA GLN C 217 -33.64 1.30 40.85
C GLN C 217 -33.44 -0.09 40.27
N LEU C 218 -33.70 -1.11 41.07
CA LEU C 218 -33.51 -2.50 40.66
C LEU C 218 -34.87 -3.14 40.44
N ASN C 219 -35.11 -3.62 39.24
CA ASN C 219 -36.37 -4.25 38.88
C ASN C 219 -36.19 -5.75 38.90
N ASN C 220 -36.99 -6.44 39.70
CA ASN C 220 -36.87 -7.88 39.90
C ASN C 220 -35.46 -8.26 40.34
N ALA C 221 -34.97 -7.53 41.34
CA ALA C 221 -33.65 -7.80 41.88
C ALA C 221 -33.65 -9.09 42.68
N ASN C 222 -32.48 -9.74 42.71
CA ASN C 222 -32.28 -10.99 43.45
C ASN C 222 -31.38 -10.70 44.63
N VAL C 223 -31.88 -10.97 45.84
CA VAL C 223 -31.23 -10.54 47.08
C VAL C 223 -31.25 -11.69 48.08
N TYR C 224 -30.12 -11.89 48.78
CA TYR C 224 -30.07 -12.81 49.91
C TYR C 224 -30.82 -12.21 51.08
N ARG C 225 -31.62 -13.04 51.75
CA ARG C 225 -32.27 -12.61 52.97
C ARG C 225 -32.26 -13.76 53.96
N GLU C 226 -32.24 -13.42 55.24
CA GLU C 226 -32.09 -14.40 56.32
C GLU C 226 -33.39 -14.53 57.08
N GLY C 227 -33.86 -15.75 57.25
CA GLY C 227 -35.10 -15.98 57.95
C GLY C 227 -34.90 -16.90 59.12
N VAL C 228 -35.87 -17.79 59.35
CA VAL C 228 -35.79 -18.76 60.42
C VAL C 228 -36.39 -20.08 59.92
N ALA C 229 -35.54 -21.06 59.70
CA ALA C 229 -36.04 -22.38 59.35
C ALA C 229 -36.57 -23.07 60.61
N THR C 230 -37.04 -24.31 60.44
CA THR C 230 -37.58 -25.07 61.57
C THR C 230 -37.44 -26.55 61.26
N GLN C 231 -36.57 -27.22 61.98
CA GLN C 231 -36.46 -28.66 61.90
C GLN C 231 -37.04 -29.28 63.16
N THR C 232 -37.74 -30.39 63.01
CA THR C 232 -38.46 -31.01 64.11
C THR C 232 -38.05 -32.47 64.24
N THR C 233 -38.13 -32.98 65.46
CA THR C 233 -37.79 -34.36 65.74
C THR C 233 -38.78 -34.95 66.73
N ALA C 234 -39.27 -36.15 66.43
CA ALA C 234 -39.99 -36.97 67.38
C ALA C 234 -39.04 -38.00 67.98
N TYR C 235 -39.20 -38.28 69.26
CA TYR C 235 -38.30 -39.15 70.00
C TYR C 235 -39.08 -40.23 70.74
N GLY C 236 -40.00 -40.87 70.04
CA GLY C 236 -40.83 -41.89 70.65
C GLY C 236 -42.03 -41.34 71.40
N LYS C 237 -42.12 -40.04 71.61
CA LYS C 237 -43.28 -39.44 72.26
C LYS C 237 -43.34 -37.97 71.88
N ARG C 238 -44.11 -37.20 72.66
CA ARG C 238 -44.55 -35.87 72.24
C ARG C 238 -43.38 -34.96 71.87
N THR C 239 -43.55 -34.25 70.76
CA THR C 239 -42.46 -33.74 69.95
C THR C 239 -41.76 -32.55 70.60
N GLU C 240 -40.45 -32.48 70.40
CA GLU C 240 -39.66 -31.30 70.72
C GLU C 240 -39.09 -30.72 69.44
N ASN C 241 -39.21 -29.38 69.31
CA ASN C 241 -38.88 -28.66 68.08
C ASN C 241 -37.71 -27.71 68.30
N VAL C 242 -37.07 -27.31 67.20
CA VAL C 242 -35.96 -26.35 67.24
C VAL C 242 -36.14 -25.37 66.10
N GLN C 243 -35.26 -24.37 66.01
CA GLN C 243 -35.21 -23.49 64.85
C GLN C 243 -33.77 -23.01 64.67
N TYR C 244 -33.55 -22.27 63.58
CA TYR C 244 -32.21 -21.82 63.24
C TYR C 244 -32.28 -20.87 62.06
N ARG C 245 -31.25 -20.05 61.92
CA ARG C 245 -31.20 -19.09 60.82
C ARG C 245 -30.96 -19.80 59.50
N HIS C 246 -31.32 -19.13 58.41
CA HIS C 246 -31.27 -19.76 57.09
C HIS C 246 -31.17 -18.68 56.03
N VAL C 247 -30.00 -18.50 55.45
CA VAL C 247 -29.85 -17.60 54.33
C VAL C 247 -30.41 -18.27 53.08
N GLU C 248 -30.97 -17.45 52.18
CA GLU C 248 -31.64 -17.99 51.00
C GLU C 248 -31.72 -16.89 49.94
N LEU C 249 -32.04 -17.29 48.72
CA LEU C 249 -32.21 -16.38 47.59
C LEU C 249 -33.69 -16.15 47.30
N ALA C 250 -34.02 -14.92 46.93
CA ALA C 250 -35.38 -14.60 46.50
C ALA C 250 -35.33 -13.33 45.66
N ARG C 251 -36.34 -13.18 44.80
CA ARG C 251 -36.51 -11.96 44.01
C ARG C 251 -37.65 -11.17 44.63
N VAL C 252 -37.40 -9.89 44.90
CA VAL C 252 -38.31 -9.10 45.72
C VAL C 252 -38.91 -7.97 44.88
N GLY C 253 -38.96 -8.16 43.57
CA GLY C 253 -39.59 -7.16 42.73
C GLY C 253 -38.81 -5.86 42.69
N GLN C 254 -39.54 -4.76 42.86
CA GLN C 254 -38.95 -3.44 42.72
C GLN C 254 -38.30 -3.00 44.03
N LEU C 255 -37.04 -2.56 43.95
CA LEU C 255 -36.31 -2.03 45.09
C LEU C 255 -35.72 -0.67 44.75
N VAL C 256 -35.80 0.25 45.70
CA VAL C 256 -35.18 1.56 45.57
C VAL C 256 -34.30 1.78 46.80
N GLU C 257 -33.03 2.07 46.58
CA GLU C 257 -32.08 2.30 47.65
C GLU C 257 -31.26 3.54 47.34
N VAL C 258 -30.82 4.24 48.38
CA VAL C 258 -30.09 5.49 48.25
C VAL C 258 -28.73 5.29 48.92
N ASP C 259 -27.72 4.95 48.13
CA ASP C 259 -26.35 4.85 48.63
C ASP C 259 -25.75 6.23 48.82
N THR C 260 -24.65 6.27 49.56
CA THR C 260 -23.91 7.50 49.78
C THR C 260 -22.43 7.23 49.59
N LEU C 261 -21.74 8.13 48.89
CA LEU C 261 -20.34 7.97 48.55
C LEU C 261 -19.57 9.21 48.99
N GLU C 262 -18.40 9.00 49.57
CA GLU C 262 -17.52 10.09 49.96
C GLU C 262 -16.09 9.73 49.58
N HIS C 263 -15.35 10.74 49.10
CA HIS C 263 -13.98 10.55 48.64
C HIS C 263 -13.88 9.50 47.54
N VAL C 264 -14.84 9.53 46.61
CA VAL C 264 -14.85 8.63 45.46
C VAL C 264 -14.72 9.47 44.20
N GLN C 265 -13.77 9.11 43.34
CA GLN C 265 -13.50 9.85 42.13
C GLN C 265 -13.91 9.12 40.86
N HIS C 266 -14.03 7.80 40.90
CA HIS C 266 -14.38 7.00 39.72
C HIS C 266 -15.60 6.15 40.03
N ILE C 267 -16.53 6.10 39.07
CA ILE C 267 -17.74 5.29 39.17
C ILE C 267 -17.94 4.54 37.86
N ILE C 268 -18.31 3.27 37.96
CA ILE C 268 -18.67 2.45 36.82
C ILE C 268 -20.12 2.00 36.96
N GLY C 269 -20.93 2.27 35.95
CA GLY C 269 -22.31 1.86 35.95
C GLY C 269 -22.49 0.42 35.51
N GLY C 270 -23.74 -0.03 35.54
CA GLY C 270 -24.08 -1.40 35.24
C GLY C 270 -24.39 -1.64 33.78
N ALA C 271 -25.13 -2.71 33.53
CA ALA C 271 -25.53 -3.08 32.18
C ALA C 271 -26.81 -2.39 31.73
N GLY C 272 -27.39 -1.53 32.55
CA GLY C 272 -28.60 -0.83 32.22
C GLY C 272 -28.36 0.57 31.70
N ASN C 273 -29.39 1.39 31.75
CA ASN C 273 -29.36 2.77 31.29
C ASN C 273 -29.10 3.67 32.49
N ASP C 274 -27.85 4.06 32.67
CA ASP C 274 -27.43 4.82 33.85
C ASP C 274 -27.35 6.31 33.55
N SER C 275 -27.53 7.10 34.60
CA SER C 275 -27.34 8.55 34.56
C SER C 275 -26.32 8.90 35.62
N ILE C 276 -25.11 9.27 35.20
CA ILE C 276 -23.99 9.49 36.10
C ILE C 276 -23.48 10.90 35.92
N THR C 277 -23.29 11.61 37.04
CA THR C 277 -22.82 12.99 37.04
C THR C 277 -21.66 13.14 38.01
N GLY C 278 -20.67 13.94 37.63
CA GLY C 278 -19.49 14.15 38.43
C GLY C 278 -19.52 15.47 39.19
N ASN C 279 -18.34 15.95 39.56
CA ASN C 279 -18.19 17.16 40.37
C ASN C 279 -17.01 17.95 39.82
N ALA C 280 -16.52 18.91 40.60
CA ALA C 280 -15.48 19.82 40.15
C ALA C 280 -14.10 19.18 40.09
N HIS C 281 -13.94 17.96 40.58
CA HIS C 281 -12.65 17.29 40.54
C HIS C 281 -12.51 16.54 39.20
N ASP C 282 -11.47 15.72 39.09
CA ASP C 282 -11.22 14.93 37.90
C ASP C 282 -11.86 13.56 38.08
N ASN C 283 -12.81 13.22 37.23
CA ASN C 283 -13.61 12.01 37.39
C ASN C 283 -13.39 11.05 36.23
N PHE C 284 -13.53 9.77 36.52
CA PHE C 284 -13.59 8.70 35.54
C PHE C 284 -15.02 8.18 35.52
N LEU C 285 -15.79 8.58 34.52
CA LEU C 285 -17.19 8.19 34.41
C LEU C 285 -17.34 7.19 33.27
N ALA C 286 -17.70 5.96 33.63
CA ALA C 286 -17.91 4.90 32.67
C ALA C 286 -19.35 4.42 32.76
N GLY C 287 -19.96 4.16 31.61
CA GLY C 287 -21.35 3.74 31.59
C GLY C 287 -21.55 2.27 31.33
N GLY C 288 -20.60 1.64 30.67
CA GLY C 288 -20.79 0.24 30.34
C GLY C 288 -21.84 0.07 29.25
N SER C 289 -22.40 -1.14 29.19
CA SER C 289 -23.44 -1.44 28.22
C SER C 289 -24.73 -0.75 28.62
N GLY C 290 -25.49 -0.32 27.61
CA GLY C 290 -26.72 0.42 27.83
C GLY C 290 -26.61 1.85 27.32
N ASP C 291 -27.77 2.52 27.31
CA ASP C 291 -27.87 3.88 26.79
C ASP C 291 -27.67 4.86 27.95
N ASP C 292 -26.42 5.04 28.33
CA ASP C 292 -26.07 5.80 29.51
C ASP C 292 -25.89 7.28 29.19
N ARG C 293 -26.18 8.12 30.18
CA ARG C 293 -25.89 9.55 30.12
C ARG C 293 -24.77 9.84 31.11
N LEU C 294 -23.67 10.40 30.61
CA LEU C 294 -22.53 10.76 31.44
C LEU C 294 -22.28 12.26 31.34
N ASP C 295 -22.23 12.92 32.50
CA ASP C 295 -21.89 14.34 32.57
C ASP C 295 -20.75 14.50 33.57
N GLY C 296 -19.67 15.12 33.12
CA GLY C 296 -18.49 15.24 33.95
C GLY C 296 -18.48 16.44 34.86
N GLY C 297 -19.19 17.50 34.48
CA GLY C 297 -19.08 18.72 35.26
C GLY C 297 -17.75 19.42 34.98
N ALA C 298 -17.32 20.24 35.94
CA ALA C 298 -16.09 20.99 35.77
C ALA C 298 -14.88 20.09 35.98
N GLY C 299 -13.71 20.61 35.65
CA GLY C 299 -12.47 19.88 35.79
C GLY C 299 -12.13 19.06 34.56
N ASN C 300 -10.91 18.52 34.56
CA ASN C 300 -10.41 17.69 33.47
C ASN C 300 -10.89 16.26 33.72
N ASP C 301 -11.87 15.82 32.94
CA ASP C 301 -12.53 14.55 33.17
C ASP C 301 -12.29 13.61 32.00
N THR C 302 -12.37 12.31 32.28
CA THR C 302 -12.29 11.27 31.26
C THR C 302 -13.62 10.53 31.22
N LEU C 303 -14.14 10.34 30.01
CA LEU C 303 -15.51 9.91 29.81
C LEU C 303 -15.53 8.73 28.84
N VAL C 304 -16.04 7.59 29.31
CA VAL C 304 -16.11 6.38 28.51
C VAL C 304 -17.57 5.98 28.41
N GLY C 305 -18.17 6.17 27.23
CA GLY C 305 -19.59 5.89 27.07
C GLY C 305 -19.91 4.41 26.95
N GLY C 306 -18.99 3.62 26.44
CA GLY C 306 -19.24 2.20 26.27
C GLY C 306 -20.18 1.92 25.11
N GLU C 307 -20.80 0.74 25.16
CA GLU C 307 -21.77 0.35 24.15
C GLU C 307 -23.06 1.16 24.30
N GLY C 308 -23.96 0.98 23.34
CA GLY C 308 -25.25 1.64 23.38
C GLY C 308 -25.22 3.04 22.81
N GLN C 309 -26.41 3.65 22.78
CA GLN C 309 -26.58 5.00 22.27
C GLN C 309 -26.41 5.97 23.44
N ASN C 310 -25.18 6.44 23.64
CA ASN C 310 -24.84 7.26 24.77
C ASN C 310 -24.90 8.75 24.43
N THR C 311 -25.31 9.54 25.41
CA THR C 311 -25.18 10.99 25.35
C THR C 311 -24.23 11.43 26.45
N VAL C 312 -23.18 12.16 26.07
CA VAL C 312 -22.08 12.45 26.97
C VAL C 312 -21.81 13.95 26.96
N ILE C 313 -21.84 14.57 28.12
CA ILE C 313 -21.58 15.99 28.29
C ILE C 313 -20.30 16.13 29.11
N GLY C 314 -19.35 16.90 28.59
CA GLY C 314 -18.08 17.03 29.27
C GLY C 314 -18.00 18.15 30.28
N GLY C 315 -18.64 19.28 29.99
CA GLY C 315 -18.52 20.44 30.84
C GLY C 315 -17.21 21.18 30.60
N ALA C 316 -16.91 22.09 31.53
CA ALA C 316 -15.70 22.89 31.41
C ALA C 316 -14.46 22.02 31.66
N GLY C 317 -13.30 22.57 31.30
CA GLY C 317 -12.05 21.86 31.44
C GLY C 317 -11.66 21.10 30.18
N ASP C 318 -10.53 20.40 30.28
CA ASP C 318 -10.00 19.61 29.18
C ASP C 318 -10.39 18.16 29.39
N ASP C 319 -11.31 17.67 28.57
CA ASP C 319 -11.92 16.36 28.74
C ASP C 319 -11.45 15.40 27.66
N VAL C 320 -11.50 14.11 28.01
CA VAL C 320 -11.05 13.03 27.14
C VAL C 320 -12.21 12.08 26.91
N PHE C 321 -12.50 11.80 25.64
CA PHE C 321 -13.52 10.84 25.25
C PHE C 321 -12.83 9.61 24.64
N LEU C 322 -13.24 8.43 25.10
CA LEU C 322 -12.69 7.18 24.60
C LEU C 322 -13.78 6.40 23.86
N GLN C 323 -13.48 5.99 22.63
CA GLN C 323 -14.44 5.35 21.74
C GLN C 323 -13.91 4.00 21.29
N ASP C 324 -14.78 3.21 20.65
CA ASP C 324 -14.44 1.81 20.41
C ASP C 324 -14.87 1.28 19.03
N LEU C 325 -15.12 2.16 18.05
CA LEU C 325 -15.48 1.74 16.70
C LEU C 325 -16.69 0.81 16.70
N GLY C 326 -17.70 1.14 17.50
CA GLY C 326 -18.87 0.30 17.63
C GLY C 326 -19.86 0.50 16.51
N VAL C 327 -21.02 -0.13 16.66
CA VAL C 327 -22.09 -0.05 15.67
C VAL C 327 -23.17 0.96 16.05
N TRP C 328 -23.21 1.40 17.30
CA TRP C 328 -24.22 2.35 17.74
C TRP C 328 -23.82 3.78 17.34
N SER C 329 -24.76 4.69 17.52
CA SER C 329 -24.51 6.12 17.34
C SER C 329 -24.46 6.79 18.71
N ASN C 330 -23.56 7.76 18.85
CA ASN C 330 -23.34 8.45 20.11
C ASN C 330 -23.44 9.95 19.91
N GLN C 331 -23.85 10.65 20.98
CA GLN C 331 -23.91 12.09 21.00
C GLN C 331 -22.87 12.60 21.99
N LEU C 332 -21.97 13.45 21.52
CA LEU C 332 -20.83 13.90 22.32
C LEU C 332 -20.75 15.42 22.29
N ASP C 333 -20.65 16.03 23.47
CA ASP C 333 -20.47 17.47 23.60
C ASP C 333 -19.24 17.71 24.47
N GLY C 334 -18.37 18.61 24.03
CA GLY C 334 -17.13 18.86 24.74
C GLY C 334 -17.21 19.99 25.74
N GLY C 335 -17.99 21.02 25.44
CA GLY C 335 -18.05 22.17 26.31
C GLY C 335 -16.88 23.11 26.09
N ALA C 336 -16.60 23.91 27.12
CA ALA C 336 -15.52 24.88 27.04
C ALA C 336 -14.16 24.19 27.17
N GLY C 337 -13.11 24.93 26.83
CA GLY C 337 -11.76 24.41 26.89
C GLY C 337 -11.41 23.56 25.68
N VAL C 338 -10.17 23.10 25.67
CA VAL C 338 -9.67 22.23 24.61
C VAL C 338 -9.97 20.78 24.98
N ASP C 339 -10.68 20.08 24.11
CA ASP C 339 -11.13 18.73 24.37
C ASP C 339 -10.58 17.78 23.31
N THR C 340 -10.59 16.49 23.63
CA THR C 340 -9.99 15.49 22.78
C THR C 340 -10.88 14.26 22.72
N VAL C 341 -11.05 13.72 21.52
CA VAL C 341 -11.72 12.44 21.30
C VAL C 341 -10.72 11.48 20.69
N LYS C 342 -10.60 10.28 21.25
CA LYS C 342 -9.60 9.32 20.85
C LYS C 342 -10.25 8.01 20.43
N TYR C 343 -9.80 7.47 19.30
CA TYR C 343 -10.30 6.22 18.76
C TYR C 343 -9.27 5.11 18.73
N ASN C 344 -8.05 5.37 19.23
CA ASN C 344 -6.94 4.43 19.11
C ASN C 344 -6.77 3.54 20.33
N VAL C 345 -7.66 3.63 21.31
CA VAL C 345 -7.47 2.88 22.56
C VAL C 345 -7.64 1.38 22.32
N HIS C 346 -8.60 1.00 21.46
CA HIS C 346 -8.98 -0.38 21.30
C HIS C 346 -8.41 -0.98 20.02
N GLN C 347 -8.00 -2.24 20.11
CA GLN C 347 -7.56 -2.97 18.92
C GLN C 347 -8.77 -3.38 18.09
N PRO C 348 -8.72 -3.22 16.77
CA PRO C 348 -9.86 -3.61 15.94
C PRO C 348 -10.12 -5.11 16.01
N SER C 349 -11.41 -5.47 15.93
CA SER C 349 -11.83 -6.86 16.03
C SER C 349 -11.69 -7.56 14.68
N GLU C 350 -11.92 -8.88 14.71
CA GLU C 350 -11.76 -9.69 13.51
C GLU C 350 -12.87 -9.41 12.50
N GLU C 351 -14.11 -9.37 12.97
CA GLU C 351 -15.23 -9.12 12.05
C GLU C 351 -15.15 -7.72 11.46
N ARG C 352 -14.59 -6.76 12.20
CA ARG C 352 -14.38 -5.43 11.64
C ARG C 352 -13.43 -5.49 10.45
N LEU C 353 -12.33 -6.23 10.59
CA LEU C 353 -11.39 -6.37 9.49
C LEU C 353 -12.01 -7.12 8.33
N GLU C 354 -12.83 -8.13 8.61
CA GLU C 354 -13.46 -8.90 7.54
C GLU C 354 -14.46 -8.05 6.75
N ARG C 355 -15.33 -7.34 7.45
CA ARG C 355 -16.38 -6.58 6.77
C ARG C 355 -15.87 -5.28 6.16
N MET C 356 -14.88 -4.63 6.77
CA MET C 356 -14.44 -3.32 6.34
C MET C 356 -13.06 -3.31 5.70
N GLY C 357 -12.19 -4.23 6.07
CA GLY C 357 -10.83 -4.25 5.52
C GLY C 357 -9.89 -3.46 6.40
N ASP C 358 -9.16 -2.53 5.78
CA ASP C 358 -8.22 -1.68 6.48
C ASP C 358 -8.71 -0.25 6.64
N THR C 359 -9.97 0.01 6.35
CA THR C 359 -10.52 1.36 6.46
C THR C 359 -10.97 1.62 7.90
N GLY C 360 -10.66 2.82 8.40
CA GLY C 360 -11.04 3.20 9.74
C GLY C 360 -12.21 4.16 9.80
N ILE C 361 -11.94 5.46 9.97
CA ILE C 361 -12.98 6.45 10.18
C ILE C 361 -12.83 7.61 9.20
N HIS C 362 -13.95 8.27 8.92
CA HIS C 362 -14.01 9.54 8.22
C HIS C 362 -14.56 10.59 9.18
N ALA C 363 -13.69 11.50 9.62
CA ALA C 363 -14.03 12.50 10.61
C ALA C 363 -13.95 13.88 10.00
N ASP C 364 -14.94 14.71 10.31
CA ASP C 364 -14.99 16.08 9.79
C ASP C 364 -15.64 16.96 10.86
N LEU C 365 -14.86 17.86 11.45
CA LEU C 365 -15.35 18.68 12.54
C LEU C 365 -16.19 19.86 12.07
N GLN C 366 -16.10 20.23 10.78
CA GLN C 366 -17.03 21.20 10.24
C GLN C 366 -18.44 20.62 10.16
N LYS C 367 -18.57 19.41 9.61
CA LYS C 367 -19.86 18.72 9.61
C LYS C 367 -20.24 18.27 11.01
N GLY C 368 -19.24 17.99 11.86
CA GLY C 368 -19.52 17.52 13.20
C GLY C 368 -19.89 16.06 13.29
N THR C 369 -19.42 15.24 12.36
CA THR C 369 -19.75 13.82 12.34
C THR C 369 -18.48 12.99 12.23
N VAL C 370 -18.52 11.79 12.83
CA VAL C 370 -17.46 10.81 12.71
C VAL C 370 -18.12 9.50 12.30
N GLU C 371 -17.78 9.01 11.11
CA GLU C 371 -18.37 7.81 10.56
C GLU C 371 -17.45 6.64 10.85
N LYS C 372 -17.92 5.69 11.67
CA LYS C 372 -17.09 4.58 12.09
C LYS C 372 -17.19 3.37 11.15
N TRP C 373 -18.26 3.26 10.37
CA TRP C 373 -18.39 2.23 9.34
C TRP C 373 -18.81 2.89 8.03
N PRO C 374 -17.93 3.68 7.42
CA PRO C 374 -18.30 4.39 6.19
C PRO C 374 -18.68 3.44 5.07
N ALA C 375 -19.73 3.81 4.34
CA ALA C 375 -20.23 3.10 3.16
C ALA C 375 -20.66 1.68 3.46
N LEU C 376 -20.89 1.34 4.73
CA LEU C 376 -21.45 0.04 5.05
C LEU C 376 -22.73 0.15 5.87
N ASN C 377 -22.80 1.08 6.81
CA ASN C 377 -24.05 1.55 7.37
C ASN C 377 -23.93 3.03 7.64
N LEU C 378 -25.01 3.76 7.39
CA LEU C 378 -24.99 5.22 7.48
C LEU C 378 -25.42 5.73 8.85
N PHE C 379 -25.74 4.84 9.80
CA PHE C 379 -26.23 5.25 11.10
C PHE C 379 -25.27 4.90 12.24
N SER C 380 -24.05 4.48 11.93
CA SER C 380 -23.00 4.30 12.93
C SER C 380 -22.11 5.53 12.94
N VAL C 381 -22.70 6.64 13.38
CA VAL C 381 -22.07 7.95 13.33
C VAL C 381 -22.10 8.58 14.71
N ASP C 382 -20.96 9.08 15.16
CA ASP C 382 -20.86 9.84 16.40
C ASP C 382 -20.93 11.33 16.07
N HIS C 383 -21.85 12.04 16.72
CA HIS C 383 -22.03 13.46 16.50
C HIS C 383 -21.30 14.22 17.60
N VAL C 384 -20.39 15.10 17.19
CA VAL C 384 -19.51 15.80 18.11
C VAL C 384 -19.67 17.31 17.92
N LYS C 385 -19.59 18.04 19.02
CA LYS C 385 -19.60 19.50 18.98
C LYS C 385 -18.70 20.04 20.07
N ASN C 386 -18.09 21.20 19.80
CA ASN C 386 -17.17 21.85 20.72
C ASN C 386 -16.00 20.93 21.10
N ILE C 387 -15.42 20.28 20.09
CA ILE C 387 -14.25 19.43 20.26
C ILE C 387 -13.16 19.93 19.31
N GLU C 388 -11.96 20.12 19.84
CA GLU C 388 -10.87 20.73 19.08
C GLU C 388 -9.83 19.73 18.58
N ASN C 389 -9.57 18.66 19.33
CA ASN C 389 -8.54 17.70 18.99
C ASN C 389 -9.16 16.35 18.65
N LEU C 390 -8.42 15.54 17.89
CA LEU C 390 -8.87 14.22 17.51
C LEU C 390 -7.66 13.31 17.34
N HIS C 391 -7.80 12.07 17.82
CA HIS C 391 -6.81 11.03 17.59
C HIS C 391 -7.46 9.91 16.80
N GLY C 392 -6.82 9.50 15.72
CA GLY C 392 -7.39 8.54 14.81
C GLY C 392 -7.28 7.12 15.31
N SER C 393 -7.50 6.19 14.40
CA SER C 393 -7.44 4.76 14.71
C SER C 393 -6.14 4.17 14.19
N ARG C 394 -5.96 2.87 14.42
CA ARG C 394 -4.82 2.15 13.90
C ARG C 394 -4.96 1.79 12.42
N LEU C 395 -6.09 2.14 11.80
CA LEU C 395 -6.37 1.82 10.42
C LEU C 395 -6.36 3.09 9.58
N ASN C 396 -6.72 2.96 8.30
CA ASN C 396 -6.72 4.11 7.40
C ASN C 396 -7.85 5.06 7.75
N ASP C 397 -7.53 6.35 7.85
CA ASP C 397 -8.49 7.35 8.29
C ASP C 397 -8.41 8.58 7.40
N ARG C 398 -9.52 9.33 7.36
CA ARG C 398 -9.58 10.63 6.70
C ARG C 398 -10.06 11.64 7.72
N ILE C 399 -9.16 12.50 8.19
CA ILE C 399 -9.43 13.42 9.29
C ILE C 399 -9.42 14.84 8.74
N ALA C 400 -10.48 15.58 9.01
CA ALA C 400 -10.61 16.97 8.61
C ALA C 400 -10.90 17.81 9.83
N GLY C 401 -10.42 19.05 9.80
CA GLY C 401 -10.55 19.96 10.92
C GLY C 401 -11.59 21.04 10.68
N ASP C 402 -11.38 22.18 11.32
CA ASP C 402 -12.27 23.33 11.21
C ASP C 402 -11.43 24.59 11.18
N ASP C 403 -12.08 25.73 11.39
CA ASP C 403 -11.39 27.02 11.38
C ASP C 403 -10.67 27.33 12.69
N GLN C 404 -10.83 26.48 13.71
CA GLN C 404 -10.14 26.68 14.98
C GLN C 404 -8.79 25.96 14.95
N ASP C 405 -8.07 26.03 16.06
CA ASP C 405 -6.79 25.34 16.19
C ASP C 405 -7.02 23.89 16.58
N ASN C 406 -6.45 22.97 15.81
CA ASN C 406 -6.68 21.54 16.01
C ASN C 406 -5.35 20.81 16.12
N GLU C 407 -5.36 19.73 16.90
CA GLU C 407 -4.24 18.80 17.01
C GLU C 407 -4.74 17.44 16.55
N LEU C 408 -4.25 16.98 15.39
CA LEU C 408 -4.79 15.82 14.72
C LEU C 408 -3.72 14.75 14.64
N TRP C 409 -4.02 13.58 15.20
CA TRP C 409 -3.09 12.46 15.25
C TRP C 409 -3.68 11.28 14.51
N GLY C 410 -2.91 10.71 13.60
CA GLY C 410 -3.40 9.62 12.77
C GLY C 410 -3.01 8.24 13.26
N HIS C 411 -1.91 8.14 13.98
CA HIS C 411 -1.41 6.86 14.51
C HIS C 411 -1.13 5.92 13.34
N ASP C 412 -1.26 4.61 13.57
CA ASP C 412 -0.91 3.63 12.55
C ASP C 412 -1.88 3.71 11.37
N GLY C 413 -1.38 3.32 10.20
CA GLY C 413 -2.16 3.28 8.98
C GLY C 413 -1.84 4.45 8.06
N ASN C 414 -2.47 4.42 6.89
CA ASN C 414 -2.32 5.48 5.90
C ASN C 414 -3.46 6.46 6.06
N ASP C 415 -3.14 7.69 6.43
CA ASP C 415 -4.13 8.69 6.79
C ASP C 415 -3.98 9.93 5.93
N THR C 416 -5.11 10.56 5.62
CA THR C 416 -5.17 11.85 4.95
C THR C 416 -5.74 12.86 5.92
N ILE C 417 -4.96 13.88 6.27
CA ILE C 417 -5.31 14.84 7.31
C ILE C 417 -5.32 16.24 6.70
N ARG C 418 -6.41 16.97 6.94
CA ARG C 418 -6.53 18.36 6.51
C ARG C 418 -6.77 19.23 7.74
N GLY C 419 -5.95 20.27 7.89
CA GLY C 419 -6.05 21.13 9.04
C GLY C 419 -7.00 22.29 8.87
N ARG C 420 -7.23 22.72 7.64
CA ARG C 420 -8.12 23.83 7.31
C ARG C 420 -7.61 25.09 8.01
N GLY C 421 -8.52 25.96 8.45
CA GLY C 421 -8.13 27.25 8.98
C GLY C 421 -7.43 27.15 10.32
N GLY C 422 -6.77 28.25 10.68
CA GLY C 422 -6.09 28.35 11.96
C GLY C 422 -4.70 27.74 11.95
N ASP C 423 -4.13 27.65 13.14
CA ASP C 423 -2.81 27.05 13.35
C ASP C 423 -3.01 25.64 13.91
N ASP C 424 -2.46 24.65 13.22
CA ASP C 424 -2.74 23.25 13.53
C ASP C 424 -1.45 22.48 13.75
N ILE C 425 -1.55 21.42 14.56
CA ILE C 425 -0.45 20.50 14.81
C ILE C 425 -0.84 19.15 14.23
N LEU C 426 -0.15 18.73 13.18
CA LEU C 426 -0.46 17.51 12.45
C LEU C 426 0.63 16.49 12.70
N ARG C 427 0.24 15.32 13.21
CA ARG C 427 1.17 14.20 13.41
C ARG C 427 0.55 12.96 12.78
N GLY C 428 1.06 12.59 11.61
CA GLY C 428 0.51 11.42 10.92
C GLY C 428 0.77 10.12 11.66
N GLY C 429 1.93 9.99 12.27
CA GLY C 429 2.32 8.73 12.88
C GLY C 429 2.96 7.80 11.86
N LEU C 430 2.94 6.51 12.20
CA LEU C 430 3.46 5.50 11.30
C LEU C 430 2.55 5.34 10.08
N GLY C 431 3.16 5.06 8.94
CA GLY C 431 2.45 4.81 7.70
C GLY C 431 2.62 5.95 6.71
N LEU C 432 2.19 5.67 5.48
CA LEU C 432 2.28 6.64 4.39
C LEU C 432 1.11 7.61 4.52
N ASP C 433 1.40 8.86 4.89
CA ASP C 433 0.38 9.84 5.20
C ASP C 433 0.48 11.03 4.27
N THR C 434 -0.68 11.63 4.00
CA THR C 434 -0.77 12.86 3.22
C THR C 434 -1.35 13.94 4.13
N LEU C 435 -0.64 15.04 4.28
CA LEU C 435 -0.96 16.05 5.28
C LEU C 435 -1.09 17.41 4.63
N TYR C 436 -2.15 18.13 4.99
CA TYR C 436 -2.42 19.47 4.51
C TYR C 436 -2.64 20.41 5.67
N GLY C 437 -2.21 21.66 5.51
CA GLY C 437 -2.39 22.65 6.54
C GLY C 437 -3.28 23.80 6.11
N GLU C 438 -3.40 24.00 4.80
CA GLU C 438 -4.22 25.06 4.21
C GLU C 438 -3.72 26.40 4.73
N ASP C 439 -4.61 27.36 4.96
CA ASP C 439 -4.20 28.65 5.47
C ASP C 439 -3.84 28.56 6.95
N GLY C 440 -3.05 29.53 7.40
CA GLY C 440 -2.54 29.58 8.77
C GLY C 440 -1.11 29.11 8.85
N ASN C 441 -0.62 29.07 10.09
CA ASN C 441 0.74 28.63 10.39
C ASN C 441 0.67 27.24 11.03
N ASP C 442 1.11 26.23 10.29
CA ASP C 442 0.95 24.84 10.70
C ASP C 442 2.28 24.24 11.11
N ILE C 443 2.19 23.14 11.86
CA ILE C 443 3.36 22.40 12.34
C ILE C 443 3.15 20.93 12.05
N PHE C 444 4.17 20.28 11.50
CA PHE C 444 4.14 18.87 11.18
C PHE C 444 5.19 18.16 12.03
N LEU C 445 4.78 17.12 12.74
CA LEU C 445 5.67 16.35 13.59
C LEU C 445 5.91 14.99 12.94
N GLN C 446 7.17 14.70 12.65
CA GLN C 446 7.56 13.47 11.96
C GLN C 446 8.11 12.47 12.96
N ASP C 447 8.02 11.19 12.61
CA ASP C 447 8.38 10.11 13.49
C ASP C 447 9.56 9.32 12.93
N ASP C 448 10.06 8.40 13.75
CA ASP C 448 11.19 7.55 13.40
C ASP C 448 10.69 6.40 12.54
N GLU C 449 10.79 6.59 11.22
CA GLU C 449 10.38 5.56 10.27
C GLU C 449 11.00 5.87 8.92
N THR C 450 10.98 4.87 8.05
CA THR C 450 11.47 5.00 6.68
C THR C 450 10.36 5.27 5.68
N VAL C 451 9.10 5.11 6.07
CA VAL C 451 7.99 5.29 5.15
C VAL C 451 7.86 6.76 4.78
N SER C 452 7.71 7.04 3.49
CA SER C 452 7.66 8.40 3.00
C SER C 452 6.31 9.05 3.33
N ASP C 453 6.32 10.37 3.41
CA ASP C 453 5.11 11.16 3.64
C ASP C 453 5.11 12.35 2.69
N ASP C 454 3.90 12.82 2.38
CA ASP C 454 3.71 13.99 1.54
C ASP C 454 3.16 15.12 2.40
N ILE C 455 3.80 16.29 2.35
CA ILE C 455 3.46 17.42 3.20
C ILE C 455 3.26 18.64 2.33
N ASP C 456 2.12 19.30 2.49
CA ASP C 456 1.80 20.55 1.80
C ASP C 456 1.20 21.50 2.82
N GLY C 457 1.95 22.55 3.18
CA GLY C 457 1.49 23.47 4.20
C GLY C 457 0.56 24.56 3.71
N GLY C 458 0.48 24.77 2.39
CA GLY C 458 -0.39 25.82 1.90
C GLY C 458 0.15 27.20 2.24
N ALA C 459 -0.78 28.16 2.31
CA ALA C 459 -0.40 29.53 2.64
C ALA C 459 -0.02 29.64 4.11
N GLY C 460 0.71 30.72 4.42
CA GLY C 460 1.19 30.95 5.76
C GLY C 460 2.59 30.42 5.98
N LEU C 461 3.17 30.80 7.12
CA LEU C 461 4.52 30.39 7.49
C LEU C 461 4.45 29.05 8.21
N ASP C 462 5.01 28.01 7.60
CA ASP C 462 4.85 26.64 8.07
C ASP C 462 6.20 26.04 8.41
N THR C 463 6.20 25.09 9.34
CA THR C 463 7.41 24.44 9.79
C THR C 463 7.20 22.93 9.89
N VAL C 464 8.31 22.20 9.82
CA VAL C 464 8.34 20.76 9.99
C VAL C 464 9.41 20.43 11.02
N ASP C 465 9.08 19.54 11.96
CA ASP C 465 9.96 19.21 13.07
C ASP C 465 10.38 17.76 12.96
N TYR C 466 11.69 17.52 12.99
CA TYR C 466 12.26 16.18 12.84
C TYR C 466 12.95 15.70 14.10
N SER C 467 12.61 16.27 15.25
CA SER C 467 13.33 15.98 16.49
C SER C 467 13.14 14.55 16.99
N ALA C 468 12.07 13.87 16.58
CA ALA C 468 11.77 12.55 17.13
C ALA C 468 12.48 11.41 16.40
N MET C 469 13.28 11.71 15.38
CA MET C 469 13.99 10.64 14.68
C MET C 469 15.04 9.97 15.57
N ILE C 470 15.79 10.76 16.32
CA ILE C 470 16.81 10.23 17.23
C ILE C 470 16.30 10.43 18.66
N HIS C 471 16.20 9.32 19.39
CA HIS C 471 15.67 9.27 20.73
C HIS C 471 16.52 8.33 21.57
N PRO C 472 16.46 8.43 22.89
CA PRO C 472 17.33 7.59 23.74
C PRO C 472 17.12 6.10 23.59
N GLY C 473 15.98 5.65 23.05
CA GLY C 473 15.74 4.22 22.91
C GLY C 473 16.49 3.60 21.74
N ARG C 474 15.85 2.67 21.04
CA ARG C 474 16.44 2.02 19.89
C ARG C 474 15.82 2.59 18.62
N ILE C 475 16.67 2.91 17.64
CA ILE C 475 16.24 3.61 16.43
C ILE C 475 16.08 2.59 15.31
N VAL C 476 14.91 2.61 14.68
CA VAL C 476 14.60 1.66 13.61
C VAL C 476 15.13 2.13 12.27
N ALA C 477 14.98 3.41 11.95
CA ALA C 477 15.49 3.93 10.69
C ALA C 477 17.01 3.96 10.71
N PRO C 478 17.67 3.63 9.61
CA PRO C 478 19.13 3.66 9.58
C PRO C 478 19.67 5.05 9.26
N HIS C 479 20.83 5.35 9.83
CA HIS C 479 21.58 6.57 9.57
C HIS C 479 23.05 6.23 9.36
N GLU C 480 23.28 5.23 8.49
CA GLU C 480 24.61 4.65 8.34
C GLU C 480 25.63 5.63 7.77
N TYR C 481 25.20 6.73 7.16
CA TYR C 481 26.12 7.79 6.78
C TYR C 481 26.38 8.77 7.91
N GLY C 482 25.61 8.71 9.00
CA GLY C 482 25.78 9.63 10.11
C GLY C 482 25.46 11.07 9.79
N PHE C 483 24.35 11.32 9.10
CA PHE C 483 23.98 12.67 8.68
C PHE C 483 22.61 13.11 9.16
N GLY C 484 21.96 12.34 10.03
CA GLY C 484 20.66 12.74 10.55
C GLY C 484 19.62 12.91 9.47
N ILE C 485 19.24 14.16 9.19
CA ILE C 485 18.36 14.48 8.07
C ILE C 485 19.09 15.43 7.13
N GLU C 486 18.64 15.44 5.88
CA GLU C 486 19.14 16.37 4.87
C GLU C 486 17.95 17.03 4.20
N ALA C 487 17.93 18.36 4.18
CA ALA C 487 16.79 19.12 3.71
C ALA C 487 17.19 20.03 2.56
N ASP C 488 16.37 20.06 1.52
CA ASP C 488 16.57 20.96 0.38
C ASP C 488 15.18 21.49 0.00
N LEU C 489 14.82 22.63 0.58
CA LEU C 489 13.53 23.25 0.29
C LEU C 489 13.45 23.80 -1.13
N SER C 490 14.58 23.94 -1.82
CA SER C 490 14.55 24.33 -3.22
C SER C 490 14.14 23.16 -4.11
N ARG C 491 14.54 21.94 -3.76
CA ARG C 491 14.21 20.75 -4.52
C ARG C 491 13.07 19.95 -3.90
N GLU C 492 12.52 20.41 -2.78
CA GLU C 492 11.26 19.91 -2.22
C GLU C 492 11.35 18.44 -1.79
N TRP C 493 12.39 18.11 -1.04
CA TRP C 493 12.48 16.79 -0.44
C TRP C 493 13.29 16.88 0.85
N VAL C 494 13.10 15.88 1.71
CA VAL C 494 13.88 15.73 2.93
C VAL C 494 14.32 14.27 3.01
N ARG C 495 15.63 14.04 3.06
CA ARG C 495 16.18 12.69 3.18
C ARG C 495 16.12 12.29 4.65
N LYS C 496 14.98 11.70 5.04
CA LYS C 496 14.72 11.44 6.44
C LYS C 496 15.55 10.28 6.99
N ALA C 497 15.93 9.34 6.14
CA ALA C 497 16.75 8.20 6.56
C ALA C 497 17.60 7.78 5.37
N SER C 498 18.70 7.09 5.66
CA SER C 498 19.64 6.73 4.62
C SER C 498 20.48 5.54 5.08
N ALA C 499 20.30 4.40 4.42
CA ALA C 499 21.24 3.30 4.53
C ALA C 499 22.37 3.50 3.52
N LEU C 500 23.28 2.53 3.45
CA LEU C 500 24.39 2.65 2.52
C LEU C 500 23.92 2.63 1.07
N GLY C 501 22.93 1.80 0.76
CA GLY C 501 22.45 1.69 -0.61
C GLY C 501 21.04 2.18 -0.85
N VAL C 502 20.30 2.50 0.21
CA VAL C 502 18.90 2.90 0.12
C VAL C 502 18.73 4.27 0.75
N ASP C 503 18.02 5.15 0.05
CA ASP C 503 17.74 6.50 0.53
C ASP C 503 16.22 6.68 0.64
N TYR C 504 15.77 7.18 1.79
CA TYR C 504 14.37 7.39 2.07
C TYR C 504 14.07 8.88 2.11
N TYR C 505 13.00 9.30 1.43
CA TYR C 505 12.71 10.71 1.24
C TYR C 505 11.31 11.03 1.74
N ASP C 506 11.08 12.33 1.94
CA ASP C 506 9.75 12.88 2.14
C ASP C 506 9.52 14.00 1.13
N ASN C 507 8.28 14.15 0.68
CA ASN C 507 7.93 15.18 -0.28
C ASN C 507 7.35 16.36 0.48
N VAL C 508 8.01 17.51 0.38
CA VAL C 508 7.68 18.70 1.18
C VAL C 508 7.45 19.87 0.25
N ARG C 509 6.30 20.52 0.37
CA ARG C 509 5.95 21.66 -0.46
C ARG C 509 5.40 22.78 0.41
N ASN C 510 5.77 24.02 0.06
CA ASN C 510 5.26 25.22 0.72
C ASN C 510 5.49 25.17 2.23
N VAL C 511 6.68 24.72 2.62
CA VAL C 511 7.11 24.74 4.02
C VAL C 511 8.36 25.60 4.10
N GLU C 512 8.35 26.58 5.01
CA GLU C 512 9.40 27.58 5.07
C GLU C 512 10.41 27.38 6.19
N ASN C 513 10.08 26.58 7.21
CA ASN C 513 10.96 26.41 8.35
C ASN C 513 11.22 24.93 8.59
N VAL C 514 12.44 24.61 9.03
CA VAL C 514 12.85 23.25 9.34
C VAL C 514 13.55 23.24 10.69
N ILE C 515 13.32 22.20 11.47
CA ILE C 515 14.02 21.97 12.73
C ILE C 515 14.71 20.61 12.65
N GLY C 516 16.00 20.58 12.96
CA GLY C 516 16.80 19.39 12.78
C GLY C 516 16.73 18.44 13.95
N THR C 517 17.73 17.57 14.04
CA THR C 517 17.80 16.52 15.04
C THR C 517 19.00 16.76 15.96
N SER C 518 19.23 15.81 16.87
CA SER C 518 20.36 15.91 17.78
C SER C 518 21.70 15.59 17.10
N MET C 519 21.66 14.82 16.01
CA MET C 519 22.87 14.53 15.25
C MET C 519 23.16 15.66 14.27
N LYS C 520 24.24 15.51 13.51
CA LYS C 520 24.56 16.51 12.51
C LYS C 520 23.59 16.43 11.34
N ASP C 521 23.31 17.56 10.72
CA ASP C 521 22.34 17.63 9.63
C ASP C 521 22.83 18.61 8.57
N VAL C 522 22.13 18.60 7.43
CA VAL C 522 22.35 19.56 6.36
C VAL C 522 21.02 20.23 6.07
N LEU C 523 20.98 21.55 6.18
CA LEU C 523 19.78 22.34 5.99
C LEU C 523 19.99 23.34 4.87
N ILE C 524 19.08 23.37 3.90
CA ILE C 524 19.18 24.24 2.73
C ILE C 524 17.85 24.93 2.53
N GLY C 525 17.89 26.24 2.32
CA GLY C 525 16.70 27.04 2.14
C GLY C 525 16.29 27.17 0.68
N ASP C 526 15.54 28.23 0.40
CA ASP C 526 15.01 28.47 -0.94
C ASP C 526 14.95 29.98 -1.16
N ALA C 527 14.20 30.41 -2.18
CA ALA C 527 14.12 31.83 -2.51
C ALA C 527 13.30 32.63 -1.51
N GLN C 528 12.60 31.98 -0.60
CA GLN C 528 11.78 32.68 0.38
C GLN C 528 12.55 32.90 1.68
N ALA C 529 11.87 33.47 2.67
CA ALA C 529 12.45 33.67 3.99
C ALA C 529 12.28 32.42 4.83
N ASN C 530 13.38 31.85 5.29
CA ASN C 530 13.36 30.57 6.02
C ASN C 530 13.95 30.75 7.40
N THR C 531 13.41 29.99 8.36
CA THR C 531 13.99 29.87 9.69
C THR C 531 14.51 28.44 9.84
N LEU C 532 15.83 28.31 10.00
CA LEU C 532 16.49 27.01 10.03
C LEU C 532 17.18 26.85 11.37
N MET C 533 16.87 25.76 12.06
CA MET C 533 17.47 25.45 13.36
C MET C 533 18.14 24.09 13.29
N GLY C 534 19.39 24.03 13.73
CA GLY C 534 20.15 22.81 13.65
C GLY C 534 20.12 21.95 14.89
N GLN C 535 19.83 22.54 16.05
CA GLN C 535 19.84 21.84 17.34
C GLN C 535 21.26 21.32 17.58
N GLY C 536 21.39 20.14 18.19
CA GLY C 536 22.69 19.61 18.53
C GLY C 536 23.43 19.05 17.32
N GLY C 537 24.70 18.73 17.55
CA GLY C 537 25.55 18.19 16.51
C GLY C 537 26.27 19.26 15.73
N ASP C 538 27.11 18.80 14.80
CA ASP C 538 27.92 19.67 13.94
C ASP C 538 27.19 19.85 12.62
N ASP C 539 26.33 20.86 12.55
CA ASP C 539 25.44 21.04 11.42
C ASP C 539 26.02 22.01 10.40
N THR C 540 25.42 21.99 9.20
CA THR C 540 25.69 22.96 8.16
C THR C 540 24.35 23.51 7.66
N VAL C 541 24.28 24.84 7.55
CA VAL C 541 23.04 25.53 7.22
C VAL C 541 23.32 26.52 6.09
N ARG C 542 22.51 26.46 5.04
CA ARG C 542 22.58 27.39 3.93
C ARG C 542 21.20 28.00 3.73
N GLY C 543 21.13 29.33 3.78
CA GLY C 543 19.85 30.02 3.75
C GLY C 543 19.32 30.30 2.35
N GLY C 544 20.20 30.30 1.36
CA GLY C 544 19.72 30.63 0.03
C GLY C 544 19.37 32.10 -0.09
N ASP C 545 18.48 32.39 -1.03
CA ASP C 545 18.06 33.76 -1.27
C ASP C 545 17.02 34.21 -0.25
N GLY C 546 16.90 35.52 -0.08
CA GLY C 546 15.95 36.11 0.83
C GLY C 546 16.57 36.46 2.17
N ASP C 547 15.71 36.96 3.06
CA ASP C 547 16.10 37.35 4.41
C ASP C 547 15.79 36.19 5.35
N ASP C 548 16.82 35.49 5.81
CA ASP C 548 16.66 34.28 6.61
C ASP C 548 17.06 34.51 8.06
N LEU C 549 16.76 33.52 8.88
CA LEU C 549 17.07 33.51 10.31
C LEU C 549 17.61 32.13 10.64
N LEU C 550 18.93 32.01 10.75
CA LEU C 550 19.61 30.73 10.87
C LEU C 550 20.14 30.53 12.29
N PHE C 551 19.85 29.37 12.86
CA PHE C 551 20.27 29.02 14.21
C PHE C 551 21.20 27.81 14.17
N GLY C 552 22.27 27.85 14.96
CA GLY C 552 23.23 26.78 14.97
C GLY C 552 23.03 25.78 16.09
N GLY C 553 22.82 26.28 17.30
CA GLY C 553 22.66 25.40 18.45
C GLY C 553 23.98 24.90 18.99
N ASP C 554 23.88 23.92 19.89
CA ASP C 554 25.07 23.33 20.49
C ASP C 554 25.84 22.52 19.46
N GLY C 555 27.17 22.52 19.61
CA GLY C 555 28.06 21.90 18.65
C GLY C 555 28.71 22.92 17.73
N ASN C 556 29.61 22.41 16.89
CA ASN C 556 30.39 23.24 15.98
C ASN C 556 29.70 23.28 14.62
N ASP C 557 29.15 24.43 14.26
CA ASP C 557 28.26 24.53 13.11
C ASP C 557 28.84 25.44 12.03
N MET C 558 28.38 25.20 10.80
CA MET C 558 28.77 25.94 9.61
C MET C 558 27.51 26.66 9.13
N LEU C 559 27.49 27.99 9.20
CA LEU C 559 26.33 28.75 8.77
C LEU C 559 26.67 29.65 7.60
N TYR C 560 25.88 29.57 6.53
CA TYR C 560 26.04 30.39 5.34
C TYR C 560 24.76 31.17 5.10
N GLY C 561 24.89 32.49 4.95
CA GLY C 561 23.72 33.32 4.79
C GLY C 561 23.26 33.49 3.36
N ASP C 562 24.20 33.43 2.41
CA ASP C 562 23.93 33.62 0.99
C ASP C 562 23.29 34.98 0.75
N ALA C 563 22.57 35.13 -0.37
CA ALA C 563 22.01 36.41 -0.75
C ALA C 563 20.90 36.83 0.20
N GLY C 564 20.76 38.13 0.39
CA GLY C 564 19.71 38.70 1.21
C GLY C 564 20.26 39.34 2.48
N ASN C 565 19.33 39.77 3.32
CA ASN C 565 19.64 40.41 4.60
C ASN C 565 19.37 39.40 5.70
N ASP C 566 20.43 38.70 6.14
CA ASP C 566 20.26 37.54 7.00
C ASP C 566 20.63 37.86 8.45
N THR C 567 20.15 37.00 9.34
CA THR C 567 20.44 37.06 10.76
C THR C 567 21.00 35.72 11.20
N LEU C 568 22.23 35.73 11.74
CA LEU C 568 22.95 34.51 12.06
C LEU C 568 23.20 34.43 13.56
N TYR C 569 22.78 33.32 14.16
CA TYR C 569 23.08 33.00 15.56
C TYR C 569 23.87 31.70 15.58
N GLY C 570 25.00 31.71 16.28
CA GLY C 570 25.85 30.54 16.32
C GLY C 570 25.55 29.59 17.46
N GLY C 571 25.38 30.13 18.66
CA GLY C 571 25.13 29.30 19.82
C GLY C 571 26.42 28.81 20.46
N LEU C 572 26.28 27.78 21.29
CA LEU C 572 27.43 27.18 21.94
C LEU C 572 28.33 26.48 20.93
N GLY C 573 29.59 26.34 21.29
CA GLY C 573 30.57 25.67 20.46
C GLY C 573 31.29 26.63 19.51
N ASP C 574 32.31 26.08 18.86
CA ASP C 574 33.15 26.85 17.94
C ASP C 574 32.55 26.80 16.56
N ASP C 575 32.07 27.94 16.07
CA ASP C 575 31.37 28.03 14.80
C ASP C 575 32.05 29.03 13.88
N THR C 576 31.74 28.95 12.59
CA THR C 576 32.09 29.99 11.65
C THR C 576 30.82 30.46 10.95
N LEU C 577 30.72 31.78 10.77
CA LEU C 577 29.53 32.40 10.20
C LEU C 577 29.95 33.34 9.08
N GLU C 578 29.33 33.19 7.92
CA GLU C 578 29.46 34.17 6.84
C GLU C 578 28.11 34.42 6.22
N GLY C 579 27.79 35.70 6.02
CA GLY C 579 26.50 36.09 5.51
C GLY C 579 26.48 36.34 4.02
N GLY C 580 27.64 36.57 3.43
CA GLY C 580 27.70 36.79 1.99
C GLY C 580 27.20 38.18 1.61
N ALA C 581 26.60 38.25 0.43
CA ALA C 581 26.05 39.51 -0.07
C ALA C 581 24.87 39.96 0.78
N GLY C 582 24.65 41.27 0.80
CA GLY C 582 23.60 41.84 1.62
C GLY C 582 24.09 42.27 2.99
N ASN C 583 23.18 42.87 3.74
CA ASN C 583 23.50 43.42 5.04
C ASN C 583 23.10 42.42 6.12
N ASP C 584 24.09 41.90 6.83
CA ASP C 584 23.88 40.79 7.76
C ASP C 584 24.02 41.23 9.20
N TRP C 585 23.66 40.33 10.11
CA TRP C 585 23.64 40.61 11.53
C TRP C 585 24.10 39.37 12.29
N PHE C 586 25.04 39.55 13.22
CA PHE C 586 25.60 38.45 13.99
C PHE C 586 25.38 38.70 15.48
N GLY C 587 25.05 37.64 16.21
CA GLY C 587 24.86 37.74 17.65
C GLY C 587 25.72 36.79 18.46
N GLN C 588 26.54 37.32 19.35
CA GLN C 588 27.48 36.55 20.14
C GLN C 588 27.16 36.69 21.62
N THR C 589 27.68 35.75 22.42
CA THR C 589 27.22 35.57 23.79
C THR C 589 28.31 35.71 24.85
N GLN C 590 29.52 36.14 24.48
CA GLN C 590 30.59 36.43 25.44
C GLN C 590 30.93 35.21 26.30
N ALA C 591 31.00 34.04 25.67
CA ALA C 591 31.37 32.82 26.35
C ALA C 591 32.82 32.45 26.03
N ARG C 592 33.30 31.36 26.63
CA ARG C 592 34.67 30.90 26.41
C ARG C 592 34.68 29.96 25.22
N GLU C 593 34.74 30.54 24.03
CA GLU C 593 34.75 29.77 22.79
C GLU C 593 35.31 30.64 21.69
N HIS C 594 35.75 29.99 20.61
CA HIS C 594 36.39 30.67 19.49
C HIS C 594 35.51 30.53 18.26
N ASP C 595 35.16 31.67 17.65
CA ASP C 595 34.33 31.69 16.46
C ASP C 595 34.99 32.50 15.36
N VAL C 596 34.67 32.16 14.11
CA VAL C 596 35.19 32.85 12.94
C VAL C 596 34.02 33.54 12.25
N LEU C 597 34.15 34.85 12.04
CA LEU C 597 33.09 35.67 11.48
C LEU C 597 33.56 36.29 10.17
N ARG C 598 32.76 36.15 9.12
CA ARG C 598 33.07 36.71 7.83
C ARG C 598 31.88 37.51 7.32
N GLY C 599 32.07 38.82 7.16
CA GLY C 599 31.07 39.66 6.55
C GLY C 599 31.49 40.02 5.13
N GLY C 600 30.68 39.58 4.16
CA GLY C 600 30.97 39.83 2.77
C GLY C 600 30.62 41.24 2.35
N ASP C 601 30.05 41.38 1.16
CA ASP C 601 29.63 42.68 0.65
C ASP C 601 28.48 43.25 1.49
N GLY C 602 28.40 44.57 1.54
CA GLY C 602 27.39 45.26 2.32
C GLY C 602 27.88 45.60 3.71
N VAL C 603 27.08 46.39 4.42
CA VAL C 603 27.41 46.81 5.78
C VAL C 603 26.85 45.76 6.75
N ASP C 604 27.71 45.26 7.63
CA ASP C 604 27.37 44.15 8.50
C ASP C 604 27.62 44.54 9.95
N THR C 605 26.94 43.85 10.85
CA THR C 605 26.89 44.22 12.26
C THR C 605 27.19 43.01 13.14
N VAL C 606 27.93 43.25 14.21
CA VAL C 606 28.17 42.25 15.24
C VAL C 606 27.68 42.82 16.58
N ASP C 607 27.06 41.98 17.38
CA ASP C 607 26.43 42.40 18.63
C ASP C 607 26.84 41.46 19.75
N TYR C 608 27.17 42.05 20.90
CA TYR C 608 27.53 41.27 22.07
C TYR C 608 26.59 41.60 23.24
N LEU C 624 34.43 42.29 33.03
CA LEU C 624 34.83 43.17 31.95
C LEU C 624 34.03 42.87 30.68
N GLY C 625 34.07 43.80 29.73
CA GLY C 625 33.40 43.61 28.46
C GLY C 625 34.30 43.02 27.40
N ILE C 626 34.21 43.56 26.19
CA ILE C 626 34.98 43.04 25.05
C ILE C 626 36.05 44.03 24.65
N LEU C 627 37.12 43.53 24.07
CA LEU C 627 38.16 44.32 23.43
C LEU C 627 38.12 44.00 21.95
N ALA C 628 37.62 44.93 21.14
CA ALA C 628 37.41 44.72 19.72
C ALA C 628 38.34 45.64 18.93
N ASP C 629 39.07 45.06 17.99
CA ASP C 629 39.96 45.81 17.11
C ASP C 629 39.73 45.30 15.69
N LEU C 630 38.83 45.96 14.97
CA LEU C 630 38.53 45.55 13.61
C LEU C 630 39.72 45.72 12.67
N GLY C 631 40.63 46.65 12.99
CA GLY C 631 41.81 46.82 12.17
C GLY C 631 42.72 45.60 12.20
N ALA C 632 42.92 45.03 13.38
CA ALA C 632 43.72 43.82 13.53
C ALA C 632 42.92 42.54 13.30
N GLY C 633 41.61 42.65 13.08
CA GLY C 633 40.80 41.49 12.81
C GLY C 633 40.60 40.55 13.98
N ARG C 634 40.69 41.08 15.20
CA ARG C 634 40.57 40.25 16.39
C ARG C 634 39.69 40.93 17.42
N VAL C 635 38.82 40.15 18.06
CA VAL C 635 38.00 40.61 19.17
C VAL C 635 38.19 39.66 20.33
N ASP C 636 38.52 40.19 21.50
CA ASP C 636 38.66 39.39 22.72
C ASP C 636 37.40 39.54 23.55
N LYS C 637 36.79 38.40 23.90
CA LYS C 637 35.45 38.43 24.46
C LYS C 637 35.44 38.90 25.91
N LEU C 638 36.43 38.52 26.70
CA LEU C 638 36.46 38.85 28.11
C LEU C 638 37.30 40.07 28.43
N GLY C 639 37.69 40.84 27.41
CA GLY C 639 38.32 42.13 27.62
C GLY C 639 39.83 42.12 27.68
N GLU C 640 40.48 40.96 27.65
CA GLU C 640 41.92 40.87 27.77
C GLU C 640 42.53 40.36 26.47
N ALA C 641 43.52 41.08 25.95
CA ALA C 641 44.15 40.70 24.70
C ALA C 641 44.93 39.40 24.84
N GLY C 642 44.94 38.61 23.78
CA GLY C 642 45.67 37.37 23.75
C GLY C 642 44.99 36.18 24.40
N SER C 643 43.73 36.32 24.81
CA SER C 643 43.05 35.25 25.52
C SER C 643 42.68 34.10 24.57
N SER C 644 42.26 32.99 25.17
CA SER C 644 41.80 31.84 24.42
C SER C 644 40.34 31.95 24.00
N ALA C 645 39.62 32.94 24.51
CA ALA C 645 38.24 33.22 24.12
C ALA C 645 38.26 34.46 23.22
N TYR C 646 38.30 34.24 21.91
CA TYR C 646 38.44 35.34 20.97
C TYR C 646 37.72 34.98 19.67
N ASP C 647 37.45 36.00 18.87
CA ASP C 647 36.78 35.84 17.59
C ASP C 647 37.64 36.39 16.47
N THR C 648 37.49 35.80 15.28
CA THR C 648 38.15 36.28 14.08
C THR C 648 37.13 37.03 13.23
N VAL C 649 37.41 38.30 12.97
CA VAL C 649 36.45 39.22 12.35
C VAL C 649 37.05 39.77 11.07
N SER C 650 36.28 39.73 9.99
CA SER C 650 36.71 40.30 8.71
C SER C 650 35.49 40.78 7.95
N GLY C 651 35.56 42.02 7.46
CA GLY C 651 34.48 42.57 6.66
C GLY C 651 33.27 43.02 7.44
N ILE C 652 33.45 43.48 8.67
CA ILE C 652 32.35 43.95 9.51
C ILE C 652 32.60 45.42 9.82
N GLU C 653 31.58 46.26 9.63
CA GLU C 653 31.71 47.70 9.74
C GLU C 653 31.15 48.27 11.03
N ASN C 654 30.08 47.68 11.57
CA ASN C 654 29.41 48.20 12.75
C ASN C 654 29.55 47.23 13.90
N VAL C 655 29.72 47.76 15.11
CA VAL C 655 29.88 46.96 16.32
C VAL C 655 28.93 47.50 17.39
N VAL C 656 28.30 46.59 18.12
CA VAL C 656 27.46 46.92 19.27
C VAL C 656 28.07 46.26 20.50
N GLY C 657 28.34 47.06 21.53
CA GLY C 657 29.04 46.59 22.71
C GLY C 657 28.12 45.94 23.73
N THR C 658 28.70 45.67 24.89
CA THR C 658 28.02 45.03 26.00
C THR C 658 27.62 46.09 27.03
N GLU C 659 26.70 45.72 27.92
CA GLU C 659 26.33 46.59 29.02
C GLU C 659 27.47 46.80 30.01
N LEU C 660 28.53 46.01 29.93
CA LEU C 660 29.72 46.20 30.74
C LEU C 660 30.65 47.21 30.06
N ALA C 661 31.89 47.30 30.53
CA ALA C 661 32.86 48.25 29.98
C ALA C 661 33.61 47.62 28.81
N ASP C 662 33.55 48.27 27.65
CA ASP C 662 34.11 47.72 26.42
C ASP C 662 35.16 48.65 25.84
N ARG C 663 35.94 48.10 24.91
CA ARG C 663 36.94 48.86 24.15
C ARG C 663 36.80 48.48 22.69
N ILE C 664 36.32 49.40 21.87
CA ILE C 664 36.05 49.15 20.45
C ILE C 664 36.91 50.10 19.62
N THR C 665 37.59 49.55 18.62
CA THR C 665 38.37 50.33 17.68
C THR C 665 37.97 49.95 16.26
N GLY C 666 37.83 50.94 15.40
CA GLY C 666 37.37 50.73 14.04
C GLY C 666 38.51 50.75 13.03
N ASP C 667 38.23 50.13 11.88
CA ASP C 667 39.20 50.00 10.81
C ASP C 667 39.18 51.24 9.93
N ALA C 668 39.82 51.15 8.75
CA ALA C 668 39.93 52.29 7.85
C ALA C 668 38.65 52.60 7.10
N GLN C 669 37.63 51.75 7.19
CA GLN C 669 36.38 51.97 6.47
C GLN C 669 35.46 52.87 7.31
N ALA C 670 34.22 53.05 6.85
CA ALA C 670 33.24 53.82 7.60
C ALA C 670 32.59 52.94 8.66
N ASN C 671 32.60 53.39 9.91
CA ASN C 671 32.17 52.59 11.04
C ASN C 671 31.14 53.33 11.87
N VAL C 672 30.13 52.60 12.32
CA VAL C 672 29.19 53.09 13.33
C VAL C 672 29.38 52.20 14.56
N LEU C 673 29.88 52.78 15.63
CA LEU C 673 30.23 52.04 16.84
C LEU C 673 29.30 52.43 17.97
N ARG C 674 28.68 51.44 18.60
CA ARG C 674 27.73 51.65 19.68
C ARG C 674 28.23 50.94 20.93
N GLY C 675 28.27 51.66 22.04
CA GLY C 675 28.85 51.15 23.26
C GLY C 675 27.84 50.71 24.31
N ALA C 676 26.63 51.24 24.24
CA ALA C 676 25.55 50.91 25.17
C ALA C 676 25.98 51.24 26.60
N GLY C 677 25.48 50.50 27.58
CA GLY C 677 25.74 50.83 28.97
C GLY C 677 27.15 50.50 29.41
N GLY C 678 27.58 51.18 30.47
CA GLY C 678 28.92 51.02 31.01
C GLY C 678 29.87 52.10 30.55
N ALA C 679 31.08 52.03 31.09
CA ALA C 679 32.14 52.98 30.76
C ALA C 679 32.94 52.45 29.57
N ASP C 680 32.73 53.04 28.40
CA ASP C 680 33.26 52.51 27.16
C ASP C 680 34.32 53.44 26.57
N VAL C 681 35.29 52.83 25.91
CA VAL C 681 36.35 53.54 25.21
C VAL C 681 36.19 53.25 23.72
N LEU C 682 36.03 54.30 22.91
CA LEU C 682 35.72 54.15 21.50
C LEU C 682 36.71 54.94 20.65
N ALA C 683 37.28 54.29 19.64
CA ALA C 683 38.15 54.93 18.68
C ALA C 683 37.70 54.55 17.28
N GLY C 684 37.61 55.53 16.39
CA GLY C 684 37.05 55.31 15.07
C GLY C 684 38.07 55.09 13.97
N GLY C 685 39.33 55.38 14.25
CA GLY C 685 40.33 55.26 13.21
C GLY C 685 40.20 56.36 12.17
N GLU C 686 40.47 56.01 10.92
CA GLU C 686 40.40 56.94 9.81
C GLU C 686 39.10 56.77 9.03
N GLY C 687 38.74 57.82 8.29
CA GLY C 687 37.52 57.83 7.53
C GLY C 687 36.34 58.42 8.31
N ASP C 688 35.22 58.56 7.61
CA ASP C 688 34.00 59.10 8.21
C ASP C 688 33.34 58.04 9.08
N ASP C 689 33.14 58.37 10.36
CA ASP C 689 32.61 57.42 11.33
C ASP C 689 31.55 58.09 12.19
N VAL C 690 30.67 57.26 12.76
CA VAL C 690 29.65 57.70 13.69
C VAL C 690 29.84 56.94 14.99
N LEU C 691 29.94 57.67 16.10
CA LEU C 691 30.21 57.07 17.41
C LEU C 691 29.03 57.35 18.34
N LEU C 692 28.62 56.32 19.10
CA LEU C 692 27.52 56.45 20.04
C LEU C 692 27.91 55.75 21.33
N GLY C 693 28.10 56.51 22.40
CA GLY C 693 28.58 55.96 23.65
C GLY C 693 27.51 55.50 24.62
N GLY C 694 26.27 55.95 24.40
CA GLY C 694 25.18 55.52 25.25
C GLY C 694 25.30 56.04 26.67
N ASP C 695 24.75 55.27 27.61
CA ASP C 695 24.78 55.64 29.02
C ASP C 695 26.19 55.49 29.59
N GLY C 696 26.41 56.13 30.74
CA GLY C 696 27.69 56.07 31.40
C GLY C 696 28.67 57.10 30.87
N ASP C 697 29.85 57.11 31.48
CA ASP C 697 30.93 58.01 31.09
C ASP C 697 31.83 57.33 30.06
N ASP C 698 31.85 57.88 28.84
CA ASP C 698 32.55 57.29 27.72
C ASP C 698 33.62 58.24 27.20
N GLN C 699 34.61 57.66 26.51
CA GLN C 699 35.72 58.41 25.93
C GLN C 699 35.76 58.13 24.43
N LEU C 700 35.84 59.20 23.63
CA LEU C 700 35.75 59.08 22.19
C LEU C 700 36.96 59.72 21.54
N SER C 701 37.37 59.16 20.40
CA SER C 701 38.57 59.61 19.70
C SER C 701 38.27 60.24 18.35
N GLY C 702 37.65 59.51 17.43
CA GLY C 702 37.46 60.00 16.07
C GLY C 702 38.76 60.48 15.44
N ASP C 703 39.67 59.54 15.17
CA ASP C 703 41.06 59.91 14.88
C ASP C 703 41.18 60.77 13.63
N ALA C 704 40.62 60.31 12.52
CA ALA C 704 40.82 60.97 11.24
C ALA C 704 39.52 60.97 10.44
N GLY C 705 39.45 61.89 9.49
CA GLY C 705 38.29 62.03 8.64
C GLY C 705 37.22 62.92 9.21
N ARG C 706 36.13 63.05 8.46
CA ARG C 706 34.99 63.88 8.85
C ARG C 706 34.05 63.00 9.66
N ASP C 707 34.19 63.05 10.98
CA ASP C 707 33.41 62.25 11.90
C ASP C 707 32.37 63.09 12.63
N ARG C 708 31.32 62.41 13.08
CA ARG C 708 30.31 63.02 13.95
C ARG C 708 30.20 62.18 15.21
N LEU C 709 30.35 62.82 16.37
CA LEU C 709 30.45 62.13 17.65
C LEU C 709 29.28 62.52 18.54
N TYR C 710 28.63 61.51 19.11
CA TYR C 710 27.55 61.69 20.07
C TYR C 710 27.97 61.05 21.38
N GLY C 711 27.66 61.72 22.49
CA GLY C 711 28.08 61.23 23.79
C GLY C 711 26.98 60.65 24.64
N GLU C 712 25.75 61.13 24.43
CA GLU C 712 24.58 60.71 25.20
C GLU C 712 24.73 61.02 26.67
N ALA C 713 23.96 60.33 27.52
CA ALA C 713 23.97 60.61 28.95
C ALA C 713 25.29 60.18 29.58
N GLY C 714 25.78 61.01 30.49
CA GLY C 714 26.98 60.72 31.25
C GLY C 714 28.03 61.80 31.11
N ASP C 715 29.10 61.64 31.88
CA ASP C 715 30.24 62.56 31.85
C ASP C 715 31.21 62.11 30.77
N ASP C 716 30.92 62.53 29.54
CA ASP C 716 31.66 62.07 28.36
C ASP C 716 32.87 62.94 28.10
N TRP C 717 33.91 62.33 27.57
CA TRP C 717 35.17 63.00 27.24
C TRP C 717 35.46 62.85 25.76
N PHE C 718 35.93 63.93 25.14
CA PHE C 718 36.17 63.97 23.70
C PHE C 718 37.63 64.32 23.44
N PHE C 719 38.21 63.64 22.45
CA PHE C 719 39.52 63.97 21.93
C PHE C 719 39.39 64.37 20.47
N GLN C 720 39.98 65.49 20.09
CA GLN C 720 39.88 65.97 18.72
C GLN C 720 41.16 66.69 18.34
N ASP C 721 41.53 66.58 17.06
CA ASP C 721 42.70 67.25 16.53
C ASP C 721 42.30 68.63 16.01
N ALA C 722 43.08 69.65 16.38
CA ALA C 722 42.77 71.01 15.98
C ALA C 722 42.95 71.24 14.48
N ALA C 723 43.76 70.43 13.82
CA ALA C 723 43.98 70.57 12.38
C ALA C 723 42.95 69.80 11.56
N ASN C 724 42.08 69.02 12.18
CA ASN C 724 41.05 68.29 11.47
C ASN C 724 39.84 69.20 11.20
N ALA C 725 39.14 68.91 10.11
CA ALA C 725 38.01 69.73 9.68
C ALA C 725 36.84 68.84 9.31
N GLY C 726 35.64 69.41 9.41
CA GLY C 726 34.43 68.68 9.06
C GLY C 726 33.89 67.78 10.14
N ASN C 727 34.12 68.11 11.41
CA ASN C 727 33.70 67.27 12.52
C ASN C 727 32.46 67.85 13.22
N LEU C 728 31.73 66.97 13.89
CA LEU C 728 30.56 67.35 14.67
C LEU C 728 30.63 66.66 16.03
N LEU C 729 30.33 67.43 17.08
CA LEU C 729 30.35 66.93 18.45
C LEU C 729 29.03 67.28 19.14
N ASP C 730 28.61 66.40 20.04
CA ASP C 730 27.35 66.60 20.77
C ASP C 730 27.47 65.82 22.09
N GLY C 731 27.72 66.54 23.17
CA GLY C 731 27.95 65.89 24.46
C GLY C 731 26.72 65.37 25.14
N GLY C 732 25.54 65.87 24.79
CA GLY C 732 24.32 65.41 25.43
C GLY C 732 24.20 65.89 26.86
N ASP C 733 23.63 65.03 27.70
CA ASP C 733 23.38 65.36 29.10
C ASP C 733 24.61 65.08 29.95
N GLY C 734 25.04 66.06 30.72
CA GLY C 734 26.14 65.91 31.64
C GLY C 734 27.21 66.97 31.43
N ARG C 735 28.25 66.87 32.26
CA ARG C 735 29.39 67.78 32.19
C ARG C 735 30.44 67.20 31.23
N ASP C 736 30.17 67.37 29.94
CA ASP C 736 31.05 66.82 28.92
C ASP C 736 32.27 67.72 28.73
N THR C 737 33.43 67.10 28.51
CA THR C 737 34.70 67.81 28.39
C THR C 737 35.31 67.50 27.02
N VAL C 738 35.84 68.53 26.38
CA VAL C 738 36.54 68.40 25.11
C VAL C 738 38.02 68.70 25.34
N ASP C 739 38.87 67.86 24.74
CA ASP C 739 40.32 67.98 24.89
C ASP C 739 40.94 68.17 23.53
N PHE C 740 41.66 69.29 23.35
CA PHE C 740 42.36 69.59 22.12
C PHE C 740 43.85 69.31 22.20
N SER C 741 44.31 68.69 23.29
CA SER C 741 45.72 68.40 23.48
C SER C 741 46.16 67.10 22.81
N GLY C 742 45.25 66.37 22.19
CA GLY C 742 45.59 65.13 21.52
C GLY C 742 46.43 65.34 20.26
N GLN D 3 54.22 59.98 20.62
CA GLN D 3 55.60 60.19 21.03
C GLN D 3 55.80 59.82 22.49
N LEU D 4 56.81 59.00 22.77
CA LEU D 4 57.11 58.53 24.10
C LEU D 4 58.51 58.97 24.50
N LYS D 5 58.65 59.48 25.72
CA LYS D 5 59.92 59.94 26.26
C LYS D 5 60.38 58.96 27.34
N GLN D 6 61.64 58.54 27.24
CA GLN D 6 62.21 57.55 28.14
C GLN D 6 63.34 58.16 28.95
N SER D 7 63.72 57.44 30.01
CA SER D 7 64.81 57.89 30.86
C SER D 7 66.16 57.74 30.15
N GLY D 8 67.16 58.42 30.68
CA GLY D 8 68.48 58.39 30.10
C GLY D 8 69.22 57.11 30.42
N PRO D 9 70.46 57.03 29.95
CA PRO D 9 71.26 55.83 30.18
C PRO D 9 71.55 55.64 31.66
N GLU D 10 71.70 54.38 32.06
CA GLU D 10 71.88 54.02 33.46
C GLU D 10 73.08 53.09 33.60
N LEU D 11 73.86 53.29 34.66
CA LEU D 11 74.97 52.42 35.02
C LEU D 11 74.68 51.79 36.36
N VAL D 12 74.81 50.46 36.45
CA VAL D 12 74.47 49.74 37.66
C VAL D 12 75.49 48.62 37.87
N LYS D 13 75.68 48.21 39.16
CA LYS D 13 76.48 47.08 39.61
C LYS D 13 75.64 45.81 39.64
N PRO D 14 76.26 44.66 39.43
CA PRO D 14 75.49 43.40 39.43
C PRO D 14 74.81 43.14 40.77
N GLY D 15 73.62 42.56 40.70
CA GLY D 15 72.86 42.22 41.89
C GLY D 15 71.90 43.29 42.37
N ALA D 16 71.96 44.50 41.81
CA ALA D 16 71.10 45.59 42.24
C ALA D 16 69.80 45.58 41.44
N SER D 17 69.02 46.66 41.56
CA SER D 17 67.75 46.80 40.86
C SER D 17 67.66 48.20 40.25
N VAL D 18 67.01 48.28 39.10
CA VAL D 18 66.88 49.52 38.35
C VAL D 18 65.44 49.66 37.88
N ARG D 19 64.89 50.86 38.02
CA ARG D 19 63.56 51.19 37.50
C ARG D 19 63.68 52.15 36.33
N MET D 20 62.95 51.86 35.25
CA MET D 20 62.97 52.66 34.04
C MET D 20 61.62 53.34 33.84
N SER D 21 61.64 54.50 33.20
CA SER D 21 60.46 55.33 33.02
C SER D 21 60.12 55.46 31.54
N CYS D 22 58.82 55.59 31.26
CA CYS D 22 58.32 55.82 29.91
C CYS D 22 57.11 56.73 30.02
N LYS D 23 57.19 57.91 29.41
CA LYS D 23 56.19 58.95 29.56
C LYS D 23 55.52 59.26 28.22
N GLY D 24 54.21 59.46 28.26
CA GLY D 24 53.45 59.78 27.07
C GLY D 24 52.38 60.83 27.33
N SER D 25 51.21 60.64 26.74
CA SER D 25 50.10 61.57 26.87
C SER D 25 48.83 60.83 27.25
N GLY D 26 47.78 61.60 27.50
CA GLY D 26 46.52 61.01 27.95
C GLY D 26 45.87 60.13 26.89
N TYR D 27 45.96 60.54 25.63
CA TYR D 27 45.37 59.75 24.54
C TYR D 27 45.99 58.37 24.48
N SER D 28 47.32 58.30 24.55
CA SER D 28 48.02 57.02 24.43
C SER D 28 47.69 56.09 25.60
N PHE D 29 47.74 56.62 26.83
CA PHE D 29 47.48 55.77 27.98
C PHE D 29 46.01 55.43 28.15
N THR D 30 45.11 56.21 27.53
CA THR D 30 43.69 55.91 27.64
C THR D 30 43.24 54.90 26.60
N PHE D 31 43.76 55.01 25.37
CA PHE D 31 43.27 54.18 24.28
C PHE D 31 44.14 52.95 24.00
N HIS D 32 45.35 52.87 24.55
CA HIS D 32 46.29 51.83 24.19
C HIS D 32 46.93 51.19 25.42
N ASN D 33 47.34 49.94 25.26
CA ASN D 33 48.21 49.29 26.24
C ASN D 33 49.65 49.74 26.03
N ILE D 34 50.48 49.49 27.04
CA ILE D 34 51.90 49.84 27.00
C ILE D 34 52.71 48.55 27.05
N HIS D 35 53.57 48.34 26.05
CA HIS D 35 54.40 47.16 25.95
C HIS D 35 55.87 47.53 26.18
N TRP D 36 56.66 46.53 26.56
CA TRP D 36 58.09 46.70 26.78
C TRP D 36 58.87 45.67 25.97
N VAL D 37 59.88 46.12 25.24
CA VAL D 37 60.67 45.27 24.36
C VAL D 37 62.15 45.54 24.60
N LYS D 38 62.96 44.48 24.66
CA LYS D 38 64.39 44.58 24.84
C LYS D 38 65.11 44.26 23.54
N GLN D 39 66.40 44.62 23.49
CA GLN D 39 67.25 44.36 22.33
C GLN D 39 68.68 44.17 22.83
N ARG D 40 69.12 42.93 22.92
CA ARG D 40 70.50 42.65 23.30
C ARG D 40 71.44 43.05 22.17
N PRO D 41 72.68 43.42 22.50
CA PRO D 41 73.65 43.75 21.45
C PRO D 41 73.92 42.54 20.57
N GLY D 42 73.97 42.77 19.26
CA GLY D 42 74.15 41.69 18.31
C GLY D 42 73.04 40.66 18.32
N GLN D 43 71.81 41.08 18.61
CA GLN D 43 70.67 40.17 18.65
C GLN D 43 69.46 40.91 18.10
N GLY D 44 68.29 40.32 18.28
CA GLY D 44 67.03 40.87 17.78
C GLY D 44 66.21 41.50 18.88
N LEU D 45 64.89 41.32 18.79
CA LEU D 45 63.94 41.94 19.70
C LEU D 45 63.14 40.86 20.43
N GLU D 46 62.91 41.09 21.73
CA GLU D 46 62.15 40.15 22.55
C GLU D 46 61.08 40.91 23.33
N TRP D 47 59.89 40.30 23.42
CA TRP D 47 58.75 40.92 24.05
C TRP D 47 58.69 40.56 25.53
N ILE D 48 58.42 41.55 26.38
CA ILE D 48 58.40 41.34 27.83
C ILE D 48 56.97 41.19 28.32
N GLY D 49 56.15 42.22 28.12
CA GLY D 49 54.77 42.17 28.54
C GLY D 49 54.14 43.53 28.41
N TRP D 50 52.84 43.58 28.73
CA TRP D 50 52.08 44.82 28.67
C TRP D 50 51.33 45.04 29.98
N ILE D 51 50.97 46.30 30.21
CA ILE D 51 50.13 46.72 31.33
C ILE D 51 49.05 47.64 30.78
N TYR D 52 47.83 47.49 31.32
CA TYR D 52 46.72 48.34 30.90
C TYR D 52 46.65 49.53 31.84
N PRO D 53 46.93 50.75 31.37
CA PRO D 53 46.94 51.91 32.29
C PRO D 53 45.61 52.19 32.97
N GLY D 54 44.49 51.88 32.33
CA GLY D 54 43.19 52.18 32.92
C GLY D 54 42.90 51.39 34.17
N ASP D 55 43.34 50.13 34.23
CA ASP D 55 43.06 49.27 35.36
C ASP D 55 44.30 48.66 36.01
N GLY D 56 45.46 48.71 35.36
CA GLY D 56 46.66 48.16 35.94
C GLY D 56 46.86 46.67 35.77
N ASN D 57 45.98 45.99 35.03
CA ASN D 57 46.13 44.56 34.80
C ASN D 57 47.36 44.29 33.93
N THR D 58 48.00 43.16 34.18
CA THR D 58 49.28 42.85 33.56
C THR D 58 49.27 41.46 32.96
N LYS D 59 50.10 41.28 31.93
CA LYS D 59 50.38 39.99 31.33
C LYS D 59 51.88 39.93 31.03
N TYR D 60 52.51 38.81 31.39
CA TYR D 60 53.96 38.69 31.36
C TYR D 60 54.39 37.53 30.48
N ASN D 61 55.56 37.70 29.85
CA ASN D 61 56.21 36.59 29.20
C ASN D 61 56.70 35.60 30.25
N GLU D 62 56.56 34.31 29.96
CA GLU D 62 56.85 33.28 30.96
C GLU D 62 58.31 33.35 31.41
N LYS D 63 59.23 33.52 30.47
CA LYS D 63 60.66 33.52 30.80
C LYS D 63 61.13 34.82 31.44
N PHE D 64 60.27 35.83 31.53
CA PHE D 64 60.59 37.06 32.25
C PHE D 64 59.74 37.27 33.48
N LYS D 65 58.99 36.26 33.93
CA LYS D 65 58.05 36.44 35.01
C LYS D 65 58.75 36.79 36.32
N GLY D 66 59.85 36.09 36.62
CA GLY D 66 60.47 36.24 37.93
C GLY D 66 61.12 37.60 38.14
N LYS D 67 61.80 38.11 37.13
CA LYS D 67 62.66 39.29 37.29
C LYS D 67 61.98 40.60 36.92
N THR D 68 60.70 40.57 36.55
CA THR D 68 60.03 41.75 36.01
C THR D 68 58.78 42.07 36.81
N THR D 69 58.57 43.36 37.07
CA THR D 69 57.34 43.87 37.67
C THR D 69 56.95 45.15 36.94
N LEU D 70 55.71 45.21 36.47
CA LEU D 70 55.21 46.35 35.71
C LEU D 70 54.28 47.20 36.56
N THR D 71 54.52 48.50 36.55
CA THR D 71 53.70 49.45 37.30
C THR D 71 53.41 50.66 36.43
N VAL D 72 52.29 51.32 36.72
CA VAL D 72 51.83 52.45 35.93
C VAL D 72 51.32 53.53 36.87
N ASP D 73 51.55 54.78 36.50
CA ASP D 73 51.04 55.95 37.21
C ASP D 73 50.08 56.65 36.26
N LYS D 74 48.79 56.38 36.42
CA LYS D 74 47.79 56.93 35.52
C LYS D 74 47.71 58.45 35.61
N SER D 75 48.02 59.01 36.77
CA SER D 75 47.86 60.44 36.98
C SER D 75 48.80 61.26 36.11
N SER D 76 50.07 60.89 36.07
CA SER D 76 51.08 61.64 35.33
C SER D 76 51.45 60.98 34.01
N ASN D 77 50.75 59.92 33.62
CA ASN D 77 50.97 59.24 32.34
C ASN D 77 52.42 58.77 32.19
N THR D 78 52.90 58.05 33.21
CA THR D 78 54.24 57.49 33.21
C THR D 78 54.16 56.00 33.50
N ALA D 79 54.92 55.21 32.75
CA ALA D 79 54.98 53.77 32.94
C ALA D 79 56.35 53.39 33.47
N TYR D 80 56.38 52.43 34.39
CA TYR D 80 57.61 52.04 35.07
C TYR D 80 57.83 50.54 34.92
N MET D 81 59.08 50.15 34.68
CA MET D 81 59.50 48.76 34.67
C MET D 81 60.58 48.56 35.72
N LEU D 82 60.38 47.57 36.58
CA LEU D 82 61.32 47.27 37.67
C LEU D 82 62.07 45.99 37.34
N LEU D 83 63.39 46.08 37.29
CA LEU D 83 64.26 44.94 37.05
C LEU D 83 64.98 44.56 38.34
N SER D 84 65.07 43.26 38.60
CA SER D 84 65.65 42.76 39.83
C SER D 84 66.71 41.70 39.51
N SER D 85 67.70 41.61 40.40
CA SER D 85 68.78 40.63 40.30
C SER D 85 69.49 40.73 38.95
N LEU D 86 70.00 41.93 38.66
CA LEU D 86 70.61 42.21 37.37
C LEU D 86 71.85 41.34 37.16
N THR D 87 71.97 40.81 35.95
CA THR D 87 73.04 39.88 35.58
C THR D 87 73.65 40.37 34.26
N SER D 88 74.78 39.78 33.86
CA SER D 88 75.46 40.19 32.64
C SER D 88 74.61 39.96 31.39
N GLU D 89 73.58 39.11 31.48
CA GLU D 89 72.69 38.89 30.35
C GLU D 89 71.59 39.93 30.25
N ASP D 90 71.52 40.86 31.19
CA ASP D 90 70.48 41.88 31.22
C ASP D 90 70.94 43.22 30.65
N SER D 91 72.11 43.28 30.05
CA SER D 91 72.60 44.51 29.42
C SER D 91 72.04 44.57 28.00
N ALA D 92 71.19 45.56 27.74
CA ALA D 92 70.51 45.69 26.46
C ALA D 92 69.93 47.10 26.35
N ILE D 93 69.16 47.33 25.30
CA ILE D 93 68.43 48.57 25.09
C ILE D 93 66.95 48.26 25.20
N TYR D 94 66.24 48.98 26.06
CA TYR D 94 64.86 48.67 26.39
C TYR D 94 63.93 49.70 25.76
N PHE D 95 62.93 49.20 25.02
CA PHE D 95 61.97 50.03 24.30
C PHE D 95 60.62 49.95 24.97
N CYS D 96 59.88 51.06 24.96
CA CYS D 96 58.48 51.09 25.36
C CYS D 96 57.65 51.56 24.18
N ALA D 97 56.58 50.83 23.91
CA ALA D 97 55.69 51.14 22.79
C ALA D 97 54.25 50.92 23.21
N TYR D 98 53.34 51.64 22.57
CA TYR D 98 51.92 51.51 22.88
C TYR D 98 51.17 50.95 21.69
N GLY D 99 50.15 50.15 21.98
CA GLY D 99 49.33 49.51 20.99
C GLY D 99 48.66 48.29 21.54
N ASN D 100 47.56 47.90 20.89
CA ASN D 100 46.78 46.75 21.37
C ASN D 100 47.33 45.44 20.82
N TYR D 101 47.31 45.29 19.49
CA TYR D 101 47.85 44.11 18.84
C TYR D 101 49.06 44.40 17.97
N TYR D 102 49.26 45.65 17.58
CA TYR D 102 50.45 46.09 16.87
C TYR D 102 51.00 47.32 17.54
N PHE D 103 52.33 47.43 17.59
CA PHE D 103 53.00 48.51 18.29
C PHE D 103 53.11 49.70 17.34
N ASP D 104 52.43 50.80 17.69
CA ASP D 104 52.27 51.92 16.78
C ASP D 104 53.42 52.92 16.89
N GLN D 105 53.71 53.40 18.10
CA GLN D 105 54.78 54.36 18.32
C GLN D 105 55.80 53.79 19.29
N TRP D 106 57.07 53.93 18.94
CA TRP D 106 58.17 53.42 19.74
C TRP D 106 58.95 54.56 20.37
N GLY D 107 59.58 54.28 21.51
CA GLY D 107 60.43 55.24 22.15
C GLY D 107 61.81 55.31 21.51
N GLN D 108 62.64 56.18 22.06
CA GLN D 108 64.00 56.34 21.55
C GLN D 108 64.99 55.38 22.20
N GLY D 109 64.59 54.63 23.21
CA GLY D 109 65.44 53.60 23.77
C GLY D 109 66.19 54.06 25.00
N THR D 110 66.47 53.10 25.88
CA THR D 110 67.24 53.34 27.10
C THR D 110 68.30 52.26 27.24
N THR D 111 69.52 52.69 27.56
CA THR D 111 70.66 51.78 27.67
C THR D 111 70.89 51.39 29.12
N LEU D 112 71.05 50.09 29.36
CA LEU D 112 71.36 49.57 30.68
C LEU D 112 72.72 48.89 30.65
N THR D 113 73.59 49.26 31.58
CA THR D 113 74.96 48.74 31.63
C THR D 113 75.16 48.04 32.96
N VAL D 114 75.33 46.72 32.93
CA VAL D 114 75.52 45.90 34.11
C VAL D 114 76.99 45.49 34.15
N SER D 115 77.77 46.12 35.03
CA SER D 115 79.19 45.84 35.16
C SER D 115 79.68 46.44 36.47
N SER D 116 80.99 46.37 36.68
CA SER D 116 81.61 46.92 37.88
C SER D 116 82.99 47.50 37.57
N ILE E 1 55.22 30.32 19.21
CA ILE E 1 55.38 30.02 17.79
C ILE E 1 56.71 30.54 17.29
N GLN E 2 57.65 29.63 17.06
CA GLN E 2 58.95 30.01 16.52
C GLN E 2 58.79 30.51 15.09
N MET E 3 59.36 31.67 14.79
CA MET E 3 59.16 32.35 13.54
C MET E 3 60.50 32.52 12.85
N MET E 4 60.55 32.21 11.55
CA MET E 4 61.81 32.06 10.84
C MET E 4 61.99 33.15 9.78
N GLN E 5 63.22 33.66 9.69
CA GLN E 5 63.63 34.57 8.63
C GLN E 5 64.98 34.07 8.12
N SER E 6 64.94 33.20 7.11
CA SER E 6 66.16 32.52 6.67
C SER E 6 67.16 33.48 6.06
N THR E 7 66.70 34.40 5.21
CA THR E 7 67.61 35.31 4.51
C THR E 7 68.04 36.40 5.47
N SER E 8 69.25 36.26 6.01
CA SER E 8 69.75 37.22 6.99
C SER E 8 70.21 38.52 6.35
N SER E 9 70.75 38.47 5.13
CA SER E 9 71.28 39.65 4.46
C SER E 9 70.75 39.71 3.03
N LEU E 10 70.60 40.94 2.54
CA LEU E 10 70.12 41.18 1.19
C LEU E 10 70.83 42.40 0.62
N SER E 11 70.88 42.48 -0.71
CA SER E 11 71.50 43.59 -1.39
C SER E 11 70.76 43.87 -2.69
N ALA E 12 70.64 45.14 -3.03
CA ALA E 12 69.99 45.55 -4.26
C ALA E 12 70.41 46.98 -4.60
N SER E 13 70.22 47.34 -5.86
CA SER E 13 70.55 48.67 -6.34
C SER E 13 69.30 49.55 -6.36
N LEU E 14 69.55 50.86 -6.49
CA LEU E 14 68.45 51.82 -6.52
C LEU E 14 67.48 51.50 -7.66
N GLY E 15 66.20 51.44 -7.33
CA GLY E 15 65.17 51.13 -8.29
C GLY E 15 64.81 49.66 -8.41
N ASP E 16 65.54 48.79 -7.72
CA ASP E 16 65.27 47.36 -7.82
C ASP E 16 64.05 46.97 -6.99
N ARG E 17 63.64 45.72 -7.15
CA ARG E 17 62.54 45.14 -6.40
C ARG E 17 63.09 44.15 -5.39
N VAL E 18 62.69 44.31 -4.12
CA VAL E 18 63.23 43.52 -3.02
C VAL E 18 62.10 42.77 -2.35
N THR E 19 62.35 41.51 -2.01
CA THR E 19 61.38 40.67 -1.33
C THR E 19 61.99 40.09 -0.07
N ILE E 20 61.31 40.28 1.06
CA ILE E 20 61.72 39.73 2.35
C ILE E 20 60.63 38.77 2.81
N SER E 21 61.02 37.53 3.10
CA SER E 21 60.07 36.48 3.42
C SER E 21 60.29 35.99 4.84
N CYS E 22 59.18 35.75 5.54
CA CYS E 22 59.20 35.23 6.90
C CYS E 22 58.17 34.11 7.00
N SER E 23 58.53 33.05 7.73
CA SER E 23 57.71 31.86 7.84
C SER E 23 57.49 31.51 9.30
N ALA E 24 56.45 30.73 9.57
CA ALA E 24 56.02 30.43 10.92
C ALA E 24 55.90 28.93 11.12
N SER E 25 55.98 28.53 12.40
CA SER E 25 55.92 27.12 12.75
C SER E 25 54.52 26.54 12.55
N GLN E 26 53.48 27.36 12.67
CA GLN E 26 52.11 26.92 12.53
C GLN E 26 51.29 28.05 11.93
N GLY E 27 49.98 27.82 11.81
CA GLY E 27 49.12 28.83 11.26
C GLY E 27 49.04 30.06 12.14
N ILE E 28 49.08 31.23 11.52
CA ILE E 28 48.97 32.51 12.21
C ILE E 28 47.71 33.26 11.82
N THR E 29 46.90 32.72 10.90
CA THR E 29 45.68 33.34 10.37
C THR E 29 45.82 34.85 10.20
N ASN E 30 46.84 35.22 9.42
CA ASN E 30 47.03 36.59 8.93
C ASN E 30 47.36 37.57 10.06
N TYR E 31 47.79 37.06 11.21
CA TYR E 31 48.10 37.90 12.37
C TYR E 31 49.59 38.16 12.45
N LEU E 32 50.10 38.93 11.50
CA LEU E 32 51.53 39.19 11.42
C LEU E 32 51.79 40.67 11.14
N ASN E 33 52.92 41.15 11.66
CA ASN E 33 53.31 42.55 11.55
C ASN E 33 54.74 42.65 10.98
N TRP E 34 55.06 43.83 10.46
CA TRP E 34 56.39 44.12 9.94
C TRP E 34 56.89 45.43 10.51
N TYR E 35 58.15 45.44 10.96
CA TYR E 35 58.76 46.62 11.57
C TYR E 35 60.09 46.93 10.90
N GLN E 36 60.52 48.17 11.07
CA GLN E 36 61.75 48.67 10.46
C GLN E 36 62.62 49.31 11.55
N GLN E 37 63.91 48.95 11.56
CA GLN E 37 64.86 49.53 12.51
C GLN E 37 66.01 50.15 11.73
N LYS E 38 66.05 51.48 11.69
CA LYS E 38 67.08 52.19 10.98
C LYS E 38 68.41 52.09 11.71
N PRO E 39 69.53 52.35 11.03
CA PRO E 39 70.83 52.30 11.71
C PRO E 39 70.96 53.26 12.87
N ASP E 40 70.23 54.38 12.86
CA ASP E 40 70.29 55.31 13.98
C ASP E 40 69.72 54.72 15.26
N GLY E 41 68.90 53.67 15.16
CA GLY E 41 68.38 52.97 16.31
C GLY E 41 66.87 53.03 16.47
N THR E 42 66.19 53.87 15.70
CA THR E 42 64.74 54.01 15.84
C THR E 42 64.01 52.82 15.22
N VAL E 43 62.87 52.47 15.81
CA VAL E 43 62.02 51.38 15.35
C VAL E 43 60.69 51.96 14.90
N LYS E 44 60.21 51.49 13.75
CA LYS E 44 59.00 52.01 13.14
C LYS E 44 58.12 50.85 12.65
N LEU E 45 56.81 51.09 12.61
CA LEU E 45 55.85 50.12 12.12
C LEU E 45 55.49 50.44 10.68
N LEU E 46 55.57 49.44 9.80
CA LEU E 46 55.32 49.63 8.38
C LEU E 46 53.92 49.17 7.98
N ILE E 47 53.60 47.91 8.21
CA ILE E 47 52.26 47.39 7.96
C ILE E 47 51.79 46.66 9.23
N TYR E 48 50.60 47.01 9.70
CA TYR E 48 50.08 46.53 10.98
C TYR E 48 49.19 45.31 10.82
N TYR E 49 49.18 44.70 9.64
CA TYR E 49 48.46 43.47 9.37
C TYR E 49 49.28 42.71 8.35
N THR E 50 48.69 41.70 7.73
CA THR E 50 49.37 41.04 6.61
C THR E 50 49.55 42.00 5.45
N SER E 51 48.55 42.84 5.19
CA SER E 51 48.60 43.75 4.04
C SER E 51 48.19 45.18 4.35
N SER E 52 47.64 45.47 5.52
CA SER E 52 47.14 46.81 5.81
C SER E 52 48.31 47.77 6.00
N LEU E 53 48.31 48.85 5.23
CA LEU E 53 49.40 49.82 5.26
C LEU E 53 49.18 50.83 6.37
N HIS E 54 50.28 51.26 6.99
CA HIS E 54 50.18 52.24 8.06
C HIS E 54 49.98 53.65 7.48
N SER E 55 49.67 54.59 8.37
CA SER E 55 49.32 55.93 7.93
C SER E 55 50.52 56.66 7.35
N GLY E 56 51.65 56.64 8.04
CA GLY E 56 52.78 57.47 7.67
C GLY E 56 53.74 56.90 6.65
N VAL E 57 53.50 55.70 6.14
CA VAL E 57 54.46 55.05 5.25
C VAL E 57 54.08 55.31 3.79
N PRO E 58 55.05 55.40 2.89
CA PRO E 58 54.73 55.58 1.47
C PRO E 58 54.13 54.32 0.86
N SER E 59 53.58 54.48 -0.34
CA SER E 59 52.92 53.39 -1.05
C SER E 59 53.89 52.35 -1.59
N ARG E 60 55.20 52.59 -1.46
CA ARG E 60 56.19 51.65 -1.95
C ARG E 60 56.04 50.28 -1.28
N PHE E 61 55.81 50.26 0.02
CA PHE E 61 55.76 49.02 0.77
C PHE E 61 54.44 48.29 0.54
N SER E 62 54.52 46.97 0.57
CA SER E 62 53.33 46.13 0.39
C SER E 62 53.62 44.76 0.99
N GLY E 63 52.56 44.09 1.43
CA GLY E 63 52.70 42.79 2.04
C GLY E 63 51.54 41.89 1.67
N SER E 64 51.80 40.58 1.75
CA SER E 64 50.80 39.59 1.38
C SER E 64 51.21 38.25 1.97
N GLY E 65 50.43 37.23 1.67
CA GLY E 65 50.64 35.90 2.22
C GLY E 65 49.42 35.42 2.99
N SER E 66 49.48 34.13 3.35
CA SER E 66 48.42 33.50 4.12
C SER E 66 48.92 32.16 4.63
N GLY E 67 48.46 31.78 5.81
CA GLY E 67 48.82 30.50 6.41
C GLY E 67 50.11 30.60 7.23
N THR E 68 51.17 29.95 6.74
CA THR E 68 52.45 29.94 7.42
C THR E 68 53.53 30.71 6.68
N ASP E 69 53.25 31.22 5.49
CA ASP E 69 54.23 31.92 4.67
C ASP E 69 53.74 33.33 4.39
N TYR E 70 54.59 34.32 4.64
CA TYR E 70 54.25 35.73 4.44
C TYR E 70 55.46 36.43 3.84
N SER E 71 55.23 37.61 3.28
CA SER E 71 56.30 38.30 2.57
C SER E 71 56.06 39.80 2.57
N LEU E 72 57.15 40.56 2.66
CA LEU E 72 57.14 42.00 2.50
C LEU E 72 57.90 42.37 1.25
N THR E 73 57.31 43.22 0.41
CA THR E 73 57.85 43.52 -0.91
C THR E 73 58.08 45.01 -1.05
N ILE E 74 59.24 45.38 -1.58
CA ILE E 74 59.56 46.77 -1.91
C ILE E 74 59.50 46.91 -3.42
N SER E 75 58.57 47.75 -3.90
CA SER E 75 58.33 47.85 -5.34
C SER E 75 59.49 48.55 -6.05
N ASN E 76 59.92 49.69 -5.53
CA ASN E 76 60.97 50.49 -6.18
C ASN E 76 61.85 51.09 -5.09
N LEU E 77 62.99 50.45 -4.83
CA LEU E 77 63.84 50.81 -3.71
C LEU E 77 64.30 52.27 -3.82
N GLU E 78 64.55 52.87 -2.68
CA GLU E 78 64.97 54.26 -2.55
C GLU E 78 66.14 54.35 -1.59
N PRO E 79 66.93 55.43 -1.67
CA PRO E 79 68.11 55.56 -0.79
C PRO E 79 67.79 55.73 0.68
N GLU E 80 66.51 55.72 1.09
CA GLU E 80 66.15 55.77 2.49
C GLU E 80 65.65 54.41 3.01
N ASP E 81 65.89 53.33 2.27
CA ASP E 81 65.41 52.01 2.63
C ASP E 81 66.51 51.11 3.19
N ILE E 82 67.49 51.69 3.88
CA ILE E 82 68.55 50.92 4.51
C ILE E 82 68.19 50.74 5.98
N ALA E 83 67.81 49.51 6.34
CA ALA E 83 67.41 49.21 7.71
C ALA E 83 67.23 47.70 7.85
N THR E 84 66.96 47.28 9.08
CA THR E 84 66.65 45.89 9.41
C THR E 84 65.15 45.73 9.57
N TYR E 85 64.61 44.62 9.07
CA TYR E 85 63.18 44.37 9.05
C TYR E 85 62.85 43.11 9.83
N TYR E 86 61.85 43.19 10.70
CA TYR E 86 61.46 42.07 11.55
C TYR E 86 59.99 41.69 11.31
N CYS E 87 59.70 40.42 11.53
CA CYS E 87 58.33 39.90 11.45
C CYS E 87 57.88 39.47 12.84
N GLN E 88 56.68 39.89 13.22
CA GLN E 88 56.13 39.64 14.54
C GLN E 88 54.69 39.15 14.42
N GLN E 89 54.27 38.31 15.35
CA GLN E 89 52.95 37.70 15.31
C GLN E 89 52.21 37.95 16.63
N TYR E 90 50.88 37.92 16.56
CA TYR E 90 50.02 38.05 17.72
C TYR E 90 48.90 37.00 17.67
N SER E 91 49.27 35.76 17.35
CA SER E 91 48.30 34.66 17.30
C SER E 91 48.31 33.80 18.54
N ASN E 92 49.41 33.76 19.29
CA ASN E 92 49.50 32.92 20.48
C ASN E 92 50.57 33.49 21.39
N LEU E 93 50.26 33.54 22.69
CA LEU E 93 51.20 34.07 23.67
C LEU E 93 52.28 33.05 23.99
N PRO E 94 53.54 33.50 24.14
CA PRO E 94 54.03 34.88 24.02
C PRO E 94 54.21 35.34 22.58
N TRP E 95 54.14 36.65 22.37
CA TRP E 95 54.33 37.21 21.03
C TRP E 95 55.80 37.23 20.68
N THR E 96 56.14 36.74 19.49
CA THR E 96 57.51 36.50 19.09
C THR E 96 57.86 37.32 17.85
N PHE E 97 59.12 37.73 17.78
CA PHE E 97 59.66 38.44 16.64
C PHE E 97 60.49 37.50 15.78
N GLY E 98 60.82 37.96 14.57
CA GLY E 98 61.71 37.23 13.70
C GLY E 98 63.17 37.56 13.94
N GLY E 99 64.05 36.80 13.28
CA GLY E 99 65.47 37.04 13.43
C GLY E 99 65.92 38.37 12.86
N GLY E 100 65.43 38.73 11.69
CA GLY E 100 65.78 40.00 11.08
C GLY E 100 66.53 39.81 9.77
N THR E 101 66.21 40.67 8.80
CA THR E 101 66.90 40.70 7.51
C THR E 101 67.41 42.11 7.27
N LYS E 102 68.68 42.23 6.93
CA LYS E 102 69.33 43.52 6.74
C LYS E 102 69.48 43.81 5.26
N LEU E 103 69.26 45.08 4.89
CA LEU E 103 69.30 45.52 3.50
C LEU E 103 70.41 46.53 3.33
N GLU E 104 71.33 46.25 2.40
CA GLU E 104 72.46 47.13 2.11
C GLU E 104 72.51 47.39 0.61
N ILE E 105 72.70 48.65 0.23
CA ILE E 105 72.66 49.03 -1.17
C ILE E 105 73.89 48.49 -1.89
N LYS E 106 73.67 47.90 -3.05
CA LYS E 106 74.76 47.38 -3.87
C LYS E 106 75.67 48.50 -4.37
#